data_7XBF
#
_entry.id   7XBF
#
_cell.length_a   81.391
_cell.length_b   123.891
_cell.length_c   112.787
_cell.angle_alpha   90.000
_cell.angle_beta   93.261
_cell.angle_gamma   90.000
#
_symmetry.space_group_name_H-M   'P 1 21 1'
#
loop_
_entity.id
_entity.type
_entity.pdbx_description
1 polymer 'Processed angiotensin-converting enzyme 2'
2 polymer 'RshSTT182/200 coronavirus receptor binding domain insert2'
3 non-polymer 2-acetamido-2-deoxy-beta-D-glucopyranose
4 non-polymer 'ZINC ION'
#
loop_
_entity_poly.entity_id
_entity_poly.type
_entity_poly.pdbx_seq_one_letter_code
_entity_poly.pdbx_strand_id
1 'polypeptide(L)'
;QSTIEEQAKTFLDKFNHEAEDLFYQSSLASWNYNTNITEENVQNMNNAGDKWSAFLKEQSTLAQMYPLQEIQNLTVKLQL
QALQQNGSSVLSEDKSKRLNTILNTMSTIYSTGKVCNPDNPQECLLLEPGLNEIMANSLDYNERLWAWESWRSEVGKQLR
PLYEEYVVLKNEMARANHYEDYGDYWRGDYEVNGVDGYDYSRGQLIEDVEHTFEEIKPLYEHLHAYVRAKLMNAYPSYIS
PIGCLPAHLLGDMWGRFWTNLYSLTVPFGQKPNIDVTDAMVDQAWDAQRIFKEAEKFFVSVGLPNMTQGFWENSMLTDPG
NVQKAVCHPTAWDLGKGDFRILMCTKVTMDDFLTAHHEMGHIQYDMAYAAQPFLLRNGANEGFHEAVGEIMSLSAATPKH
LKSIGLLSPDFQEDNETEINFLLKQALTIVGTLPFTYMLEKWRWMVFKGEIPKDQWMKKWWEMKREIVGVVEPVPHDETY
CDPASLFHVSNDYSFIRYYTRTLYQFQFQEALCQAAKHEGPLHKCDISNSTEAGQKLFNMLRLGKSEPWTLALENVVGAK
NMNVRPLLNYFEPLFTWLKDQNKNSFVGWSTDWSPYAD
;
A,C
2 'polypeptide(L)'
;MYRMQLLSCIALSLALVTNSRTSPTTQVVRFPNITNLCPFGEVFNATTFASVYAWNRRRISNCVADYSVLYNTTSFSTFK
CYGVSPTKLNDLCFTNVYADSFVVRGDEVRQIAPGQTGKIADYNYKLPDDFMGCVIAWNSISLDAKVGGNYNYYYRLFRK
SVLKPFERDISTQLYQAGDKPCSVEGPDCYYPLQSYYFQSTNGVGYQPYRVVVLSFELLNAPATVCGPKKSTHLVVNKCV
NF
;
B,D
#
loop_
_chem_comp.id
_chem_comp.type
_chem_comp.name
_chem_comp.formula
NAG D-saccharide, beta linking 2-acetamido-2-deoxy-beta-D-glucopyranose 'C8 H15 N O6'
ZN non-polymer 'ZINC ION' 'Zn 2'
#
# COMPACT_ATOMS: atom_id res chain seq x y z
N SER A 2 17.78 -27.01 -4.32
CA SER A 2 17.36 -27.69 -3.11
C SER A 2 15.83 -27.82 -3.07
N THR A 3 15.33 -28.55 -2.07
CA THR A 3 13.89 -28.75 -1.94
C THR A 3 13.19 -27.45 -1.59
N ILE A 4 11.97 -27.27 -2.12
CA ILE A 4 11.17 -26.11 -1.77
C ILE A 4 10.79 -26.16 -0.29
N GLU A 5 10.65 -27.36 0.27
CA GLU A 5 10.37 -27.49 1.69
C GLU A 5 11.49 -26.88 2.53
N GLU A 6 12.74 -27.17 2.18
CA GLU A 6 13.87 -26.52 2.82
C GLU A 6 13.95 -25.05 2.44
N GLN A 7 13.55 -24.71 1.21
CA GLN A 7 13.47 -23.31 0.81
C GLN A 7 12.43 -22.55 1.62
N ALA A 8 11.33 -23.23 1.99
CA ALA A 8 10.32 -22.61 2.82
C ALA A 8 10.71 -22.59 4.30
N LYS A 9 11.50 -23.57 4.74
CA LYS A 9 11.98 -23.57 6.12
C LYS A 9 12.81 -22.33 6.42
N THR A 10 13.69 -21.95 5.49
CA THR A 10 14.47 -20.74 5.67
C THR A 10 13.62 -19.49 5.47
N PHE A 11 12.52 -19.58 4.72
CA PHE A 11 11.57 -18.46 4.65
C PHE A 11 10.89 -18.26 6.00
N LEU A 12 10.46 -19.35 6.64
CA LEU A 12 9.85 -19.24 7.96
C LEU A 12 10.87 -18.82 9.01
N ASP A 13 12.12 -19.26 8.88
CA ASP A 13 13.15 -18.85 9.82
C ASP A 13 13.38 -17.35 9.77
N LYS A 14 13.37 -16.78 8.56
CA LYS A 14 13.41 -15.32 8.43
C LYS A 14 12.16 -14.68 9.02
N PHE A 15 11.01 -15.30 8.80
CA PHE A 15 9.75 -14.75 9.31
C PHE A 15 9.73 -14.73 10.83
N ASN A 16 10.09 -15.85 11.46
CA ASN A 16 10.01 -15.93 12.93
C ASN A 16 10.94 -14.93 13.59
N HIS A 17 12.16 -14.78 13.07
CA HIS A 17 13.12 -13.87 13.68
C HIS A 17 12.80 -12.41 13.40
N GLU A 18 12.19 -12.10 12.27
CA GLU A 18 11.86 -10.71 11.93
C GLU A 18 10.47 -10.29 12.37
N ALA A 19 9.65 -11.21 12.88
CA ALA A 19 8.29 -10.87 13.27
C ALA A 19 8.14 -10.56 14.75
N GLU A 20 9.05 -11.03 15.60
CA GLU A 20 8.86 -10.90 17.05
C GLU A 20 8.88 -9.44 17.47
N ASP A 21 9.85 -8.66 16.97
CA ASP A 21 9.90 -7.25 17.35
C ASP A 21 8.69 -6.49 16.83
N LEU A 22 8.25 -6.79 15.61
CA LEU A 22 7.08 -6.12 15.07
C LEU A 22 5.84 -6.44 15.88
N PHE A 23 5.64 -7.71 16.25
CA PHE A 23 4.52 -8.08 17.11
C PHE A 23 4.69 -7.53 18.52
N TYR A 24 5.93 -7.47 19.01
CA TYR A 24 6.17 -6.94 20.34
C TYR A 24 5.81 -5.47 20.42
N GLN A 25 6.17 -4.68 19.40
CA GLN A 25 5.82 -3.26 19.41
C GLN A 25 4.32 -3.05 19.42
N SER A 26 3.59 -3.86 18.63
CA SER A 26 2.13 -3.78 18.66
C SER A 26 1.58 -4.17 20.03
N SER A 27 2.13 -5.24 20.62
CA SER A 27 1.67 -5.67 21.93
C SER A 27 1.97 -4.61 22.99
N LEU A 28 3.14 -3.99 22.94
CA LEU A 28 3.47 -2.95 23.91
C LEU A 28 2.51 -1.77 23.79
N ALA A 29 2.25 -1.33 22.56
CA ALA A 29 1.32 -0.22 22.37
C ALA A 29 -0.09 -0.59 22.77
N SER A 30 -0.55 -1.80 22.39
CA SER A 30 -1.87 -2.25 22.79
C SER A 30 -1.98 -2.37 24.30
N TRP A 31 -0.91 -2.81 24.96
CA TRP A 31 -0.89 -2.82 26.41
C TRP A 31 -0.97 -1.41 26.97
N ASN A 32 -0.26 -0.46 26.34
CA ASN A 32 -0.27 0.90 26.85
C ASN A 32 -1.60 1.61 26.59
N TYR A 33 -2.44 1.09 25.70
CA TYR A 33 -3.79 1.64 25.58
C TYR A 33 -4.79 0.91 26.45
N ASN A 34 -4.71 -0.42 26.52
CA ASN A 34 -5.66 -1.16 27.35
C ASN A 34 -5.49 -0.84 28.83
N THR A 35 -4.30 -0.40 29.23
CA THR A 35 -4.08 0.06 30.60
C THR A 35 -4.20 1.57 30.76
N ASN A 36 -4.39 2.30 29.66
CA ASN A 36 -4.38 3.77 29.70
C ASN A 36 -5.14 4.25 28.46
N ILE A 37 -6.39 4.64 28.65
CA ILE A 37 -7.25 5.05 27.54
C ILE A 37 -6.91 6.50 27.19
N THR A 38 -6.28 6.70 26.04
CA THR A 38 -5.88 8.03 25.60
C THR A 38 -5.87 8.06 24.09
N GLU A 39 -6.33 9.18 23.51
CA GLU A 39 -6.33 9.33 22.05
C GLU A 39 -4.92 9.26 21.48
N GLU A 40 -3.91 9.62 22.27
CA GLU A 40 -2.53 9.45 21.83
C GLU A 40 -2.19 7.98 21.66
N ASN A 41 -2.64 7.13 22.59
CA ASN A 41 -2.33 5.71 22.54
C ASN A 41 -3.16 4.96 21.50
N VAL A 42 -4.38 5.43 21.19
CA VAL A 42 -5.18 4.75 20.18
C VAL A 42 -4.52 4.87 18.81
N GLN A 43 -3.88 6.01 18.54
CA GLN A 43 -3.19 6.16 17.27
C GLN A 43 -1.91 5.33 17.26
N ASN A 44 -1.15 5.36 18.35
CA ASN A 44 0.10 4.59 18.41
C ASN A 44 -0.17 3.10 18.34
N MET A 45 -1.20 2.62 19.03
CA MET A 45 -1.54 1.20 18.97
C MET A 45 -2.01 0.80 17.58
N ASN A 46 -2.84 1.63 16.94
CA ASN A 46 -3.34 1.30 15.60
C ASN A 46 -2.22 1.34 14.57
N ASN A 47 -1.28 2.29 14.72
CA ASN A 47 -0.15 2.34 13.80
C ASN A 47 0.69 1.06 13.89
N ALA A 48 0.97 0.60 15.10
CA ALA A 48 1.76 -0.62 15.27
C ALA A 48 0.99 -1.85 14.79
N GLY A 49 -0.34 -1.86 14.94
CA GLY A 49 -1.12 -2.94 14.38
C GLY A 49 -1.11 -2.95 12.87
N ASP A 50 -1.17 -1.75 12.25
CA ASP A 50 -1.11 -1.66 10.80
C ASP A 50 0.22 -2.15 10.26
N LYS A 51 1.32 -1.76 10.92
CA LYS A 51 2.64 -2.27 10.52
C LYS A 51 2.72 -3.77 10.71
N TRP A 52 2.18 -4.28 11.82
CA TRP A 52 2.12 -5.72 12.02
C TRP A 52 1.24 -6.38 10.97
N SER A 53 0.09 -5.77 10.66
CA SER A 53 -0.77 -6.30 9.61
C SER A 53 -0.09 -6.22 8.24
N ALA A 54 0.65 -5.14 8.00
CA ALA A 54 1.37 -5.01 6.74
C ALA A 54 2.43 -6.09 6.60
N PHE A 55 3.15 -6.40 7.69
CA PHE A 55 4.11 -7.48 7.66
C PHE A 55 3.44 -8.81 7.38
N LEU A 56 2.23 -9.01 7.91
CA LEU A 56 1.47 -10.22 7.62
C LEU A 56 1.09 -10.29 6.15
N LYS A 57 0.63 -9.17 5.57
CA LYS A 57 0.19 -9.18 4.18
C LYS A 57 1.34 -9.49 3.24
N GLU A 58 2.48 -8.82 3.41
CA GLU A 58 3.61 -9.04 2.51
C GLU A 58 4.17 -10.44 2.65
N GLN A 59 4.41 -10.89 3.88
CA GLN A 59 4.94 -12.23 4.08
C GLN A 59 3.93 -13.32 3.76
N SER A 60 2.64 -12.99 3.73
CA SER A 60 1.65 -13.95 3.25
C SER A 60 1.79 -14.18 1.75
N THR A 61 1.92 -13.09 0.98
CA THR A 61 2.03 -13.21 -0.47
C THR A 61 3.29 -14.00 -0.86
N LEU A 62 4.40 -13.75 -0.18
CA LEU A 62 5.60 -14.54 -0.42
C LEU A 62 5.38 -16.00 -0.04
N ALA A 63 4.55 -16.26 0.98
CA ALA A 63 4.29 -17.62 1.40
C ALA A 63 3.40 -18.37 0.41
N GLN A 64 2.61 -17.67 -0.40
CA GLN A 64 1.77 -18.35 -1.38
C GLN A 64 2.59 -19.10 -2.41
N MET A 65 3.78 -18.60 -2.73
CA MET A 65 4.61 -19.24 -3.76
C MET A 65 4.99 -20.65 -3.36
N TYR A 66 5.36 -20.86 -2.11
CA TYR A 66 5.75 -22.18 -1.65
C TYR A 66 4.51 -23.07 -1.55
N PRO A 67 4.46 -24.19 -2.27
CA PRO A 67 3.26 -25.03 -2.24
C PRO A 67 3.26 -26.02 -1.08
N LEU A 68 2.10 -26.11 -0.41
CA LEU A 68 1.97 -26.99 0.75
C LEU A 68 2.08 -28.46 0.35
N GLN A 69 1.59 -28.83 -0.83
CA GLN A 69 1.56 -30.23 -1.24
C GLN A 69 2.96 -30.82 -1.33
N GLU A 70 3.99 -29.99 -1.53
CA GLU A 70 5.37 -30.49 -1.57
C GLU A 70 5.92 -30.77 -0.17
N ILE A 71 5.50 -30.00 0.83
CA ILE A 71 6.07 -30.14 2.17
C ILE A 71 5.56 -31.42 2.82
N GLN A 72 6.48 -32.19 3.42
CA GLN A 72 6.14 -33.43 4.10
C GLN A 72 6.34 -33.40 5.60
N ASN A 73 7.10 -32.43 6.12
CA ASN A 73 7.22 -32.22 7.56
C ASN A 73 5.96 -31.50 8.02
N LEU A 74 5.10 -32.21 8.76
CA LEU A 74 3.77 -31.71 9.04
C LEU A 74 3.80 -30.45 9.91
N THR A 75 4.74 -30.38 10.85
CA THR A 75 4.88 -29.17 11.66
C THR A 75 5.21 -27.96 10.79
N VAL A 76 6.04 -28.17 9.75
CA VAL A 76 6.28 -27.11 8.78
C VAL A 76 5.00 -26.77 8.03
N LYS A 77 4.19 -27.80 7.71
CA LYS A 77 2.98 -27.57 6.95
C LYS A 77 2.01 -26.67 7.68
N LEU A 78 1.85 -26.87 9.00
CA LEU A 78 0.95 -26.02 9.77
C LEU A 78 1.42 -24.57 9.77
N GLN A 79 2.73 -24.35 9.93
CA GLN A 79 3.25 -22.98 9.98
C GLN A 79 3.04 -22.28 8.64
N LEU A 80 3.31 -22.97 7.54
CA LEU A 80 3.08 -22.37 6.23
C LEU A 80 1.60 -22.17 5.97
N GLN A 81 0.76 -23.11 6.42
CA GLN A 81 -0.67 -23.03 6.13
C GLN A 81 -1.31 -21.80 6.73
N ALA A 82 -0.97 -21.48 7.98
CA ALA A 82 -1.53 -20.30 8.63
C ALA A 82 -1.07 -19.01 7.94
N LEU A 83 0.22 -18.94 7.58
CA LEU A 83 0.76 -17.73 6.95
C LEU A 83 0.22 -17.54 5.54
N GLN A 84 -0.09 -18.62 4.83
CA GLN A 84 -0.63 -18.51 3.48
C GLN A 84 -2.06 -18.01 3.44
N GLN A 85 -2.80 -18.17 4.54
CA GLN A 85 -4.23 -17.86 4.54
C GLN A 85 -4.45 -16.37 4.29
N ASN A 86 -5.40 -16.05 3.42
CA ASN A 86 -5.85 -14.69 3.22
C ASN A 86 -7.02 -14.43 4.16
N GLY A 87 -6.87 -13.48 5.06
CA GLY A 87 -7.93 -13.14 5.98
C GLY A 87 -8.75 -11.96 5.49
N SER A 88 -8.55 -10.80 6.12
CA SER A 88 -9.18 -9.57 5.64
C SER A 88 -8.56 -9.05 4.35
N SER A 89 -7.48 -9.69 3.87
CA SER A 89 -6.85 -9.27 2.63
C SER A 89 -7.76 -9.48 1.43
N VAL A 90 -8.64 -10.48 1.49
CA VAL A 90 -9.59 -10.69 0.39
C VAL A 90 -10.53 -9.50 0.25
N LEU A 91 -10.78 -8.79 1.34
CA LEU A 91 -11.64 -7.62 1.28
C LEU A 91 -10.96 -6.46 0.57
N SER A 92 -11.76 -5.66 -0.12
CA SER A 92 -11.25 -4.45 -0.73
C SER A 92 -10.99 -3.39 0.35
N GLU A 93 -10.32 -2.31 -0.05
CA GLU A 93 -10.08 -1.21 0.88
C GLU A 93 -11.39 -0.58 1.34
N ASP A 94 -12.41 -0.58 0.47
CA ASP A 94 -13.74 -0.15 0.90
C ASP A 94 -14.31 -1.08 1.97
N LYS A 95 -14.16 -2.39 1.77
CA LYS A 95 -14.73 -3.35 2.71
C LYS A 95 -13.94 -3.40 4.02
N SER A 96 -12.60 -3.41 3.93
CA SER A 96 -11.78 -3.56 5.14
C SER A 96 -11.95 -2.37 6.07
N LYS A 97 -11.99 -1.15 5.52
CA LYS A 97 -12.15 0.04 6.35
C LYS A 97 -13.49 0.03 7.08
N ARG A 98 -14.58 -0.24 6.36
CA ARG A 98 -15.88 -0.27 6.99
C ARG A 98 -15.97 -1.40 8.02
N LEU A 99 -15.40 -2.56 7.71
CA LEU A 99 -15.39 -3.66 8.67
C LEU A 99 -14.66 -3.28 9.96
N ASN A 100 -13.50 -2.61 9.82
CA ASN A 100 -12.76 -2.17 11.00
C ASN A 100 -13.40 -0.96 11.67
N THR A 101 -13.96 -0.04 10.87
CA THR A 101 -14.65 1.11 11.45
C THR A 101 -15.86 0.67 12.27
N ILE A 102 -16.61 -0.31 11.76
CA ILE A 102 -17.73 -0.86 12.52
C ILE A 102 -17.23 -1.56 13.78
N LEU A 103 -16.19 -2.39 13.64
CA LEU A 103 -15.72 -3.20 14.77
C LEU A 103 -15.23 -2.32 15.92
N ASN A 104 -14.50 -1.25 15.62
CA ASN A 104 -14.08 -0.33 16.66
C ASN A 104 -15.26 0.45 17.22
N THR A 105 -16.23 0.81 16.37
CA THR A 105 -17.38 1.58 16.83
C THR A 105 -18.21 0.78 17.82
N MET A 106 -18.45 -0.51 17.53
CA MET A 106 -19.22 -1.34 18.45
C MET A 106 -18.51 -1.48 19.80
N SER A 107 -17.18 -1.64 19.76
CA SER A 107 -16.43 -1.74 21.02
C SER A 107 -16.52 -0.46 21.83
N THR A 108 -16.46 0.70 21.16
CA THR A 108 -16.51 1.97 21.88
C THR A 108 -17.90 2.23 22.46
N ILE A 109 -18.96 1.82 21.76
CA ILE A 109 -20.30 1.97 22.31
C ILE A 109 -20.46 1.10 23.55
N TYR A 110 -20.01 -0.15 23.49
CA TYR A 110 -20.08 -1.04 24.65
C TYR A 110 -19.23 -0.51 25.80
N SER A 111 -18.02 -0.03 25.49
CA SER A 111 -17.13 0.47 26.53
C SER A 111 -17.67 1.76 27.14
N THR A 112 -18.08 2.71 26.31
CA THR A 112 -18.57 4.00 26.76
C THR A 112 -20.07 3.99 27.05
N GLY A 113 -20.68 2.82 27.12
CA GLY A 113 -22.10 2.74 27.42
C GLY A 113 -22.44 3.23 28.80
N LYS A 114 -23.16 4.35 28.87
CA LYS A 114 -23.64 4.91 30.13
C LYS A 114 -25.15 5.04 30.07
N VAL A 115 -25.84 4.55 31.08
CA VAL A 115 -27.28 4.68 31.20
C VAL A 115 -27.58 5.70 32.29
N CYS A 116 -28.27 6.77 31.92
CA CYS A 116 -28.63 7.81 32.87
C CYS A 116 -29.88 7.41 33.64
N ASN A 117 -29.91 7.79 34.91
CA ASN A 117 -31.11 7.60 35.72
C ASN A 117 -32.24 8.43 35.11
N PRO A 118 -33.43 7.87 34.92
CA PRO A 118 -34.52 8.65 34.29
C PRO A 118 -34.81 9.95 35.03
N ASP A 119 -34.72 9.94 36.37
CA ASP A 119 -34.70 11.16 37.15
C ASP A 119 -33.25 11.58 37.38
N ASN A 120 -33.00 12.89 37.34
CA ASN A 120 -31.64 13.44 37.41
C ASN A 120 -30.80 12.87 36.28
N PRO A 121 -31.02 13.30 35.04
CA PRO A 121 -30.30 12.70 33.90
C PRO A 121 -28.79 12.87 33.96
N GLN A 122 -28.28 13.84 34.71
CA GLN A 122 -26.83 14.00 34.83
C GLN A 122 -26.18 12.79 35.49
N GLU A 123 -26.89 12.14 36.42
CA GLU A 123 -26.40 10.93 37.05
C GLU A 123 -26.44 9.79 36.03
N CYS A 124 -25.27 9.27 35.67
CA CYS A 124 -25.17 8.17 34.72
C CYS A 124 -24.40 7.02 35.35
N LEU A 125 -24.88 5.80 35.11
CA LEU A 125 -24.27 4.58 35.63
C LEU A 125 -23.66 3.79 34.48
N LEU A 126 -22.38 3.46 34.61
CA LEU A 126 -21.64 2.73 33.59
C LEU A 126 -21.64 1.25 33.93
N LEU A 127 -21.62 0.41 32.88
CA LEU A 127 -21.82 -1.03 33.07
C LEU A 127 -20.72 -1.67 33.93
N GLU A 128 -19.47 -1.21 33.77
CA GLU A 128 -18.41 -1.88 34.50
C GLU A 128 -18.40 -1.50 35.98
N PRO A 129 -18.29 -0.22 36.36
CA PRO A 129 -18.28 0.11 37.80
C PRO A 129 -19.64 -0.14 38.44
N GLY A 130 -20.69 0.44 37.87
CA GLY A 130 -22.04 0.26 38.35
C GLY A 130 -22.87 -0.58 37.40
N LEU A 131 -24.17 -0.63 37.69
CA LEU A 131 -25.16 -1.22 36.79
C LEU A 131 -24.91 -2.72 36.62
N ASN A 132 -23.80 -3.21 37.17
CA ASN A 132 -23.52 -4.62 37.35
C ASN A 132 -23.67 -5.01 38.81
N GLU A 133 -23.23 -4.13 39.71
CA GLU A 133 -23.60 -4.26 41.12
C GLU A 133 -25.11 -4.24 41.28
N ILE A 134 -25.80 -3.40 40.50
CA ILE A 134 -27.26 -3.41 40.49
C ILE A 134 -27.77 -4.75 39.97
N MET A 135 -27.14 -5.29 38.93
CA MET A 135 -27.59 -6.54 38.35
C MET A 135 -27.04 -7.77 39.08
N ALA A 136 -26.21 -7.59 40.11
CA ALA A 136 -25.66 -8.73 40.84
C ALA A 136 -25.87 -8.66 42.35
N ASN A 137 -26.34 -7.54 42.90
CA ASN A 137 -26.55 -7.43 44.33
C ASN A 137 -27.96 -6.97 44.71
N SER A 138 -28.74 -6.46 43.76
CA SER A 138 -30.05 -5.90 44.06
C SER A 138 -31.13 -6.98 44.03
N LEU A 139 -32.06 -6.90 44.99
CA LEU A 139 -33.22 -7.77 45.03
C LEU A 139 -34.50 -7.03 44.67
N ASP A 140 -34.40 -5.78 44.21
CA ASP A 140 -35.54 -5.02 43.74
C ASP A 140 -35.86 -5.39 42.30
N TYR A 141 -37.08 -5.89 42.06
CA TYR A 141 -37.46 -6.29 40.71
C TYR A 141 -37.40 -5.11 39.75
N ASN A 142 -37.75 -3.92 40.23
CA ASN A 142 -37.75 -2.75 39.36
C ASN A 142 -36.33 -2.26 39.09
N GLU A 143 -35.46 -2.28 40.10
CA GLU A 143 -34.08 -1.85 39.88
C GLU A 143 -33.37 -2.77 38.89
N ARG A 144 -33.57 -4.09 39.03
CA ARG A 144 -33.00 -5.02 38.06
C ARG A 144 -33.64 -4.84 36.68
N LEU A 145 -34.95 -4.59 36.64
CA LEU A 145 -35.62 -4.39 35.36
C LEU A 145 -35.08 -3.15 34.65
N TRP A 146 -34.85 -2.07 35.40
CA TRP A 146 -34.34 -0.84 34.80
C TRP A 146 -32.96 -1.03 34.21
N ALA A 147 -32.05 -1.64 34.97
CA ALA A 147 -30.69 -1.83 34.47
C ALA A 147 -30.66 -2.81 33.30
N TRP A 148 -31.49 -3.85 33.35
CA TRP A 148 -31.52 -4.84 32.27
C TRP A 148 -32.10 -4.24 30.99
N GLU A 149 -33.21 -3.51 31.11
CA GLU A 149 -33.85 -2.96 29.92
C GLU A 149 -33.09 -1.76 29.35
N SER A 150 -32.61 -0.87 30.22
CA SER A 150 -31.95 0.34 29.75
C SER A 150 -30.68 0.01 28.97
N TRP A 151 -29.88 -0.93 29.48
CA TRP A 151 -28.66 -1.31 28.77
C TRP A 151 -28.98 -1.91 27.40
N ARG A 152 -29.96 -2.82 27.36
CA ARG A 152 -30.28 -3.47 26.10
C ARG A 152 -31.05 -2.58 25.14
N SER A 153 -31.49 -1.40 25.58
CA SER A 153 -32.20 -0.46 24.73
C SER A 153 -31.33 0.75 24.36
N GLU A 154 -30.81 1.47 25.37
CA GLU A 154 -30.02 2.66 25.08
C GLU A 154 -28.67 2.32 24.45
N VAL A 155 -28.10 1.18 24.81
CA VAL A 155 -26.83 0.74 24.23
C VAL A 155 -27.04 -0.31 23.14
N GLY A 156 -27.95 -1.26 23.37
CA GLY A 156 -28.13 -2.34 22.41
C GLY A 156 -28.72 -1.88 21.09
N LYS A 157 -29.70 -0.98 21.13
CA LYS A 157 -30.36 -0.55 19.90
C LYS A 157 -29.39 0.15 18.96
N GLN A 158 -28.49 0.97 19.51
CA GLN A 158 -27.50 1.63 18.69
C GLN A 158 -26.55 0.65 18.02
N LEU A 159 -26.39 -0.55 18.58
CA LEU A 159 -25.56 -1.58 17.97
C LEU A 159 -26.30 -2.41 16.94
N ARG A 160 -27.61 -2.25 16.81
CA ARG A 160 -28.37 -3.00 15.81
C ARG A 160 -27.97 -2.66 14.38
N PRO A 161 -27.90 -1.39 13.96
CA PRO A 161 -27.49 -1.11 12.57
C PRO A 161 -26.06 -1.54 12.28
N LEU A 162 -25.15 -1.41 13.26
CA LEU A 162 -23.76 -1.77 13.03
C LEU A 162 -23.58 -3.28 12.91
N TYR A 163 -24.38 -4.06 13.66
CA TYR A 163 -24.22 -5.51 13.62
C TYR A 163 -24.70 -6.10 12.30
N GLU A 164 -25.73 -5.50 11.69
CA GLU A 164 -26.24 -6.01 10.42
C GLU A 164 -25.17 -5.91 9.34
N GLU A 165 -24.49 -4.77 9.25
CA GLU A 165 -23.41 -4.62 8.28
C GLU A 165 -22.18 -5.42 8.71
N TYR A 166 -22.01 -5.65 10.01
CA TYR A 166 -20.92 -6.50 10.48
C TYR A 166 -21.08 -7.93 9.96
N VAL A 167 -22.30 -8.45 9.97
CA VAL A 167 -22.53 -9.82 9.52
C VAL A 167 -22.25 -9.95 8.04
N VAL A 168 -22.77 -9.00 7.24
CA VAL A 168 -22.67 -9.14 5.79
C VAL A 168 -21.22 -8.96 5.32
N LEU A 169 -20.47 -8.07 5.95
CA LEU A 169 -19.07 -7.88 5.55
C LEU A 169 -18.21 -9.03 6.04
N LYS A 170 -18.43 -9.49 7.27
CA LYS A 170 -17.67 -10.64 7.78
C LYS A 170 -17.99 -11.91 6.99
N ASN A 171 -19.26 -12.11 6.63
CA ASN A 171 -19.62 -13.26 5.81
C ASN A 171 -18.92 -13.22 4.47
N GLU A 172 -18.86 -12.05 3.84
CA GLU A 172 -18.15 -11.93 2.57
C GLU A 172 -16.69 -12.30 2.72
N MET A 173 -16.08 -11.95 3.85
CA MET A 173 -14.69 -12.33 4.10
C MET A 173 -14.54 -13.85 4.19
N ALA A 174 -15.41 -14.49 4.97
CA ALA A 174 -15.31 -15.94 5.15
C ALA A 174 -15.70 -16.67 3.86
N ARG A 175 -16.77 -16.21 3.19
CA ARG A 175 -17.20 -16.87 1.96
C ARG A 175 -16.13 -16.79 0.88
N ALA A 176 -15.42 -15.65 0.81
CA ALA A 176 -14.34 -15.52 -0.16
C ALA A 176 -13.23 -16.53 0.11
N ASN A 177 -12.86 -16.71 1.38
CA ASN A 177 -11.73 -17.57 1.74
C ASN A 177 -12.16 -19.01 2.01
N HIS A 178 -12.93 -19.58 1.07
CA HIS A 178 -13.28 -21.01 1.07
C HIS A 178 -14.02 -21.44 2.33
N TYR A 179 -14.93 -20.61 2.82
CA TYR A 179 -15.78 -20.97 3.95
C TYR A 179 -17.25 -20.70 3.61
N GLU A 180 -18.14 -21.39 4.31
CA GLU A 180 -19.57 -21.22 4.06
C GLU A 180 -20.08 -19.89 4.60
N ASP A 181 -19.68 -19.53 5.82
CA ASP A 181 -20.10 -18.28 6.45
C ASP A 181 -19.07 -17.92 7.51
N TYR A 182 -19.26 -16.77 8.15
CA TYR A 182 -18.34 -16.37 9.21
C TYR A 182 -18.32 -17.36 10.35
N GLY A 183 -19.44 -18.06 10.57
CA GLY A 183 -19.45 -19.12 11.57
C GLY A 183 -18.50 -20.25 11.24
N ASP A 184 -18.36 -20.58 9.96
CA ASP A 184 -17.41 -21.60 9.55
C ASP A 184 -15.97 -21.15 9.76
N TYR A 185 -15.71 -19.84 9.63
CA TYR A 185 -14.37 -19.33 9.90
C TYR A 185 -14.00 -19.57 11.36
N TRP A 186 -14.93 -19.34 12.28
CA TRP A 186 -14.70 -19.66 13.68
C TRP A 186 -14.67 -21.16 13.91
N ARG A 187 -15.53 -21.90 13.19
CA ARG A 187 -15.65 -23.34 13.41
C ARG A 187 -14.42 -24.12 12.96
N GLY A 188 -13.60 -23.54 12.07
CA GLY A 188 -12.42 -24.22 11.62
C GLY A 188 -11.36 -24.43 12.68
N ASP A 189 -11.47 -23.74 13.81
CA ASP A 189 -10.45 -23.84 14.85
C ASP A 189 -10.35 -25.26 15.40
N TYR A 190 -11.42 -26.03 15.31
CA TYR A 190 -11.46 -27.38 15.86
C TYR A 190 -11.19 -28.46 14.81
N GLU A 191 -10.72 -28.08 13.62
CA GLU A 191 -10.61 -28.99 12.49
C GLU A 191 -9.21 -29.57 12.38
N VAL A 192 -9.12 -30.89 12.25
CA VAL A 192 -7.90 -31.60 11.91
C VAL A 192 -8.18 -32.39 10.64
N ASN A 193 -7.28 -32.27 9.65
CA ASN A 193 -7.53 -32.91 8.36
C ASN A 193 -6.29 -33.59 7.78
N GLY A 194 -5.33 -33.99 8.63
CA GLY A 194 -4.11 -34.58 8.11
C GLY A 194 -3.73 -35.94 8.64
N VAL A 195 -4.25 -36.30 9.82
CA VAL A 195 -3.83 -37.51 10.52
C VAL A 195 -5.02 -38.46 10.64
N ASP A 196 -4.84 -39.68 10.17
CA ASP A 196 -5.90 -40.68 10.23
C ASP A 196 -6.27 -40.99 11.68
N GLY A 197 -7.57 -41.17 11.92
CA GLY A 197 -8.08 -41.42 13.25
C GLY A 197 -8.20 -40.20 14.14
N TYR A 198 -7.42 -39.15 13.87
CA TYR A 198 -7.45 -37.92 14.66
C TYR A 198 -8.01 -36.74 13.87
N ASP A 199 -8.67 -37.02 12.74
CA ASP A 199 -9.21 -35.95 11.91
C ASP A 199 -10.50 -35.40 12.50
N TYR A 200 -10.89 -34.23 11.99
CA TYR A 200 -12.10 -33.53 12.45
C TYR A 200 -12.62 -32.68 11.31
N SER A 201 -13.83 -32.15 11.49
CA SER A 201 -14.47 -31.34 10.45
C SER A 201 -15.13 -30.13 11.10
N ARG A 202 -15.59 -29.21 10.24
CA ARG A 202 -16.26 -28.00 10.74
C ARG A 202 -17.58 -28.35 11.41
N GLY A 203 -18.33 -29.29 10.84
CA GLY A 203 -19.65 -29.62 11.33
C GLY A 203 -19.67 -30.66 12.42
N GLN A 204 -18.57 -31.41 12.60
CA GLN A 204 -18.52 -32.38 13.68
C GLN A 204 -18.61 -31.70 15.04
N LEU A 205 -18.14 -30.46 15.14
CA LEU A 205 -18.34 -29.69 16.36
C LEU A 205 -19.83 -29.42 16.58
N ILE A 206 -20.56 -29.05 15.52
CA ILE A 206 -21.95 -28.67 15.68
C ILE A 206 -22.82 -29.86 16.05
N GLU A 207 -22.42 -31.07 15.67
CA GLU A 207 -23.19 -32.26 16.04
C GLU A 207 -22.78 -32.82 17.39
N ASP A 208 -21.49 -32.77 17.72
CA ASP A 208 -21.04 -33.24 19.03
C ASP A 208 -21.56 -32.33 20.14
N VAL A 209 -21.60 -31.02 19.90
CA VAL A 209 -22.11 -30.09 20.90
C VAL A 209 -23.56 -30.41 21.24
N GLU A 210 -24.38 -30.63 20.22
CA GLU A 210 -25.79 -30.92 20.46
C GLU A 210 -25.99 -32.28 21.12
N HIS A 211 -25.19 -33.27 20.73
CA HIS A 211 -25.26 -34.58 21.38
C HIS A 211 -24.84 -34.49 22.85
N THR A 212 -23.78 -33.73 23.13
CA THR A 212 -23.33 -33.59 24.50
C THR A 212 -24.28 -32.74 25.32
N PHE A 213 -24.86 -31.69 24.71
CA PHE A 213 -25.81 -30.85 25.44
C PHE A 213 -27.09 -31.60 25.80
N GLU A 214 -27.44 -32.62 25.00
CA GLU A 214 -28.64 -33.38 25.30
C GLU A 214 -28.55 -34.08 26.65
N GLU A 215 -27.34 -34.47 27.06
CA GLU A 215 -27.13 -35.11 28.35
C GLU A 215 -26.86 -34.10 29.47
N ILE A 216 -26.73 -32.81 29.14
CA ILE A 216 -26.67 -31.77 30.17
C ILE A 216 -28.06 -31.23 30.48
N LYS A 217 -29.02 -31.36 29.57
CA LYS A 217 -30.36 -30.84 29.81
C LYS A 217 -31.02 -31.40 31.07
N PRO A 218 -30.99 -32.71 31.36
CA PRO A 218 -31.64 -33.19 32.60
C PRO A 218 -31.07 -32.55 33.85
N LEU A 219 -29.74 -32.39 33.93
CA LEU A 219 -29.15 -31.74 35.09
C LEU A 219 -29.56 -30.28 35.16
N TYR A 220 -29.62 -29.62 34.00
CA TYR A 220 -30.03 -28.22 33.97
C TYR A 220 -31.48 -28.05 34.41
N GLU A 221 -32.35 -29.00 34.04
CA GLU A 221 -33.76 -28.88 34.38
C GLU A 221 -33.98 -28.82 35.89
N HIS A 222 -33.32 -29.72 36.63
CA HIS A 222 -33.49 -29.73 38.08
C HIS A 222 -32.76 -28.57 38.75
N LEU A 223 -31.63 -28.14 38.19
CA LEU A 223 -31.03 -26.89 38.64
C LEU A 223 -31.95 -25.72 38.38
N HIS A 224 -32.60 -25.72 37.20
CA HIS A 224 -33.54 -24.65 36.89
C HIS A 224 -34.69 -24.64 37.89
N ALA A 225 -35.29 -25.81 38.15
CA ALA A 225 -36.43 -25.90 39.05
C ALA A 225 -36.06 -25.50 40.47
N TYR A 226 -34.91 -25.96 40.95
CA TYR A 226 -34.46 -25.60 42.29
C TYR A 226 -34.18 -24.11 42.39
N VAL A 227 -33.53 -23.53 41.37
CA VAL A 227 -33.33 -22.09 41.36
C VAL A 227 -34.66 -21.36 41.24
N ARG A 228 -35.55 -21.85 40.35
CA ARG A 228 -36.84 -21.19 40.16
C ARG A 228 -37.62 -21.09 41.46
N ALA A 229 -37.70 -22.20 42.20
CA ALA A 229 -38.43 -22.18 43.47
C ALA A 229 -37.78 -21.23 44.46
N LYS A 230 -36.44 -21.26 44.56
CA LYS A 230 -35.77 -20.41 45.52
C LYS A 230 -35.71 -18.95 45.08
N LEU A 231 -35.79 -18.68 43.77
CA LEU A 231 -35.98 -17.30 43.31
C LEU A 231 -37.40 -16.83 43.51
N MET A 232 -38.36 -17.75 43.53
CA MET A 232 -39.75 -17.38 43.74
C MET A 232 -39.94 -16.75 45.12
N ASN A 233 -39.24 -17.26 46.13
CA ASN A 233 -39.31 -16.66 47.45
C ASN A 233 -38.60 -15.30 47.47
N ALA A 234 -37.46 -15.19 46.79
CA ALA A 234 -36.71 -13.94 46.80
C ALA A 234 -37.48 -12.84 46.08
N TYR A 235 -38.20 -13.17 45.01
CA TYR A 235 -38.98 -12.20 44.24
C TYR A 235 -40.42 -12.68 44.21
N PRO A 236 -41.17 -12.47 45.29
CA PRO A 236 -42.56 -12.95 45.32
C PRO A 236 -43.43 -12.24 44.29
N SER A 237 -44.40 -12.98 43.77
CA SER A 237 -45.43 -12.49 42.84
C SER A 237 -44.86 -12.07 41.50
N TYR A 238 -43.63 -12.45 41.18
CA TYR A 238 -43.01 -12.09 39.91
C TYR A 238 -42.56 -13.27 39.06
N ILE A 239 -42.46 -14.46 39.62
CA ILE A 239 -42.00 -15.64 38.90
C ILE A 239 -43.09 -16.70 38.93
N SER A 240 -43.29 -17.35 37.79
CA SER A 240 -44.30 -18.41 37.75
C SER A 240 -43.67 -19.75 38.16
N PRO A 241 -44.38 -20.53 38.98
CA PRO A 241 -43.90 -21.88 39.31
C PRO A 241 -43.90 -22.84 38.13
N ILE A 242 -44.54 -22.47 37.03
CA ILE A 242 -44.48 -23.27 35.81
C ILE A 242 -43.67 -22.57 34.72
N GLY A 243 -43.59 -21.25 34.72
CA GLY A 243 -43.00 -20.51 33.62
C GLY A 243 -41.48 -20.46 33.68
N CYS A 244 -40.93 -19.61 32.81
CA CYS A 244 -39.49 -19.42 32.72
C CYS A 244 -39.01 -18.46 33.81
N LEU A 245 -37.71 -18.17 33.79
CA LEU A 245 -37.07 -17.26 34.72
C LEU A 245 -36.87 -15.90 34.07
N PRO A 246 -37.37 -14.82 34.67
CA PRO A 246 -37.08 -13.49 34.10
C PRO A 246 -35.59 -13.23 34.03
N ALA A 247 -35.17 -12.60 32.94
CA ALA A 247 -33.74 -12.47 32.65
C ALA A 247 -33.03 -11.63 33.70
N HIS A 248 -33.64 -10.53 34.14
CA HIS A 248 -32.98 -9.62 35.06
C HIS A 248 -32.83 -10.21 36.46
N LEU A 249 -33.57 -11.27 36.79
CA LEU A 249 -33.47 -11.88 38.11
C LEU A 249 -32.33 -12.89 38.21
N LEU A 250 -31.59 -13.12 37.13
CA LEU A 250 -30.48 -14.06 37.15
C LEU A 250 -29.25 -13.39 37.76
N GLY A 251 -28.11 -14.08 37.69
CA GLY A 251 -26.92 -13.60 38.40
C GLY A 251 -26.38 -12.29 37.85
N ASP A 252 -26.27 -12.17 36.54
CA ASP A 252 -25.58 -11.04 35.93
C ASP A 252 -26.48 -10.37 34.89
N MET A 253 -25.89 -9.46 34.11
CA MET A 253 -26.64 -8.65 33.16
C MET A 253 -27.30 -9.49 32.07
N TRP A 254 -26.74 -10.65 31.74
CA TRP A 254 -27.22 -11.42 30.61
C TRP A 254 -27.74 -12.81 30.98
N GLY A 255 -27.51 -13.26 32.21
CA GLY A 255 -27.81 -14.63 32.56
C GLY A 255 -26.70 -15.61 32.23
N ARG A 256 -25.51 -15.12 31.88
CA ARG A 256 -24.39 -16.00 31.54
C ARG A 256 -23.98 -16.87 32.73
N PHE A 257 -23.81 -16.26 33.90
CA PHE A 257 -23.39 -16.96 35.09
C PHE A 257 -24.45 -16.81 36.17
N TRP A 258 -24.82 -17.92 36.81
CA TRP A 258 -25.76 -17.92 37.92
C TRP A 258 -25.07 -17.87 39.27
N THR A 259 -23.80 -17.44 39.30
CA THR A 259 -23.02 -17.52 40.53
C THR A 259 -23.62 -16.64 41.62
N ASN A 260 -24.03 -15.43 41.28
CA ASN A 260 -24.54 -14.50 42.28
C ASN A 260 -25.85 -14.96 42.91
N LEU A 261 -26.52 -15.93 42.30
CA LEU A 261 -27.76 -16.47 42.87
C LEU A 261 -27.50 -17.39 44.06
N TYR A 262 -26.24 -17.70 44.36
CA TYR A 262 -25.93 -18.63 45.44
C TYR A 262 -26.49 -18.16 46.78
N SER A 263 -26.48 -16.85 47.02
CA SER A 263 -27.01 -16.33 48.28
C SER A 263 -28.48 -16.70 48.45
N LEU A 264 -29.27 -16.57 47.39
CA LEU A 264 -30.69 -16.88 47.46
C LEU A 264 -30.94 -18.39 47.44
N THR A 265 -30.13 -19.14 46.70
CA THR A 265 -30.36 -20.56 46.47
C THR A 265 -29.45 -21.47 47.29
N VAL A 266 -28.73 -20.93 48.26
CA VAL A 266 -27.83 -21.79 49.05
C VAL A 266 -28.65 -22.86 49.76
N PRO A 267 -28.30 -24.14 49.64
CA PRO A 267 -29.10 -25.19 50.27
C PRO A 267 -29.10 -25.11 51.79
N PHE A 268 -27.91 -25.13 52.38
CA PHE A 268 -27.74 -25.14 53.82
C PHE A 268 -26.97 -23.88 54.21
N GLY A 269 -27.68 -22.88 54.70
CA GLY A 269 -27.05 -21.62 55.06
C GLY A 269 -26.14 -21.73 56.27
N GLN A 270 -26.53 -22.53 57.26
CA GLN A 270 -25.80 -22.54 58.53
C GLN A 270 -24.42 -23.16 58.41
N LYS A 271 -24.20 -24.04 57.43
CA LYS A 271 -22.88 -24.58 57.21
C LYS A 271 -21.93 -23.46 56.76
N PRO A 272 -20.65 -23.55 57.12
CA PRO A 272 -19.72 -22.45 56.80
C PRO A 272 -19.68 -22.17 55.31
N ASN A 273 -19.56 -20.89 54.96
CA ASN A 273 -19.74 -20.47 53.57
C ASN A 273 -18.60 -21.00 52.69
N ILE A 274 -18.98 -21.66 51.60
CA ILE A 274 -18.02 -21.97 50.56
C ILE A 274 -17.65 -20.73 49.78
N ASP A 275 -18.52 -19.72 49.76
CA ASP A 275 -18.21 -18.43 49.17
C ASP A 275 -17.35 -17.67 50.17
N VAL A 276 -16.04 -17.73 49.99
CA VAL A 276 -15.09 -17.18 50.94
C VAL A 276 -14.91 -15.69 50.73
N THR A 277 -15.77 -15.09 49.90
CA THR A 277 -15.68 -13.65 49.65
C THR A 277 -15.70 -12.86 50.95
N ASP A 278 -16.61 -13.19 51.86
CA ASP A 278 -16.64 -12.54 53.16
C ASP A 278 -15.35 -12.80 53.92
N ALA A 279 -14.84 -14.03 53.88
CA ALA A 279 -13.65 -14.36 54.65
C ALA A 279 -12.42 -13.60 54.15
N MET A 280 -12.29 -13.43 52.83
CA MET A 280 -11.15 -12.70 52.29
C MET A 280 -11.13 -11.26 52.79
N VAL A 281 -12.29 -10.58 52.72
CA VAL A 281 -12.34 -9.18 53.11
C VAL A 281 -12.08 -9.04 54.60
N ASP A 282 -12.65 -9.92 55.41
CA ASP A 282 -12.47 -9.85 56.85
C ASP A 282 -11.06 -10.17 57.30
N GLN A 283 -10.26 -10.84 56.46
CA GLN A 283 -8.87 -11.15 56.77
C GLN A 283 -7.89 -10.19 56.10
N ALA A 284 -8.40 -9.11 55.49
CA ALA A 284 -7.58 -8.12 54.80
C ALA A 284 -6.74 -8.75 53.69
N TRP A 285 -7.36 -9.64 52.91
CA TRP A 285 -6.71 -10.16 51.73
C TRP A 285 -6.56 -9.07 50.68
N ASP A 286 -5.37 -8.98 50.10
CA ASP A 286 -5.04 -7.97 49.10
C ASP A 286 -5.16 -8.57 47.70
N ALA A 287 -5.15 -7.69 46.70
CA ALA A 287 -5.05 -8.17 45.33
C ALA A 287 -3.78 -8.96 45.11
N GLN A 288 -2.67 -8.51 45.71
CA GLN A 288 -1.40 -9.22 45.57
C GLN A 288 -1.48 -10.63 46.12
N ARG A 289 -2.11 -10.80 47.30
CA ARG A 289 -2.21 -12.14 47.88
C ARG A 289 -2.95 -13.09 46.97
N ILE A 290 -4.00 -12.62 46.30
CA ILE A 290 -4.78 -13.48 45.42
C ILE A 290 -3.90 -14.03 44.30
N PHE A 291 -3.12 -13.16 43.65
CA PHE A 291 -2.24 -13.62 42.59
C PHE A 291 -1.02 -14.36 43.15
N LYS A 292 -0.59 -14.01 44.36
CA LYS A 292 0.52 -14.74 44.97
C LYS A 292 0.10 -16.14 45.40
N GLU A 293 -1.12 -16.27 45.97
CA GLU A 293 -1.61 -17.59 46.34
C GLU A 293 -1.82 -18.47 45.11
N ALA A 294 -2.33 -17.87 44.03
CA ALA A 294 -2.46 -18.61 42.77
C ALA A 294 -1.09 -19.00 42.23
N GLU A 295 -0.08 -18.16 42.45
CA GLU A 295 1.28 -18.52 42.05
C GLU A 295 1.77 -19.76 42.79
N LYS A 296 1.54 -19.82 44.11
CA LYS A 296 2.00 -20.96 44.89
C LYS A 296 1.30 -22.25 44.47
N PHE A 297 0.06 -22.15 43.99
CA PHE A 297 -0.64 -23.35 43.52
C PHE A 297 0.07 -23.96 42.33
N PHE A 298 0.41 -23.14 41.33
CA PHE A 298 1.14 -23.66 40.18
C PHE A 298 2.54 -24.12 40.55
N VAL A 299 3.17 -23.44 41.52
CA VAL A 299 4.50 -23.86 41.97
C VAL A 299 4.44 -25.24 42.61
N SER A 300 3.39 -25.51 43.39
CA SER A 300 3.30 -26.76 44.11
C SER A 300 3.21 -27.96 43.17
N VAL A 301 2.59 -27.79 42.00
CA VAL A 301 2.45 -28.89 41.06
C VAL A 301 3.67 -28.94 40.14
N GLY A 302 4.67 -28.11 40.41
CA GLY A 302 5.92 -28.13 39.69
C GLY A 302 6.09 -27.08 38.61
N LEU A 303 5.02 -26.39 38.24
CA LEU A 303 5.11 -25.38 37.21
C LEU A 303 5.89 -24.16 37.72
N PRO A 304 6.49 -23.38 36.82
CA PRO A 304 7.43 -22.34 37.25
C PRO A 304 6.75 -21.18 37.94
N ASN A 305 7.56 -20.43 38.70
CA ASN A 305 7.17 -19.15 39.24
C ASN A 305 6.73 -18.21 38.11
N MET A 306 5.98 -17.18 38.48
CA MET A 306 5.74 -16.09 37.56
C MET A 306 7.04 -15.30 37.34
N THR A 307 7.28 -14.91 36.09
CA THR A 307 8.48 -14.16 35.77
C THR A 307 8.46 -12.80 36.45
N GLN A 308 9.65 -12.21 36.62
CA GLN A 308 9.71 -10.89 37.24
C GLN A 308 9.02 -9.84 36.39
N GLY A 309 9.00 -10.03 35.07
CA GLY A 309 8.23 -9.14 34.22
C GLY A 309 6.76 -9.20 34.50
N PHE A 310 6.27 -10.34 34.99
CA PHE A 310 4.88 -10.45 35.42
C PHE A 310 4.60 -9.55 36.62
N TRP A 311 5.40 -9.68 37.68
CA TRP A 311 5.12 -8.93 38.90
C TRP A 311 5.45 -7.45 38.72
N GLU A 312 6.48 -7.13 37.94
CA GLU A 312 6.86 -5.73 37.74
C GLU A 312 5.86 -5.01 36.84
N ASN A 313 5.47 -5.64 35.74
CA ASN A 313 4.78 -4.93 34.66
C ASN A 313 3.27 -5.14 34.63
N SER A 314 2.74 -6.17 35.30
CA SER A 314 1.31 -6.42 35.20
C SER A 314 0.52 -5.36 35.98
N MET A 315 -0.78 -5.31 35.69
CA MET A 315 -1.71 -4.40 36.34
C MET A 315 -2.78 -5.25 37.02
N LEU A 316 -2.73 -5.33 38.35
CA LEU A 316 -3.62 -6.19 39.11
C LEU A 316 -4.66 -5.41 39.92
N THR A 317 -4.71 -4.09 39.78
CA THR A 317 -5.73 -3.28 40.45
C THR A 317 -6.25 -2.24 39.47
N ASP A 318 -7.40 -1.67 39.79
CA ASP A 318 -7.87 -0.54 39.02
C ASP A 318 -6.90 0.62 39.21
N PRO A 319 -6.36 1.19 38.14
CA PRO A 319 -5.36 2.26 38.31
C PRO A 319 -5.90 3.49 39.00
N GLY A 320 -7.22 3.67 39.03
CA GLY A 320 -7.85 4.81 39.66
C GLY A 320 -8.56 5.69 38.64
N ASN A 321 -9.24 6.70 39.18
CA ASN A 321 -9.91 7.67 38.34
C ASN A 321 -8.95 8.59 37.61
N VAL A 322 -7.66 8.56 37.98
CA VAL A 322 -6.67 9.40 37.30
C VAL A 322 -6.51 8.98 35.84
N GLN A 323 -6.42 7.67 35.58
CA GLN A 323 -6.29 7.15 34.23
C GLN A 323 -7.26 5.99 34.02
N LYS A 324 -7.91 5.97 32.87
CA LYS A 324 -8.85 4.91 32.54
C LYS A 324 -8.10 3.65 32.10
N ALA A 325 -8.80 2.52 32.14
CA ALA A 325 -8.19 1.26 31.75
C ALA A 325 -9.26 0.29 31.29
N VAL A 326 -8.84 -0.71 30.52
CA VAL A 326 -9.70 -1.80 30.09
C VAL A 326 -9.64 -2.86 31.18
N CYS A 327 -10.68 -2.92 32.01
CA CYS A 327 -10.67 -3.80 33.18
C CYS A 327 -11.34 -5.14 32.91
N HIS A 328 -11.43 -5.53 31.66
CA HIS A 328 -11.79 -6.91 31.33
C HIS A 328 -10.59 -7.82 31.61
N PRO A 329 -10.78 -8.91 32.36
CA PRO A 329 -9.65 -9.80 32.67
C PRO A 329 -8.97 -10.33 31.42
N THR A 330 -7.72 -9.94 31.22
CA THR A 330 -6.98 -10.23 30.01
C THR A 330 -5.61 -10.81 30.34
N ALA A 331 -5.25 -11.89 29.65
CA ALA A 331 -3.93 -12.48 29.75
C ALA A 331 -3.13 -12.13 28.51
N TRP A 332 -1.94 -11.60 28.71
CA TRP A 332 -1.12 -11.06 27.61
C TRP A 332 0.13 -11.89 27.43
N ASP A 333 0.28 -12.48 26.25
CA ASP A 333 1.54 -13.06 25.80
C ASP A 333 2.13 -12.10 24.77
N LEU A 334 2.81 -11.07 25.28
CA LEU A 334 3.40 -10.06 24.40
C LEU A 334 4.51 -10.62 23.52
N GLY A 335 5.13 -11.72 23.92
CA GLY A 335 6.32 -12.21 23.27
C GLY A 335 7.58 -11.75 23.98
N LYS A 336 8.72 -12.18 23.44
CA LYS A 336 10.03 -11.82 23.98
C LYS A 336 10.16 -12.19 25.45
N GLY A 337 9.48 -13.26 25.87
CA GLY A 337 9.50 -13.67 27.26
C GLY A 337 8.67 -12.82 28.19
N ASP A 338 7.87 -11.89 27.65
CA ASP A 338 7.05 -11.00 28.46
C ASP A 338 5.68 -11.63 28.65
N PHE A 339 5.34 -11.92 29.91
CA PHE A 339 4.04 -12.48 30.26
C PHE A 339 3.41 -11.59 31.31
N ARG A 340 2.20 -11.10 31.02
CA ARG A 340 1.52 -10.15 31.91
C ARG A 340 0.05 -10.53 32.02
N ILE A 341 -0.56 -10.11 33.13
CA ILE A 341 -2.00 -10.24 33.35
C ILE A 341 -2.56 -8.86 33.69
N LEU A 342 -3.59 -8.45 32.98
CA LEU A 342 -4.31 -7.21 33.26
C LEU A 342 -5.68 -7.57 33.81
N MET A 343 -5.97 -7.12 35.03
CA MET A 343 -7.24 -7.47 35.67
C MET A 343 -7.60 -6.41 36.70
N CYS A 344 -8.90 -6.12 36.79
CA CYS A 344 -9.44 -5.21 37.81
C CYS A 344 -9.81 -6.01 39.06
N THR A 345 -8.77 -6.50 39.74
CA THR A 345 -8.99 -7.41 40.85
C THR A 345 -9.69 -6.71 42.00
N LYS A 346 -10.82 -7.26 42.40
CA LYS A 346 -11.52 -6.86 43.62
C LYS A 346 -11.50 -8.04 44.58
N VAL A 347 -11.58 -7.76 45.87
CA VAL A 347 -11.44 -8.83 46.84
C VAL A 347 -12.77 -9.57 46.91
N THR A 348 -12.93 -10.57 46.04
CA THR A 348 -14.10 -11.44 45.99
C THR A 348 -13.62 -12.84 45.63
N MET A 349 -14.44 -13.84 45.94
CA MET A 349 -14.08 -15.19 45.53
C MET A 349 -14.08 -15.33 44.01
N ASP A 350 -14.94 -14.58 43.32
CA ASP A 350 -14.95 -14.64 41.86
C ASP A 350 -13.61 -14.24 41.28
N ASP A 351 -13.03 -13.14 41.77
CA ASP A 351 -11.72 -12.73 41.28
C ASP A 351 -10.60 -13.63 41.78
N PHE A 352 -10.79 -14.30 42.92
CA PHE A 352 -9.80 -15.28 43.36
C PHE A 352 -9.72 -16.46 42.40
N LEU A 353 -10.86 -16.97 41.96
CA LEU A 353 -10.84 -18.09 41.03
C LEU A 353 -10.37 -17.65 39.65
N THR A 354 -10.82 -16.49 39.19
CA THR A 354 -10.42 -16.04 37.86
C THR A 354 -8.94 -15.69 37.80
N ALA A 355 -8.35 -15.29 38.93
CA ALA A 355 -6.90 -15.12 38.97
C ALA A 355 -6.19 -16.43 38.72
N HIS A 356 -6.70 -17.52 39.30
CA HIS A 356 -6.20 -18.84 38.96
C HIS A 356 -6.45 -19.16 37.48
N HIS A 357 -7.61 -18.74 36.95
CA HIS A 357 -7.92 -18.99 35.55
C HIS A 357 -6.94 -18.27 34.64
N GLU A 358 -6.71 -16.99 34.89
CA GLU A 358 -5.85 -16.21 34.02
C GLU A 358 -4.38 -16.59 34.19
N MET A 359 -3.96 -16.98 35.39
CA MET A 359 -2.60 -17.50 35.54
C MET A 359 -2.45 -18.85 34.86
N GLY A 360 -3.55 -19.60 34.74
CA GLY A 360 -3.53 -20.80 33.92
C GLY A 360 -3.29 -20.49 32.45
N HIS A 361 -3.84 -19.38 31.97
CA HIS A 361 -3.54 -18.93 30.61
C HIS A 361 -2.05 -18.67 30.45
N ILE A 362 -1.45 -17.99 31.43
CA ILE A 362 -0.02 -17.64 31.36
C ILE A 362 0.84 -18.90 31.41
N GLN A 363 0.48 -19.86 32.26
CA GLN A 363 1.27 -21.08 32.35
C GLN A 363 1.24 -21.84 31.03
N TYR A 364 0.07 -21.89 30.37
CA TYR A 364 0.02 -22.41 29.01
C TYR A 364 0.87 -21.56 28.08
N ASP A 365 0.76 -20.24 28.20
CA ASP A 365 1.51 -19.33 27.32
C ASP A 365 3.01 -19.50 27.52
N MET A 366 3.45 -19.64 28.77
CA MET A 366 4.87 -19.80 29.03
C MET A 366 5.40 -21.14 28.50
N ALA A 367 4.57 -22.18 28.51
CA ALA A 367 5.03 -23.50 28.11
C ALA A 367 5.25 -23.59 26.60
N TYR A 368 4.31 -23.09 25.80
CA TYR A 368 4.46 -23.16 24.36
C TYR A 368 5.34 -22.05 23.80
N ALA A 369 6.03 -21.29 24.66
CA ALA A 369 6.95 -20.27 24.17
C ALA A 369 8.13 -20.88 23.42
N ALA A 370 8.52 -22.12 23.76
CA ALA A 370 9.60 -22.78 23.05
C ALA A 370 9.22 -23.10 21.61
N GLN A 371 7.95 -23.41 21.37
CA GLN A 371 7.48 -23.72 20.02
C GLN A 371 7.59 -22.49 19.12
N PRO A 372 7.65 -22.69 17.81
CA PRO A 372 7.79 -21.55 16.89
C PRO A 372 6.60 -20.60 16.98
N PHE A 373 6.79 -19.42 16.38
CA PHE A 373 5.84 -18.32 16.54
C PHE A 373 4.46 -18.68 16.03
N LEU A 374 4.38 -19.34 14.88
CA LEU A 374 3.07 -19.68 14.31
C LEU A 374 2.44 -20.89 14.97
N LEU A 375 3.20 -21.66 15.74
CA LEU A 375 2.67 -22.72 16.58
C LEU A 375 2.50 -22.29 18.03
N ARG A 376 2.73 -21.01 18.34
CA ARG A 376 2.61 -20.48 19.70
C ARG A 376 1.15 -20.18 20.02
N ASN A 377 0.38 -21.25 20.20
CA ASN A 377 -1.03 -21.12 20.55
C ASN A 377 -1.50 -22.45 21.10
N GLY A 378 -2.65 -22.41 21.79
CA GLY A 378 -3.22 -23.62 22.33
C GLY A 378 -3.74 -24.54 21.25
N ALA A 379 -3.98 -25.80 21.63
CA ALA A 379 -4.46 -26.79 20.68
C ALA A 379 -5.75 -26.34 20.01
N ASN A 380 -6.71 -25.86 20.80
CA ASN A 380 -7.87 -25.16 20.27
C ASN A 380 -8.27 -24.09 21.29
N GLU A 381 -9.32 -23.34 20.97
CA GLU A 381 -9.75 -22.27 21.87
C GLU A 381 -10.16 -22.81 23.23
N GLY A 382 -10.88 -23.94 23.24
CA GLY A 382 -11.33 -24.50 24.50
C GLY A 382 -10.18 -24.93 25.40
N PHE A 383 -9.10 -25.45 24.81
CA PHE A 383 -7.96 -25.91 25.60
C PHE A 383 -7.39 -24.79 26.46
N HIS A 384 -7.24 -23.60 25.88
CA HIS A 384 -6.67 -22.49 26.65
C HIS A 384 -7.59 -22.11 27.80
N GLU A 385 -8.90 -21.96 27.52
CA GLU A 385 -9.85 -21.62 28.57
C GLU A 385 -10.10 -22.77 29.53
N ALA A 386 -9.86 -24.02 29.10
CA ALA A 386 -10.03 -25.14 30.02
C ALA A 386 -8.88 -25.29 31.00
N VAL A 387 -7.67 -24.89 30.58
CA VAL A 387 -6.50 -25.03 31.46
C VAL A 387 -6.68 -24.18 32.72
N GLY A 388 -7.15 -22.95 32.56
CA GLY A 388 -7.40 -22.11 33.72
C GLY A 388 -8.49 -22.68 34.62
N GLU A 389 -9.50 -23.29 34.02
CA GLU A 389 -10.62 -23.84 34.81
C GLU A 389 -10.24 -25.11 35.55
N ILE A 390 -9.20 -25.82 35.11
CA ILE A 390 -8.70 -26.95 35.89
C ILE A 390 -8.22 -26.48 37.25
N MET A 391 -7.52 -25.34 37.27
CA MET A 391 -7.00 -24.80 38.53
C MET A 391 -8.14 -24.30 39.42
N SER A 392 -9.04 -23.50 38.86
CA SER A 392 -10.15 -22.97 39.64
C SER A 392 -11.08 -24.09 40.13
N LEU A 393 -11.07 -25.24 39.45
CA LEU A 393 -11.83 -26.38 39.94
C LEU A 393 -11.16 -27.00 41.17
N SER A 394 -9.83 -27.09 41.17
CA SER A 394 -9.12 -27.56 42.35
C SER A 394 -9.06 -26.50 43.44
N ALA A 395 -8.96 -25.22 43.07
CA ALA A 395 -8.81 -24.16 44.06
C ALA A 395 -10.11 -23.88 44.80
N ALA A 396 -11.25 -24.16 44.18
CA ALA A 396 -12.54 -23.86 44.80
C ALA A 396 -12.96 -24.90 45.84
N THR A 397 -12.28 -26.04 45.90
CA THR A 397 -12.67 -27.08 46.84
C THR A 397 -12.52 -26.56 48.28
N PRO A 398 -13.44 -26.93 49.18
CA PRO A 398 -13.31 -26.45 50.57
C PRO A 398 -12.01 -26.88 51.23
N LYS A 399 -11.45 -28.03 50.87
CA LYS A 399 -10.19 -28.45 51.46
C LYS A 399 -9.06 -27.50 51.07
N HIS A 400 -9.01 -27.11 49.80
CA HIS A 400 -7.98 -26.14 49.38
C HIS A 400 -8.21 -24.79 50.03
N LEU A 401 -9.48 -24.37 50.16
CA LEU A 401 -9.76 -23.12 50.85
C LEU A 401 -9.31 -23.17 52.30
N LYS A 402 -9.55 -24.31 52.96
CA LYS A 402 -9.04 -24.50 54.30
C LYS A 402 -7.51 -24.47 54.32
N SER A 403 -6.87 -24.97 53.26
CA SER A 403 -5.42 -24.98 53.18
C SER A 403 -4.85 -23.56 53.18
N ILE A 404 -5.46 -22.65 52.42
CA ILE A 404 -4.94 -21.30 52.30
C ILE A 404 -5.35 -20.40 53.45
N GLY A 405 -6.30 -20.83 54.28
CA GLY A 405 -6.71 -20.07 55.44
C GLY A 405 -8.01 -19.32 55.30
N LEU A 406 -8.69 -19.43 54.16
CA LEU A 406 -9.98 -18.77 53.98
C LEU A 406 -11.13 -19.56 54.57
N LEU A 407 -10.87 -20.73 55.13
CA LEU A 407 -11.86 -21.52 55.83
C LEU A 407 -11.30 -21.94 57.19
N SER A 408 -12.19 -22.21 58.13
CA SER A 408 -11.75 -22.41 59.51
C SER A 408 -10.86 -23.65 59.62
N PRO A 409 -9.80 -23.58 60.43
CA PRO A 409 -8.89 -24.73 60.54
C PRO A 409 -9.53 -25.99 61.08
N ASP A 410 -10.65 -25.89 61.79
CA ASP A 410 -11.40 -27.04 62.26
C ASP A 410 -12.64 -27.30 61.43
N PHE A 411 -12.59 -26.99 60.13
CA PHE A 411 -13.70 -27.26 59.22
C PHE A 411 -13.90 -28.76 59.07
N GLN A 412 -15.10 -29.23 59.37
CA GLN A 412 -15.44 -30.65 59.24
C GLN A 412 -16.30 -30.85 58.00
N GLU A 413 -15.83 -31.68 57.08
CA GLU A 413 -16.59 -31.99 55.88
C GLU A 413 -17.90 -32.68 56.25
N ASP A 414 -18.88 -32.57 55.35
CA ASP A 414 -20.22 -33.05 55.65
C ASP A 414 -20.95 -33.35 54.35
N ASN A 415 -22.06 -34.08 54.48
CA ASN A 415 -22.96 -34.24 53.36
C ASN A 415 -23.56 -32.90 52.95
N GLU A 416 -23.90 -32.06 53.93
CA GLU A 416 -24.52 -30.77 53.64
C GLU A 416 -23.55 -29.81 52.97
N THR A 417 -22.30 -29.74 53.45
CA THR A 417 -21.35 -28.80 52.88
C THR A 417 -21.05 -29.13 51.43
N GLU A 418 -20.95 -30.41 51.09
CA GLU A 418 -20.69 -30.79 49.70
C GLU A 418 -21.82 -30.36 48.78
N ILE A 419 -23.07 -30.45 49.25
CA ILE A 419 -24.18 -29.91 48.47
C ILE A 419 -24.06 -28.40 48.33
N ASN A 420 -23.65 -27.72 49.42
CA ASN A 420 -23.39 -26.29 49.32
C ASN A 420 -22.29 -26.00 48.33
N PHE A 421 -21.21 -26.80 48.36
CA PHE A 421 -20.11 -26.59 47.43
C PHE A 421 -20.51 -26.96 46.01
N LEU A 422 -21.16 -28.11 45.84
CA LEU A 422 -21.50 -28.57 44.50
C LEU A 422 -22.53 -27.66 43.84
N LEU A 423 -23.46 -27.09 44.61
CA LEU A 423 -24.45 -26.21 44.00
C LEU A 423 -23.80 -24.95 43.47
N LYS A 424 -22.92 -24.33 44.25
CA LYS A 424 -22.25 -23.11 43.80
C LYS A 424 -21.43 -23.38 42.54
N GLN A 425 -20.73 -24.52 42.50
CA GLN A 425 -19.99 -24.88 41.30
C GLN A 425 -20.93 -25.13 40.13
N ALA A 426 -22.14 -25.64 40.40
CA ALA A 426 -23.10 -25.91 39.33
C ALA A 426 -23.71 -24.64 38.77
N LEU A 427 -23.93 -23.63 39.61
CA LEU A 427 -24.45 -22.36 39.12
C LEU A 427 -23.47 -21.71 38.15
N THR A 428 -22.17 -21.80 38.44
CA THR A 428 -21.18 -21.20 37.55
C THR A 428 -20.98 -22.03 36.29
N ILE A 429 -20.91 -23.35 36.42
CA ILE A 429 -20.50 -24.23 35.33
C ILE A 429 -21.71 -24.72 34.54
N VAL A 430 -22.65 -25.36 35.23
CA VAL A 430 -23.82 -25.94 34.55
C VAL A 430 -24.73 -24.83 34.02
N GLY A 431 -24.88 -23.75 34.78
CA GLY A 431 -25.81 -22.70 34.38
C GLY A 431 -25.46 -22.06 33.04
N THR A 432 -24.17 -21.85 32.79
CA THR A 432 -23.75 -21.16 31.58
C THR A 432 -23.86 -22.01 30.33
N LEU A 433 -23.92 -23.33 30.46
CA LEU A 433 -23.91 -24.19 29.27
C LEU A 433 -25.10 -23.94 28.34
N PRO A 434 -26.35 -23.86 28.81
CA PRO A 434 -27.43 -23.48 27.89
C PRO A 434 -27.26 -22.09 27.32
N PHE A 435 -26.73 -21.15 28.12
CA PHE A 435 -26.53 -19.80 27.64
C PHE A 435 -25.56 -19.77 26.47
N THR A 436 -24.46 -20.52 26.56
CA THR A 436 -23.47 -20.52 25.49
C THR A 436 -23.98 -21.26 24.25
N TYR A 437 -24.66 -22.39 24.45
CA TYR A 437 -25.18 -23.14 23.31
C TYR A 437 -26.16 -22.31 22.50
N MET A 438 -27.08 -21.61 23.18
CA MET A 438 -28.04 -20.77 22.47
C MET A 438 -27.36 -19.60 21.78
N LEU A 439 -26.44 -18.93 22.47
CA LEU A 439 -25.85 -17.71 21.92
C LEU A 439 -25.08 -17.99 20.64
N GLU A 440 -24.30 -19.09 20.61
CA GLU A 440 -23.57 -19.44 19.41
C GLU A 440 -24.47 -20.01 18.33
N LYS A 441 -25.50 -20.78 18.72
CA LYS A 441 -26.44 -21.29 17.73
C LYS A 441 -27.17 -20.15 17.03
N TRP A 442 -27.52 -19.10 17.77
CA TRP A 442 -28.08 -17.91 17.14
C TRP A 442 -27.09 -17.29 16.16
N ARG A 443 -25.86 -17.05 16.61
CA ARG A 443 -24.87 -16.44 15.73
C ARG A 443 -24.51 -17.37 14.57
N TRP A 444 -24.38 -18.67 14.83
CA TRP A 444 -24.07 -19.61 13.76
C TRP A 444 -25.16 -19.59 12.69
N MET A 445 -26.43 -19.57 13.12
CA MET A 445 -27.54 -19.57 12.16
C MET A 445 -27.68 -18.22 11.47
N VAL A 446 -27.44 -17.12 12.21
CA VAL A 446 -27.52 -15.80 11.60
C VAL A 446 -26.45 -15.67 10.51
N PHE A 447 -25.25 -16.16 10.77
CA PHE A 447 -24.21 -16.16 9.75
C PHE A 447 -24.60 -17.06 8.58
N LYS A 448 -25.25 -18.18 8.86
CA LYS A 448 -25.77 -19.03 7.79
C LYS A 448 -26.98 -18.42 7.11
N GLY A 449 -27.64 -17.45 7.74
CA GLY A 449 -28.81 -16.84 7.17
C GLY A 449 -30.12 -17.54 7.46
N GLU A 450 -30.10 -18.61 8.26
CA GLU A 450 -31.35 -19.30 8.60
C GLU A 450 -32.32 -18.37 9.31
N ILE A 451 -31.80 -17.43 10.10
CA ILE A 451 -32.62 -16.46 10.80
C ILE A 451 -32.61 -15.16 9.98
N PRO A 452 -33.72 -14.75 9.40
CA PRO A 452 -33.74 -13.48 8.66
C PRO A 452 -33.60 -12.29 9.60
N LYS A 453 -33.24 -11.15 9.01
CA LYS A 453 -33.05 -9.94 9.79
C LYS A 453 -34.34 -9.49 10.46
N ASP A 454 -35.48 -9.79 9.85
CA ASP A 454 -36.77 -9.43 10.44
C ASP A 454 -37.17 -10.35 11.59
N GLN A 455 -36.57 -11.53 11.69
CA GLN A 455 -36.85 -12.48 12.76
C GLN A 455 -35.69 -12.63 13.73
N TRP A 456 -34.81 -11.64 13.79
CA TRP A 456 -33.63 -11.72 14.64
C TRP A 456 -34.01 -11.81 16.12
N MET A 457 -34.67 -10.77 16.64
CA MET A 457 -34.98 -10.73 18.06
C MET A 457 -36.03 -11.75 18.45
N LYS A 458 -36.96 -12.08 17.54
CA LYS A 458 -37.93 -13.12 17.84
C LYS A 458 -37.23 -14.45 18.11
N LYS A 459 -36.26 -14.81 17.26
CA LYS A 459 -35.55 -16.07 17.43
C LYS A 459 -34.65 -16.03 18.67
N TRP A 460 -34.07 -14.87 19.00
CA TRP A 460 -33.20 -14.78 20.15
C TRP A 460 -33.93 -15.12 21.45
N TRP A 461 -35.15 -14.61 21.61
CA TRP A 461 -35.92 -14.91 22.80
C TRP A 461 -36.82 -16.13 22.63
N GLU A 462 -37.08 -16.56 21.40
CA GLU A 462 -37.72 -17.85 21.19
C GLU A 462 -36.82 -18.98 21.66
N MET A 463 -35.52 -18.89 21.35
CA MET A 463 -34.58 -19.91 21.78
C MET A 463 -34.19 -19.76 23.25
N LYS A 464 -34.15 -18.53 23.75
CA LYS A 464 -33.80 -18.32 25.16
C LYS A 464 -34.82 -18.97 26.08
N ARG A 465 -36.10 -18.90 25.71
CA ARG A 465 -37.14 -19.57 26.48
C ARG A 465 -37.04 -21.08 26.34
N GLU A 466 -36.87 -21.58 25.11
CA GLU A 466 -36.91 -23.01 24.87
C GLU A 466 -35.65 -23.71 25.33
N ILE A 467 -34.49 -23.12 25.06
CA ILE A 467 -33.22 -23.77 25.39
C ILE A 467 -32.76 -23.42 26.79
N VAL A 468 -32.77 -22.14 27.15
CA VAL A 468 -32.17 -21.73 28.41
C VAL A 468 -33.22 -21.62 29.52
N GLY A 469 -34.49 -21.50 29.16
CA GLY A 469 -35.53 -21.32 30.15
C GLY A 469 -35.60 -19.93 30.73
N VAL A 470 -35.12 -18.93 30.01
CA VAL A 470 -35.12 -17.54 30.46
C VAL A 470 -36.05 -16.73 29.57
N VAL A 471 -36.85 -15.86 30.19
CA VAL A 471 -37.91 -15.13 29.50
C VAL A 471 -37.57 -13.64 29.51
N GLU A 472 -38.14 -12.94 28.54
CA GLU A 472 -37.99 -11.50 28.46
C GLU A 472 -38.87 -10.81 29.49
N PRO A 473 -38.31 -9.96 30.36
CA PRO A 473 -39.19 -9.21 31.29
C PRO A 473 -40.03 -8.15 30.59
N VAL A 474 -39.57 -7.63 29.47
CA VAL A 474 -40.27 -6.58 28.71
C VAL A 474 -40.30 -7.02 27.25
N PRO A 475 -41.40 -6.83 26.53
CA PRO A 475 -41.40 -7.17 25.10
C PRO A 475 -40.37 -6.35 24.32
N HIS A 476 -39.75 -6.97 23.34
CA HIS A 476 -38.67 -6.36 22.57
C HIS A 476 -38.99 -6.42 21.08
N ASP A 477 -38.77 -5.29 20.40
CA ASP A 477 -38.95 -5.21 18.95
C ASP A 477 -37.70 -5.75 18.26
N GLU A 478 -37.63 -5.56 16.93
CA GLU A 478 -36.39 -5.80 16.20
C GLU A 478 -35.46 -4.60 16.27
N THR A 479 -35.92 -3.48 16.81
CA THR A 479 -35.03 -2.34 17.03
C THR A 479 -33.96 -2.70 18.05
N TYR A 480 -34.32 -3.44 19.09
CA TYR A 480 -33.34 -3.93 20.05
C TYR A 480 -32.35 -4.87 19.39
N CYS A 481 -31.10 -4.82 19.86
CA CYS A 481 -30.11 -5.85 19.52
C CYS A 481 -29.49 -6.30 20.84
N ASP A 482 -30.16 -7.23 21.51
CA ASP A 482 -29.75 -7.76 22.81
C ASP A 482 -28.59 -8.74 22.74
N PRO A 483 -28.45 -9.57 21.70
CA PRO A 483 -27.26 -10.43 21.64
C PRO A 483 -25.95 -9.66 21.69
N ALA A 484 -25.91 -8.47 21.11
CA ALA A 484 -24.69 -7.66 21.10
C ALA A 484 -24.47 -6.91 22.41
N SER A 485 -25.40 -7.00 23.36
CA SER A 485 -25.19 -6.37 24.66
C SER A 485 -24.13 -7.08 25.48
N LEU A 486 -23.68 -8.25 25.05
CA LEU A 486 -22.60 -8.96 25.72
C LEU A 486 -21.27 -8.56 25.10
N PHE A 487 -20.21 -8.61 25.92
CA PHE A 487 -18.89 -8.19 25.47
C PHE A 487 -18.40 -9.04 24.30
N HIS A 488 -18.58 -10.36 24.39
CA HIS A 488 -18.00 -11.26 23.40
C HIS A 488 -18.63 -11.09 22.03
N VAL A 489 -19.94 -10.86 21.98
CA VAL A 489 -20.59 -10.65 20.68
C VAL A 489 -20.20 -9.31 20.09
N SER A 490 -20.08 -8.27 20.92
CA SER A 490 -19.77 -6.94 20.42
C SER A 490 -18.32 -6.78 20.01
N ASN A 491 -17.42 -7.64 20.50
CA ASN A 491 -16.00 -7.53 20.22
C ASN A 491 -15.48 -8.67 19.35
N ASP A 492 -16.37 -9.40 18.69
CA ASP A 492 -16.02 -10.34 17.62
C ASP A 492 -15.08 -11.44 18.12
N TYR A 493 -15.54 -12.16 19.14
CA TYR A 493 -14.84 -13.31 19.67
C TYR A 493 -15.73 -14.54 19.58
N SER A 494 -15.12 -15.68 19.24
CA SER A 494 -15.83 -16.95 19.25
C SER A 494 -16.26 -17.29 20.67
N PHE A 495 -17.51 -17.75 20.82
CA PHE A 495 -18.09 -17.99 22.13
C PHE A 495 -18.27 -19.47 22.44
N ILE A 496 -18.27 -20.33 21.42
CA ILE A 496 -18.40 -21.77 21.66
C ILE A 496 -17.18 -22.35 22.35
N ARG A 497 -16.09 -21.57 22.43
CA ARG A 497 -14.92 -21.99 23.21
C ARG A 497 -15.29 -22.24 24.66
N TYR A 498 -16.25 -21.49 25.20
CA TYR A 498 -16.61 -21.63 26.61
C TYR A 498 -17.44 -22.88 26.87
N TYR A 499 -18.26 -23.30 25.91
CA TYR A 499 -18.97 -24.56 26.06
C TYR A 499 -18.01 -25.75 26.00
N THR A 500 -17.15 -25.76 24.98
CA THR A 500 -16.16 -26.85 24.86
C THR A 500 -15.21 -26.85 26.05
N ARG A 501 -14.95 -25.67 26.63
CA ARG A 501 -14.05 -25.56 27.77
C ARG A 501 -14.51 -26.45 28.92
N THR A 502 -15.80 -26.37 29.27
CA THR A 502 -16.29 -27.05 30.46
C THR A 502 -16.18 -28.56 30.33
N LEU A 503 -16.48 -29.11 29.15
CA LEU A 503 -16.41 -30.55 28.95
C LEU A 503 -14.97 -31.05 29.01
N TYR A 504 -14.03 -30.28 28.45
CA TYR A 504 -12.61 -30.62 28.58
C TYR A 504 -12.18 -30.59 30.04
N GLN A 505 -12.67 -29.61 30.79
CA GLN A 505 -12.14 -29.30 32.12
C GLN A 505 -12.19 -30.50 33.04
N PHE A 506 -13.34 -31.18 33.11
CA PHE A 506 -13.44 -32.36 33.96
C PHE A 506 -12.72 -33.55 33.36
N GLN A 507 -12.64 -33.63 32.03
CA GLN A 507 -11.89 -34.71 31.40
C GLN A 507 -10.42 -34.63 31.77
N PHE A 508 -9.83 -33.44 31.72
CA PHE A 508 -8.45 -33.26 32.17
C PHE A 508 -8.32 -33.59 33.65
N GLN A 509 -9.22 -33.02 34.46
CA GLN A 509 -9.12 -33.18 35.91
C GLN A 509 -9.24 -34.64 36.32
N GLU A 510 -10.07 -35.41 35.62
CA GLU A 510 -10.19 -36.83 35.90
C GLU A 510 -8.85 -37.53 35.72
N ALA A 511 -8.15 -37.22 34.62
CA ALA A 511 -6.84 -37.80 34.37
C ALA A 511 -5.78 -37.24 35.31
N LEU A 512 -5.81 -35.92 35.54
CA LEU A 512 -4.84 -35.31 36.45
C LEU A 512 -5.03 -35.82 37.87
N CYS A 513 -6.26 -36.15 38.25
CA CYS A 513 -6.56 -36.65 39.58
C CYS A 513 -6.41 -38.16 39.67
N GLN A 514 -6.10 -38.83 38.55
CA GLN A 514 -5.63 -40.20 38.60
C GLN A 514 -4.11 -40.26 38.77
N ALA A 515 -3.39 -39.36 38.09
CA ALA A 515 -1.94 -39.26 38.28
C ALA A 515 -1.62 -38.87 39.71
N ALA A 516 -2.23 -37.80 40.20
CA ALA A 516 -2.22 -37.50 41.63
C ALA A 516 -3.10 -38.54 42.33
N LYS A 517 -2.48 -39.46 43.05
CA LYS A 517 -3.21 -40.58 43.64
C LYS A 517 -4.38 -40.08 44.48
N HIS A 518 -5.60 -40.35 44.02
CA HIS A 518 -6.80 -39.87 44.66
C HIS A 518 -7.55 -41.03 45.29
N GLU A 519 -8.51 -40.68 46.15
CA GLU A 519 -9.31 -41.68 46.85
C GLU A 519 -10.79 -41.59 46.50
N GLY A 520 -11.38 -40.41 46.60
CA GLY A 520 -12.82 -40.25 46.48
C GLY A 520 -13.31 -39.80 45.12
N PRO A 521 -14.36 -38.98 45.11
CA PRO A 521 -15.00 -38.58 43.84
C PRO A 521 -14.22 -37.53 43.07
N LEU A 522 -14.80 -37.04 41.97
CA LEU A 522 -14.10 -36.07 41.14
C LEU A 522 -14.02 -34.70 41.80
N HIS A 523 -14.97 -34.37 42.68
CA HIS A 523 -14.76 -33.22 43.53
C HIS A 523 -13.90 -33.62 44.73
N LYS A 524 -13.52 -32.62 45.53
CA LYS A 524 -12.45 -32.77 46.52
C LYS A 524 -11.14 -33.16 45.83
N CYS A 525 -10.99 -32.72 44.59
CA CYS A 525 -9.82 -33.02 43.76
C CYS A 525 -8.88 -31.81 43.74
N ASP A 526 -8.10 -31.67 44.80
CA ASP A 526 -7.04 -30.67 44.85
C ASP A 526 -5.75 -31.30 44.37
N ILE A 527 -5.40 -31.03 43.11
CA ILE A 527 -4.10 -31.46 42.59
C ILE A 527 -2.94 -30.71 43.23
N SER A 528 -3.20 -29.81 44.16
CA SER A 528 -2.15 -29.06 44.83
C SER A 528 -1.15 -30.00 45.48
N ASN A 529 0.13 -29.67 45.34
CA ASN A 529 1.31 -30.37 45.87
C ASN A 529 1.63 -31.64 45.09
N SER A 530 0.94 -31.93 43.99
CA SER A 530 1.21 -33.12 43.18
C SER A 530 2.01 -32.72 41.95
N THR A 531 3.31 -33.09 41.95
CA THR A 531 4.16 -32.80 40.81
C THR A 531 3.80 -33.67 39.60
N GLU A 532 3.34 -34.90 39.85
CA GLU A 532 2.96 -35.79 38.75
C GLU A 532 1.81 -35.20 37.94
N ALA A 533 0.80 -34.64 38.64
CA ALA A 533 -0.31 -34.01 37.94
C ALA A 533 0.18 -32.81 37.13
N GLY A 534 1.11 -32.04 37.68
CA GLY A 534 1.63 -30.89 36.96
C GLY A 534 2.41 -31.29 35.72
N GLN A 535 3.28 -32.30 35.83
CA GLN A 535 4.06 -32.72 34.68
C GLN A 535 3.21 -33.43 33.62
N LYS A 536 2.07 -33.99 34.01
CA LYS A 536 1.14 -34.51 33.01
C LYS A 536 0.53 -33.40 32.18
N LEU A 537 0.32 -32.22 32.77
CA LEU A 537 -0.19 -31.07 32.03
C LEU A 537 0.91 -30.38 31.25
N PHE A 538 2.11 -30.28 31.83
CA PHE A 538 3.22 -29.59 31.17
C PHE A 538 3.43 -30.14 29.76
N ASN A 539 3.36 -31.46 29.60
CA ASN A 539 3.59 -32.07 28.30
C ASN A 539 2.54 -31.61 27.29
N MET A 540 1.29 -31.51 27.71
CA MET A 540 0.25 -30.98 26.83
C MET A 540 0.47 -29.50 26.53
N LEU A 541 0.86 -28.73 27.54
CA LEU A 541 1.06 -27.30 27.35
C LEU A 541 2.25 -27.01 26.44
N ARG A 542 3.31 -27.83 26.52
CA ARG A 542 4.51 -27.57 25.73
C ARG A 542 4.27 -27.78 24.24
N LEU A 543 3.33 -28.65 23.88
CA LEU A 543 3.09 -28.94 22.47
C LEU A 543 2.54 -27.72 21.74
N GLY A 544 1.62 -27.01 22.35
CA GLY A 544 0.97 -25.91 21.65
C GLY A 544 0.13 -26.44 20.49
N LYS A 545 0.12 -25.69 19.40
CA LYS A 545 -0.67 -26.05 18.22
C LYS A 545 -0.02 -27.14 17.37
N SER A 546 1.23 -27.52 17.69
CA SER A 546 1.98 -28.43 16.82
C SER A 546 1.25 -29.75 16.64
N GLU A 547 1.01 -30.47 17.72
CA GLU A 547 0.28 -31.72 17.60
C GLU A 547 -1.22 -31.45 17.51
N PRO A 548 -1.97 -32.35 16.86
CA PRO A 548 -3.42 -32.13 16.74
C PRO A 548 -4.10 -32.14 18.09
N TRP A 549 -5.18 -31.36 18.20
CA TRP A 549 -5.88 -31.27 19.47
C TRP A 549 -6.48 -32.61 19.87
N THR A 550 -6.99 -33.37 18.90
CA THR A 550 -7.53 -34.69 19.20
C THR A 550 -6.47 -35.61 19.77
N LEU A 551 -5.27 -35.62 19.16
CA LEU A 551 -4.16 -36.39 19.70
C LEU A 551 -3.72 -35.85 21.06
N ALA A 552 -3.65 -34.52 21.19
CA ALA A 552 -3.26 -33.92 22.46
C ALA A 552 -4.23 -34.31 23.57
N LEU A 553 -5.53 -34.28 23.27
CA LEU A 553 -6.52 -34.72 24.25
C LEU A 553 -6.38 -36.20 24.54
N GLU A 554 -6.10 -37.01 23.50
CA GLU A 554 -6.06 -38.45 23.69
C GLU A 554 -4.93 -38.86 24.63
N ASN A 555 -3.76 -38.24 24.49
CA ASN A 555 -2.64 -38.59 25.37
C ASN A 555 -2.91 -38.19 26.81
N VAL A 556 -3.64 -37.10 27.02
CA VAL A 556 -3.87 -36.61 28.37
C VAL A 556 -4.98 -37.41 29.07
N VAL A 557 -6.13 -37.52 28.42
CA VAL A 557 -7.31 -38.10 29.05
C VAL A 557 -7.62 -39.50 28.52
N GLY A 558 -7.45 -39.72 27.21
CA GLY A 558 -7.72 -41.03 26.64
C GLY A 558 -8.82 -41.04 25.59
N ALA A 559 -9.27 -39.87 25.16
CA ALA A 559 -10.32 -39.77 24.16
C ALA A 559 -9.98 -38.70 23.14
N LYS A 560 -10.48 -38.88 21.92
CA LYS A 560 -10.24 -37.94 20.83
C LYS A 560 -11.34 -36.89 20.70
N ASN A 561 -12.27 -36.83 21.65
CA ASN A 561 -13.43 -35.96 21.51
C ASN A 561 -13.90 -35.51 22.88
N MET A 562 -14.74 -34.48 22.87
CA MET A 562 -15.36 -34.01 24.11
C MET A 562 -16.28 -35.08 24.65
N ASN A 563 -16.11 -35.43 25.92
CA ASN A 563 -16.96 -36.41 26.58
C ASN A 563 -17.67 -35.72 27.74
N VAL A 564 -19.01 -35.79 27.73
CA VAL A 564 -19.80 -35.16 28.78
C VAL A 564 -19.89 -36.01 30.03
N ARG A 565 -19.40 -37.25 29.99
CA ARG A 565 -19.49 -38.14 31.13
C ARG A 565 -18.73 -37.63 32.36
N PRO A 566 -17.48 -37.16 32.27
CA PRO A 566 -16.80 -36.67 33.49
C PRO A 566 -17.53 -35.54 34.18
N LEU A 567 -18.15 -34.65 33.41
CA LEU A 567 -18.89 -33.53 33.99
C LEU A 567 -20.06 -34.03 34.82
N LEU A 568 -20.78 -35.04 34.33
CA LEU A 568 -21.94 -35.54 35.07
C LEU A 568 -21.53 -36.28 36.34
N ASN A 569 -20.37 -36.95 36.31
CA ASN A 569 -19.91 -37.63 37.52
C ASN A 569 -19.51 -36.63 38.59
N TYR A 570 -18.95 -35.49 38.19
CA TYR A 570 -18.58 -34.46 39.16
C TYR A 570 -19.80 -33.93 39.89
N PHE A 571 -20.92 -33.78 39.18
CA PHE A 571 -22.15 -33.25 39.74
C PHE A 571 -23.17 -34.32 40.09
N GLU A 572 -22.80 -35.59 40.00
CA GLU A 572 -23.76 -36.65 40.29
C GLU A 572 -24.37 -36.57 41.69
N PRO A 573 -23.61 -36.28 42.77
CA PRO A 573 -24.27 -36.09 44.07
C PRO A 573 -25.28 -34.96 44.07
N LEU A 574 -25.05 -33.91 43.27
CA LEU A 574 -26.02 -32.82 43.20
C LEU A 574 -27.24 -33.21 42.38
N PHE A 575 -27.06 -33.98 41.30
CA PHE A 575 -28.19 -34.32 40.46
C PHE A 575 -29.22 -35.15 41.23
N THR A 576 -28.76 -36.14 42.01
CA THR A 576 -29.69 -36.95 42.79
C THR A 576 -30.36 -36.13 43.87
N TRP A 577 -29.62 -35.23 44.52
CA TRP A 577 -30.21 -34.38 45.55
C TRP A 577 -31.23 -33.42 44.97
N LEU A 578 -30.95 -32.89 43.77
CA LEU A 578 -31.88 -31.94 43.15
C LEU A 578 -33.20 -32.62 42.80
N LYS A 579 -33.16 -33.88 42.37
CA LYS A 579 -34.38 -34.58 42.02
C LYS A 579 -35.29 -34.76 43.23
N ASP A 580 -34.72 -35.10 44.39
CA ASP A 580 -35.52 -35.19 45.61
C ASP A 580 -36.05 -33.82 46.02
N GLN A 581 -35.21 -32.79 45.92
CA GLN A 581 -35.64 -31.44 46.29
C GLN A 581 -36.65 -30.85 45.32
N ASN A 582 -36.98 -31.57 44.24
CA ASN A 582 -38.02 -31.15 43.30
C ASN A 582 -39.17 -32.15 43.26
N LYS A 583 -39.33 -32.98 44.30
CA LYS A 583 -40.45 -33.92 44.33
C LYS A 583 -41.77 -33.17 44.28
N ASN A 584 -41.89 -32.09 45.04
CA ASN A 584 -43.11 -31.28 45.08
C ASN A 584 -42.96 -29.99 44.29
N SER A 585 -42.03 -29.94 43.35
CA SER A 585 -41.86 -28.79 42.47
C SER A 585 -41.94 -29.26 41.03
N PHE A 586 -42.34 -28.35 40.14
CA PHE A 586 -42.43 -28.68 38.73
C PHE A 586 -41.06 -28.57 38.06
N VAL A 587 -40.67 -29.62 37.36
CA VAL A 587 -39.40 -29.67 36.64
C VAL A 587 -39.68 -29.44 35.16
N GLY A 588 -39.08 -28.38 34.60
CA GLY A 588 -39.37 -27.93 33.27
C GLY A 588 -39.92 -26.51 33.27
N TRP A 589 -40.04 -25.96 32.07
CA TRP A 589 -40.51 -24.60 31.90
C TRP A 589 -41.53 -24.54 30.77
N SER A 590 -42.48 -23.60 30.91
CA SER A 590 -43.48 -23.33 29.90
C SER A 590 -43.02 -22.19 29.02
N THR A 591 -43.11 -22.38 27.70
CA THR A 591 -42.57 -21.42 26.75
C THR A 591 -43.47 -20.21 26.52
N ASP A 592 -44.66 -20.17 27.15
CA ASP A 592 -45.63 -19.13 26.84
C ASP A 592 -45.98 -18.26 28.04
N TRP A 593 -45.17 -18.28 29.11
CA TRP A 593 -45.37 -17.39 30.23
C TRP A 593 -44.42 -16.21 30.14
N SER A 594 -44.96 -14.99 30.30
CA SER A 594 -44.16 -13.79 30.28
C SER A 594 -44.65 -12.87 31.39
N PRO A 595 -43.74 -12.19 32.09
CA PRO A 595 -44.18 -11.29 33.16
C PRO A 595 -45.07 -10.16 32.69
N TYR A 596 -44.85 -9.66 31.46
CA TYR A 596 -45.65 -8.54 30.97
C TYR A 596 -47.04 -8.97 30.52
N ALA A 597 -47.21 -10.23 30.14
CA ALA A 597 -48.48 -10.73 29.60
C ALA A 597 -49.62 -10.56 30.59
N VAL B 29 60.77 5.32 48.75
CA VAL B 29 60.89 3.88 48.50
C VAL B 29 59.56 3.33 48.01
N ARG B 30 59.60 2.54 46.93
CA ARG B 30 58.43 1.92 46.36
C ARG B 30 58.73 0.45 46.05
N PHE B 31 57.66 -0.34 45.92
CA PHE B 31 57.78 -1.76 45.67
C PHE B 31 57.65 -2.01 44.17
N PRO B 32 58.72 -2.42 43.48
CA PRO B 32 58.65 -2.59 42.03
C PRO B 32 58.21 -3.98 41.62
N ASN B 33 57.24 -4.05 40.70
CA ASN B 33 56.79 -5.30 40.10
C ASN B 33 57.14 -5.25 38.62
N ILE B 34 58.13 -6.04 38.22
CA ILE B 34 58.61 -6.00 36.83
C ILE B 34 57.52 -6.43 35.85
N THR B 35 56.53 -7.19 36.32
CA THR B 35 55.36 -7.54 35.52
C THR B 35 54.15 -6.94 36.19
N ASN B 36 53.55 -5.94 35.54
CA ASN B 36 52.33 -5.34 36.06
C ASN B 36 51.16 -6.32 35.96
N LEU B 37 50.10 -6.04 36.70
CA LEU B 37 48.90 -6.89 36.64
C LEU B 37 48.34 -6.89 35.21
N CYS B 38 47.91 -8.06 34.76
CA CYS B 38 47.46 -8.20 33.39
C CYS B 38 46.19 -7.38 33.15
N PRO B 39 46.00 -6.87 31.93
CA PRO B 39 44.83 -6.03 31.64
C PRO B 39 43.55 -6.85 31.56
N PHE B 40 43.00 -7.21 32.73
CA PHE B 40 41.73 -7.92 32.80
C PHE B 40 40.56 -7.01 33.08
N GLY B 41 40.76 -5.93 33.83
CA GLY B 41 39.71 -4.95 34.01
C GLY B 41 39.36 -4.20 32.76
N GLU B 42 40.25 -4.22 31.76
CA GLU B 42 39.97 -3.54 30.49
C GLU B 42 38.85 -4.22 29.72
N VAL B 43 38.93 -5.54 29.55
CA VAL B 43 37.98 -6.25 28.72
C VAL B 43 36.62 -6.35 29.41
N PHE B 44 36.62 -6.73 30.69
CA PHE B 44 35.36 -7.00 31.39
C PHE B 44 34.61 -5.70 31.71
N ASN B 45 35.30 -4.73 32.30
CA ASN B 45 34.68 -3.46 32.69
C ASN B 45 34.59 -2.47 31.54
N ALA B 46 34.68 -2.93 30.30
CA ALA B 46 34.67 -2.04 29.15
C ALA B 46 33.30 -1.38 28.97
N THR B 47 33.30 -0.19 28.37
CA THR B 47 32.07 0.55 28.17
C THR B 47 31.20 -0.04 27.07
N THR B 48 31.82 -0.50 25.98
CA THR B 48 31.07 -1.06 24.85
C THR B 48 31.65 -2.40 24.45
N PHE B 49 30.76 -3.32 24.08
CA PHE B 49 31.11 -4.62 23.53
C PHE B 49 30.72 -4.68 22.06
N ALA B 50 30.93 -5.84 21.46
CA ALA B 50 30.72 -6.02 20.04
C ALA B 50 29.66 -7.08 19.77
N SER B 51 29.02 -6.96 18.61
CA SER B 51 28.06 -7.97 18.18
C SER B 51 28.78 -9.30 17.97
N VAL B 52 28.02 -10.39 18.11
CA VAL B 52 28.62 -11.72 18.09
C VAL B 52 29.22 -12.03 16.72
N TYR B 53 28.60 -11.54 15.64
CA TYR B 53 29.13 -11.80 14.30
C TYR B 53 30.49 -11.13 14.09
N ALA B 54 30.89 -10.20 14.95
CA ALA B 54 32.16 -9.50 14.86
C ALA B 54 32.84 -9.47 16.22
N TRP B 55 32.94 -10.63 16.86
CA TRP B 55 33.47 -10.72 18.21
C TRP B 55 34.90 -10.18 18.28
N ASN B 56 35.27 -9.68 19.45
CA ASN B 56 36.56 -9.02 19.65
C ASN B 56 37.54 -9.96 20.35
N ARG B 57 38.78 -9.99 19.88
CA ARG B 57 39.82 -10.85 20.40
C ARG B 57 40.96 -10.01 20.97
N ARG B 58 41.49 -10.44 22.11
CA ARG B 58 42.53 -9.71 22.82
C ARG B 58 43.61 -10.68 23.29
N ARG B 59 44.87 -10.24 23.24
CA ARG B 59 46.01 -11.02 23.71
C ARG B 59 46.52 -10.43 25.02
N ILE B 60 46.73 -11.30 26.00
CA ILE B 60 47.23 -10.90 27.31
C ILE B 60 48.62 -11.52 27.47
N SER B 61 49.64 -10.68 27.54
CA SER B 61 51.02 -11.15 27.63
C SER B 61 51.87 -10.06 28.28
N ASN B 62 53.11 -10.42 28.60
CA ASN B 62 54.07 -9.51 29.24
C ASN B 62 53.51 -8.90 30.52
N CYS B 63 52.87 -9.75 31.33
CA CYS B 63 52.21 -9.27 32.55
C CYS B 63 52.03 -10.46 33.49
N VAL B 64 51.44 -10.17 34.64
CA VAL B 64 51.12 -11.17 35.66
C VAL B 64 49.60 -11.16 35.87
N ALA B 65 48.99 -12.34 35.83
CA ALA B 65 47.53 -12.44 35.78
C ALA B 65 47.01 -13.02 37.09
N ASP B 66 46.29 -12.19 37.86
CA ASP B 66 45.58 -12.64 39.04
C ASP B 66 44.13 -12.92 38.64
N TYR B 67 43.75 -14.19 38.65
CA TYR B 67 42.38 -14.59 38.36
C TYR B 67 41.48 -14.57 39.59
N SER B 68 42.01 -14.17 40.75
CA SER B 68 41.19 -14.05 41.94
C SER B 68 40.14 -12.95 41.79
N VAL B 69 40.50 -11.85 41.12
CA VAL B 69 39.54 -10.78 40.88
C VAL B 69 38.39 -11.26 40.02
N LEU B 70 38.62 -12.29 39.19
CA LEU B 70 37.54 -12.86 38.41
C LEU B 70 36.58 -13.68 39.28
N TYR B 71 37.12 -14.37 40.29
CA TYR B 71 36.26 -15.08 41.24
C TYR B 71 35.52 -14.10 42.14
N ASN B 72 36.19 -13.03 42.57
CA ASN B 72 35.67 -12.16 43.61
C ASN B 72 34.43 -11.39 43.17
N THR B 73 34.18 -11.28 41.86
CA THR B 73 32.99 -10.61 41.35
C THR B 73 31.85 -11.63 41.33
N THR B 74 31.05 -11.64 42.40
CA THR B 74 29.91 -12.54 42.49
C THR B 74 28.80 -12.19 41.52
N SER B 75 28.85 -11.01 40.90
CA SER B 75 27.84 -10.62 39.92
C SER B 75 27.91 -11.48 38.66
N PHE B 76 29.03 -12.14 38.40
CA PHE B 76 29.15 -13.00 37.24
C PHE B 76 28.08 -14.09 37.27
N SER B 77 27.21 -14.10 36.27
CA SER B 77 26.12 -15.07 36.24
C SER B 77 26.62 -16.49 36.04
N THR B 78 27.49 -16.70 35.04
CA THR B 78 28.02 -18.02 34.74
C THR B 78 29.55 -17.97 34.74
N PHE B 79 30.16 -18.91 35.45
CA PHE B 79 31.62 -19.10 35.44
C PHE B 79 31.85 -20.59 35.17
N LYS B 80 31.86 -20.95 33.89
CA LYS B 80 31.92 -22.34 33.44
C LYS B 80 33.32 -22.59 32.88
N CYS B 81 34.22 -23.05 33.73
CA CYS B 81 35.62 -23.29 33.35
C CYS B 81 35.76 -24.74 32.92
N TYR B 82 35.55 -24.98 31.62
CA TYR B 82 35.75 -26.31 31.06
C TYR B 82 37.23 -26.61 30.96
N GLY B 83 37.65 -27.77 31.46
CA GLY B 83 39.05 -28.13 31.39
C GLY B 83 39.84 -27.74 32.63
N VAL B 84 40.48 -26.57 32.57
CA VAL B 84 41.31 -26.12 33.68
C VAL B 84 40.47 -25.97 34.95
N SER B 85 41.15 -25.96 36.08
CA SER B 85 40.47 -25.99 37.36
C SER B 85 39.80 -24.64 37.64
N PRO B 86 38.63 -24.65 38.28
CA PRO B 86 37.90 -23.38 38.50
C PRO B 86 38.62 -22.38 39.40
N THR B 87 38.95 -22.78 40.63
CA THR B 87 39.59 -21.87 41.59
C THR B 87 41.11 -22.03 41.64
N LYS B 88 41.64 -23.17 41.22
CA LYS B 88 43.07 -23.34 41.03
C LYS B 88 43.53 -22.90 39.65
N LEU B 89 42.69 -22.17 38.91
CA LEU B 89 43.13 -21.50 37.70
C LEU B 89 44.26 -20.52 38.01
N ASN B 90 44.20 -19.88 39.17
CA ASN B 90 45.26 -18.96 39.58
C ASN B 90 46.60 -19.66 39.69
N ASP B 91 46.59 -20.93 40.10
CA ASP B 91 47.81 -21.71 40.33
C ASP B 91 48.24 -22.49 39.08
N LEU B 92 48.37 -21.78 37.96
CA LEU B 92 48.72 -22.42 36.69
C LEU B 92 49.67 -21.52 35.91
N CYS B 93 50.12 -22.02 34.76
CA CYS B 93 50.99 -21.29 33.85
C CYS B 93 50.46 -21.45 32.43
N PHE B 94 50.63 -20.41 31.62
CA PHE B 94 50.06 -20.40 30.28
C PHE B 94 50.98 -19.67 29.31
N THR B 95 50.79 -19.96 28.02
CA THR B 95 51.56 -19.37 26.94
C THR B 95 50.69 -18.50 26.05
N ASN B 96 49.62 -19.06 25.51
CA ASN B 96 48.72 -18.39 24.58
C ASN B 96 47.43 -18.06 25.32
N VAL B 97 47.20 -16.77 25.58
CA VAL B 97 46.03 -16.30 26.30
C VAL B 97 45.26 -15.36 25.37
N TYR B 98 44.07 -15.79 24.95
CA TYR B 98 43.19 -14.99 24.11
C TYR B 98 41.86 -14.79 24.82
N ALA B 99 41.37 -13.55 24.81
CA ALA B 99 40.10 -13.21 25.43
C ALA B 99 39.13 -12.73 24.36
N ASP B 100 38.00 -13.42 24.23
CA ASP B 100 36.97 -13.08 23.26
C ASP B 100 35.76 -12.51 23.97
N SER B 101 35.22 -11.40 23.46
CA SER B 101 34.11 -10.70 24.07
C SER B 101 33.00 -10.48 23.06
N PHE B 102 31.76 -10.69 23.51
CA PHE B 102 30.56 -10.47 22.72
C PHE B 102 29.39 -10.49 23.70
N VAL B 103 28.23 -10.10 23.20
CA VAL B 103 27.00 -10.07 23.98
C VAL B 103 25.89 -10.79 23.21
N VAL B 104 25.19 -11.67 23.92
CA VAL B 104 24.17 -12.52 23.31
C VAL B 104 23.00 -12.61 24.29
N ARG B 105 21.89 -13.17 23.81
CA ARG B 105 20.72 -13.33 24.66
C ARG B 105 20.98 -14.37 25.75
N GLY B 106 20.25 -14.24 26.86
CA GLY B 106 20.46 -15.12 27.99
C GLY B 106 20.26 -16.58 27.64
N ASP B 107 19.22 -16.88 26.86
CA ASP B 107 18.96 -18.25 26.44
C ASP B 107 19.95 -18.75 25.40
N GLU B 108 20.81 -17.88 24.87
CA GLU B 108 21.85 -18.28 23.93
C GLU B 108 23.24 -18.34 24.56
N VAL B 109 23.36 -18.10 25.87
CA VAL B 109 24.64 -18.28 26.55
C VAL B 109 25.03 -19.75 26.56
N ARG B 110 24.05 -20.65 26.59
CA ARG B 110 24.35 -22.08 26.50
C ARG B 110 25.05 -22.44 25.21
N GLN B 111 24.73 -21.76 24.11
CA GLN B 111 25.39 -22.04 22.84
C GLN B 111 26.86 -21.68 22.86
N ILE B 112 27.29 -20.83 23.79
CA ILE B 112 28.73 -20.53 23.96
C ILE B 112 29.26 -21.57 24.94
N ALA B 113 29.55 -22.74 24.42
CA ALA B 113 29.96 -23.90 25.22
C ALA B 113 30.50 -24.97 24.27
N PRO B 114 31.33 -25.87 24.78
CA PRO B 114 31.90 -26.91 23.91
C PRO B 114 30.83 -27.84 23.36
N GLY B 115 30.83 -28.03 22.05
CA GLY B 115 29.96 -29.00 21.41
C GLY B 115 28.47 -28.77 21.58
N GLN B 116 28.03 -27.51 21.45
CA GLN B 116 26.62 -27.17 21.47
C GLN B 116 26.25 -26.52 20.15
N THR B 117 25.22 -27.05 19.50
CA THR B 117 24.78 -26.57 18.19
C THR B 117 23.64 -25.58 18.37
N GLY B 118 23.77 -24.42 17.71
CA GLY B 118 22.75 -23.40 17.75
C GLY B 118 23.10 -22.30 16.77
N LYS B 119 22.16 -21.38 16.58
CA LYS B 119 22.34 -20.32 15.58
C LYS B 119 23.57 -19.48 15.90
N ILE B 120 23.80 -19.19 17.18
CA ILE B 120 24.99 -18.43 17.54
C ILE B 120 26.25 -19.25 17.35
N ALA B 121 26.25 -20.50 17.83
CA ALA B 121 27.46 -21.30 17.77
C ALA B 121 27.77 -21.74 16.34
N ASP B 122 26.73 -22.11 15.57
CA ASP B 122 26.97 -22.63 14.23
C ASP B 122 27.44 -21.53 13.29
N TYR B 123 26.93 -20.30 13.44
CA TYR B 123 27.16 -19.26 12.45
C TYR B 123 27.88 -18.02 12.97
N ASN B 124 28.02 -17.85 14.28
CA ASN B 124 28.64 -16.64 14.82
C ASN B 124 29.95 -16.92 15.55
N TYR B 125 29.95 -17.78 16.57
CA TYR B 125 31.13 -18.01 17.38
C TYR B 125 31.09 -19.42 17.94
N LYS B 126 32.07 -20.25 17.58
CA LYS B 126 32.09 -21.65 17.95
C LYS B 126 33.31 -21.95 18.81
N LEU B 127 33.08 -22.59 19.97
CA LEU B 127 34.18 -23.09 20.78
C LEU B 127 34.56 -24.49 20.35
N PRO B 128 35.84 -24.85 20.47
CA PRO B 128 36.26 -26.22 20.13
C PRO B 128 35.61 -27.24 21.05
N ASP B 129 35.38 -28.44 20.52
CA ASP B 129 34.89 -29.53 21.36
C ASP B 129 35.95 -29.97 22.36
N ASP B 130 37.22 -29.75 22.05
CA ASP B 130 38.33 -30.02 22.94
C ASP B 130 38.78 -28.78 23.71
N PHE B 131 38.00 -27.71 23.67
CA PHE B 131 38.41 -26.43 24.22
C PHE B 131 38.68 -26.53 25.73
N MET B 132 39.77 -25.90 26.15
CA MET B 132 40.10 -25.73 27.56
C MET B 132 40.17 -24.24 27.86
N GLY B 133 39.54 -23.83 28.95
CA GLY B 133 39.44 -22.43 29.29
C GLY B 133 38.17 -22.18 30.09
N CYS B 134 37.62 -20.98 29.94
CA CYS B 134 36.45 -20.58 30.72
C CYS B 134 35.52 -19.73 29.86
N VAL B 135 34.24 -19.74 30.24
CA VAL B 135 33.22 -18.87 29.67
C VAL B 135 32.60 -18.07 30.81
N ILE B 136 32.57 -16.75 30.66
CA ILE B 136 32.11 -15.84 31.71
C ILE B 136 31.03 -14.94 31.13
N ALA B 137 29.94 -14.77 31.87
CA ALA B 137 28.83 -13.93 31.40
C ALA B 137 28.17 -13.24 32.60
N TRP B 138 27.52 -12.12 32.32
CA TRP B 138 26.74 -11.39 33.32
C TRP B 138 25.52 -10.77 32.66
N ASN B 139 24.68 -10.12 33.49
CA ASN B 139 23.30 -9.84 33.11
C ASN B 139 23.16 -8.69 32.12
N SER B 140 24.07 -7.71 32.12
CA SER B 140 23.97 -6.53 31.25
C SER B 140 22.68 -5.79 31.59
N ILE B 141 21.81 -5.48 30.62
CA ILE B 141 20.57 -4.75 30.82
C ILE B 141 20.80 -3.31 31.27
N SER B 142 21.61 -3.12 32.31
CA SER B 142 21.77 -1.78 32.88
C SER B 142 22.35 -0.81 31.85
N LEU B 143 23.28 -1.28 31.03
CA LEU B 143 24.00 -0.42 30.09
C LEU B 143 23.64 -0.66 28.64
N ASP B 144 23.54 -1.92 28.21
CA ASP B 144 23.32 -2.25 26.81
C ASP B 144 21.85 -2.41 26.46
N ALA B 145 20.93 -2.01 27.35
CA ALA B 145 19.51 -1.94 27.04
C ALA B 145 18.90 -0.65 27.57
N LYS B 146 19.67 0.44 27.60
CA LYS B 146 19.23 1.69 28.22
C LYS B 146 17.94 2.20 27.57
N VAL B 147 17.17 2.95 28.35
CA VAL B 147 15.95 3.55 27.84
C VAL B 147 16.30 4.43 26.65
N GLY B 148 15.72 4.12 25.49
CA GLY B 148 16.14 4.74 24.26
C GLY B 148 17.57 4.37 23.95
N GLY B 149 17.79 3.09 23.64
CA GLY B 149 19.13 2.54 23.48
C GLY B 149 20.00 3.26 22.47
N ASN B 150 21.22 3.62 22.89
CA ASN B 150 22.15 4.31 22.02
C ASN B 150 22.88 3.33 21.09
N TYR B 151 23.08 2.10 21.51
CA TYR B 151 23.77 1.11 20.68
C TYR B 151 22.76 0.29 19.88
N ASN B 152 23.29 -0.70 19.14
CA ASN B 152 22.48 -1.71 18.47
C ASN B 152 23.39 -2.89 18.23
N TYR B 153 23.09 -4.04 18.84
CA TYR B 153 23.87 -5.24 18.53
C TYR B 153 23.16 -6.05 17.46
N TYR B 154 23.87 -7.04 16.93
CA TYR B 154 23.44 -7.79 15.77
C TYR B 154 23.84 -9.25 15.91
N TYR B 155 23.34 -10.08 15.00
CA TYR B 155 23.66 -11.50 14.98
C TYR B 155 23.42 -12.02 13.58
N ARG B 156 24.07 -13.14 13.26
CA ARG B 156 23.97 -13.78 11.94
C ARG B 156 22.94 -14.90 12.00
N LEU B 157 22.00 -14.88 11.07
CA LEU B 157 20.90 -15.84 11.05
C LEU B 157 21.14 -17.00 10.08
N PHE B 158 21.61 -16.72 8.87
CA PHE B 158 21.82 -17.73 7.85
C PHE B 158 23.29 -17.77 7.44
N ARG B 159 23.77 -18.98 7.14
CA ARG B 159 25.06 -19.15 6.49
C ARG B 159 25.07 -20.49 5.77
N LYS B 160 25.92 -20.59 4.74
CA LYS B 160 26.00 -21.81 3.96
C LYS B 160 26.56 -22.97 4.78
N SER B 161 27.56 -22.69 5.63
CA SER B 161 28.28 -23.73 6.34
C SER B 161 28.37 -23.39 7.82
N VAL B 162 28.50 -24.43 8.64
CA VAL B 162 28.75 -24.25 10.06
C VAL B 162 30.19 -23.82 10.29
N LEU B 163 30.38 -22.82 11.14
CA LEU B 163 31.71 -22.30 11.40
C LEU B 163 32.58 -23.34 12.10
N LYS B 164 33.83 -23.45 11.65
CA LYS B 164 34.81 -24.24 12.35
C LYS B 164 35.21 -23.54 13.65
N PRO B 165 35.76 -24.29 14.62
CA PRO B 165 36.08 -23.67 15.92
C PRO B 165 37.01 -22.46 15.76
N PHE B 166 36.69 -21.41 16.50
CA PHE B 166 37.45 -20.15 16.49
C PHE B 166 37.60 -19.59 15.07
N GLU B 167 36.47 -19.51 14.37
CA GLU B 167 36.39 -18.91 13.05
C GLU B 167 35.41 -17.75 13.08
N ARG B 168 35.66 -16.75 12.24
CA ARG B 168 34.78 -15.59 12.13
C ARG B 168 34.47 -15.31 10.68
N ASP B 169 33.25 -14.82 10.43
CA ASP B 169 32.82 -14.40 9.10
C ASP B 169 32.00 -13.13 9.26
N ILE B 170 32.52 -12.01 8.75
CA ILE B 170 31.82 -10.74 8.78
C ILE B 170 31.12 -10.46 7.44
N SER B 171 30.90 -11.51 6.64
CA SER B 171 30.34 -11.34 5.30
C SER B 171 28.98 -10.68 5.35
N THR B 172 28.82 -9.64 4.53
CA THR B 172 27.51 -9.03 4.27
C THR B 172 26.85 -9.60 3.02
N GLN B 173 27.43 -10.66 2.45
CA GLN B 173 26.93 -11.23 1.21
C GLN B 173 25.61 -11.97 1.43
N LEU B 174 24.70 -11.84 0.48
CA LEU B 174 23.37 -12.38 0.62
C LEU B 174 23.39 -13.91 0.57
N TYR B 175 22.31 -14.50 1.10
CA TYR B 175 22.15 -15.95 1.18
C TYR B 175 21.00 -16.37 0.28
N GLN B 176 21.17 -17.50 -0.41
CA GLN B 176 20.17 -18.02 -1.33
C GLN B 176 19.54 -19.28 -0.76
N ALA B 177 18.21 -19.39 -0.90
CA ALA B 177 17.50 -20.56 -0.42
C ALA B 177 17.57 -21.69 -1.45
N GLY B 178 17.04 -21.46 -2.65
CA GLY B 178 17.30 -22.29 -3.79
C GLY B 178 18.41 -21.70 -4.65
N ASP B 179 18.49 -22.18 -5.88
CA ASP B 179 19.43 -21.59 -6.84
C ASP B 179 18.89 -20.22 -7.21
N LYS B 180 19.46 -19.16 -6.64
CA LYS B 180 18.87 -17.84 -6.71
C LYS B 180 19.88 -16.80 -7.17
N PRO B 181 19.45 -15.84 -7.98
CA PRO B 181 20.30 -14.67 -8.24
C PRO B 181 20.19 -13.68 -7.10
N CYS B 182 21.20 -13.63 -6.22
CA CYS B 182 21.16 -12.74 -5.07
C CYS B 182 22.01 -11.51 -5.36
N SER B 183 21.43 -10.62 -6.18
CA SER B 183 21.93 -9.26 -6.32
C SER B 183 20.97 -8.23 -5.75
N VAL B 184 19.75 -8.64 -5.43
CA VAL B 184 18.72 -7.77 -4.85
C VAL B 184 18.09 -8.51 -3.68
N GLU B 185 17.81 -7.77 -2.60
CA GLU B 185 17.01 -8.32 -1.52
C GLU B 185 15.66 -8.76 -2.08
N GLY B 186 15.40 -10.06 -2.11
CA GLY B 186 14.24 -10.57 -2.80
C GLY B 186 13.50 -11.65 -2.05
N PRO B 187 12.53 -12.29 -2.73
CA PRO B 187 11.71 -13.30 -2.05
C PRO B 187 12.50 -14.46 -1.46
N ASP B 188 13.58 -14.88 -2.11
CA ASP B 188 14.41 -15.96 -1.60
C ASP B 188 15.85 -15.56 -1.33
N CYS B 189 16.21 -14.29 -1.51
CA CYS B 189 17.51 -13.78 -1.12
C CYS B 189 17.33 -12.99 0.18
N TYR B 190 17.83 -13.55 1.28
CA TYR B 190 17.62 -12.99 2.61
C TYR B 190 18.93 -12.39 3.11
N TYR B 191 18.83 -11.18 3.66
CA TYR B 191 20.01 -10.50 4.20
C TYR B 191 20.59 -11.34 5.34
N PRO B 192 21.88 -11.68 5.28
CA PRO B 192 22.41 -12.65 6.26
C PRO B 192 22.35 -12.18 7.70
N LEU B 193 22.44 -10.88 7.96
CA LEU B 193 22.52 -10.36 9.31
C LEU B 193 21.14 -9.92 9.80
N GLN B 194 20.93 -10.04 11.11
CA GLN B 194 19.72 -9.58 11.77
C GLN B 194 20.09 -8.89 13.07
N SER B 195 19.16 -8.09 13.59
CA SER B 195 19.41 -7.21 14.71
C SER B 195 18.78 -7.72 16.00
N TYR B 196 19.51 -7.57 17.10
CA TYR B 196 18.95 -7.75 18.42
C TYR B 196 18.20 -6.50 18.86
N TYR B 197 16.98 -6.68 19.36
CA TYR B 197 16.16 -5.58 19.89
C TYR B 197 15.96 -5.83 21.38
N PHE B 198 16.78 -5.16 22.20
CA PHE B 198 16.79 -5.36 23.63
C PHE B 198 15.99 -4.25 24.31
N GLN B 199 15.00 -4.65 25.10
CA GLN B 199 14.16 -3.71 25.85
C GLN B 199 14.07 -4.17 27.29
N SER B 200 13.75 -3.21 28.17
CA SER B 200 13.63 -3.52 29.59
C SER B 200 12.51 -4.53 29.85
N THR B 201 11.39 -4.40 29.13
CA THR B 201 10.24 -5.27 29.32
C THR B 201 10.49 -6.70 28.84
N ASN B 202 11.56 -6.94 28.11
CA ASN B 202 11.85 -8.29 27.61
C ASN B 202 12.15 -9.25 28.75
N GLY B 203 11.91 -10.54 28.49
CA GLY B 203 12.22 -11.57 29.47
C GLY B 203 13.69 -11.92 29.50
N VAL B 204 14.06 -12.71 30.50
CA VAL B 204 15.47 -13.06 30.72
C VAL B 204 16.03 -13.75 29.48
N GLY B 205 15.22 -14.59 28.83
CA GLY B 205 15.69 -15.24 27.61
C GLY B 205 16.00 -14.25 26.50
N TYR B 206 15.22 -13.19 26.40
CA TYR B 206 15.39 -12.17 25.36
C TYR B 206 16.03 -10.89 25.88
N GLN B 207 16.61 -10.92 27.08
CA GLN B 207 17.40 -9.81 27.62
C GLN B 207 18.86 -9.97 27.20
N PRO B 208 19.59 -8.86 27.02
CA PRO B 208 21.00 -8.99 26.64
C PRO B 208 21.84 -9.59 27.76
N TYR B 209 22.88 -10.32 27.37
CA TYR B 209 23.83 -10.90 28.32
C TYR B 209 25.24 -10.75 27.75
N ARG B 210 26.14 -10.17 28.53
CA ARG B 210 27.51 -9.92 28.08
C ARG B 210 28.39 -11.11 28.41
N VAL B 211 29.07 -11.64 27.40
CA VAL B 211 29.86 -12.86 27.50
C VAL B 211 31.31 -12.55 27.18
N VAL B 212 32.22 -12.98 28.06
CA VAL B 212 33.65 -12.92 27.81
C VAL B 212 34.22 -14.32 27.97
N VAL B 213 34.95 -14.80 26.95
CA VAL B 213 35.53 -16.12 26.95
C VAL B 213 37.05 -15.98 27.00
N LEU B 214 37.67 -16.64 27.97
CA LEU B 214 39.12 -16.65 28.12
C LEU B 214 39.66 -17.94 27.53
N SER B 215 40.45 -17.82 26.46
CA SER B 215 40.98 -18.98 25.75
C SER B 215 42.42 -19.22 26.20
N PHE B 216 42.55 -19.81 27.39
CA PHE B 216 43.85 -20.26 27.86
C PHE B 216 44.37 -21.38 26.98
N GLU B 217 45.70 -21.42 26.82
CA GLU B 217 46.30 -22.40 25.93
C GLU B 217 47.73 -22.66 26.37
N LEU B 218 48.21 -23.87 26.10
CA LEU B 218 49.54 -24.32 26.50
C LEU B 218 50.37 -24.58 25.25
N LEU B 219 51.59 -24.03 25.23
CA LEU B 219 52.52 -24.20 24.12
C LEU B 219 53.85 -24.70 24.65
N ASN B 220 54.50 -25.57 23.89
CA ASN B 220 55.84 -26.03 24.23
C ASN B 220 56.88 -24.90 24.14
N ALA B 221 56.53 -23.81 23.45
CA ALA B 221 57.37 -22.63 23.39
C ALA B 221 57.35 -21.92 24.74
N PRO B 222 58.29 -21.00 24.98
CA PRO B 222 58.32 -20.31 26.27
C PRO B 222 57.00 -19.60 26.58
N ALA B 223 56.62 -19.63 27.86
CA ALA B 223 55.33 -19.13 28.31
C ALA B 223 55.31 -17.61 28.38
N THR B 224 54.11 -17.05 28.50
CA THR B 224 53.90 -15.61 28.48
C THR B 224 53.20 -15.05 29.71
N VAL B 225 52.28 -15.80 30.33
CA VAL B 225 51.52 -15.34 31.50
C VAL B 225 51.21 -16.54 32.39
N CYS B 226 51.53 -16.43 33.68
CA CYS B 226 51.21 -17.50 34.62
C CYS B 226 50.24 -17.08 35.71
N GLY B 227 50.57 -16.08 36.52
CA GLY B 227 49.80 -15.77 37.71
C GLY B 227 50.62 -15.08 38.78
N PRO B 228 49.94 -14.54 39.82
CA PRO B 228 50.60 -13.66 40.79
C PRO B 228 51.68 -14.33 41.62
N LYS B 229 51.35 -15.45 42.25
CA LYS B 229 52.34 -16.17 43.04
C LYS B 229 53.45 -16.72 42.15
N LYS B 230 53.09 -17.19 40.97
CA LYS B 230 54.05 -17.81 40.06
C LYS B 230 54.60 -16.80 39.06
N SER B 231 55.33 -15.81 39.60
CA SER B 231 55.97 -14.82 38.74
C SER B 231 57.25 -15.34 38.10
N THR B 232 57.90 -16.34 38.71
CA THR B 232 59.11 -16.92 38.16
C THR B 232 58.93 -18.35 37.66
N HIS B 233 57.72 -18.90 37.72
CA HIS B 233 57.47 -20.27 37.30
C HIS B 233 57.73 -20.42 35.80
N LEU B 234 56.95 -19.74 34.96
CA LEU B 234 57.16 -19.77 33.52
C LEU B 234 56.92 -18.45 32.80
N VAL B 235 56.30 -17.45 33.44
CA VAL B 235 55.95 -16.21 32.75
C VAL B 235 57.20 -15.41 32.39
N VAL B 236 58.17 -15.31 33.30
CA VAL B 236 59.41 -14.58 33.01
C VAL B 236 60.35 -15.46 32.22
N ASN B 237 61.40 -14.85 31.66
CA ASN B 237 62.38 -15.57 30.85
C ASN B 237 63.51 -16.11 31.72
N SER C 2 5.98 -20.70 -26.43
CA SER C 2 6.29 -19.29 -26.21
C SER C 2 5.29 -18.67 -25.22
N THR C 3 5.80 -17.91 -24.26
CA THR C 3 4.94 -17.25 -23.28
C THR C 3 4.06 -16.21 -23.96
N ILE C 4 2.85 -16.05 -23.44
CA ILE C 4 1.92 -15.07 -23.99
C ILE C 4 2.49 -13.66 -23.87
N GLU C 5 3.26 -13.40 -22.81
CA GLU C 5 3.93 -12.12 -22.67
C GLU C 5 4.94 -11.88 -23.80
N GLU C 6 5.78 -12.89 -24.07
CA GLU C 6 6.80 -12.73 -25.11
C GLU C 6 6.20 -12.74 -26.51
N GLN C 7 5.08 -13.44 -26.70
CA GLN C 7 4.36 -13.33 -27.97
C GLN C 7 3.84 -11.91 -28.19
N ALA C 8 3.27 -11.31 -27.14
CA ALA C 8 2.78 -9.94 -27.24
C ALA C 8 3.91 -8.94 -27.27
N LYS C 9 5.03 -9.24 -26.60
CA LYS C 9 6.21 -8.38 -26.72
C LYS C 9 6.67 -8.30 -28.18
N THR C 10 6.71 -9.44 -28.86
CA THR C 10 7.03 -9.45 -30.28
C THR C 10 5.94 -8.76 -31.10
N PHE C 11 4.67 -8.94 -30.70
CA PHE C 11 3.59 -8.22 -31.38
C PHE C 11 3.75 -6.71 -31.24
N LEU C 12 4.10 -6.24 -30.04
CA LEU C 12 4.33 -4.82 -29.85
C LEU C 12 5.53 -4.33 -30.64
N ASP C 13 6.59 -5.16 -30.74
CA ASP C 13 7.74 -4.81 -31.57
C ASP C 13 7.32 -4.58 -33.02
N LYS C 14 6.48 -5.48 -33.56
CA LYS C 14 6.02 -5.30 -34.93
C LYS C 14 5.14 -4.06 -35.06
N PHE C 15 4.28 -3.81 -34.06
CA PHE C 15 3.40 -2.65 -34.12
C PHE C 15 4.20 -1.35 -34.12
N ASN C 16 5.12 -1.20 -33.16
CA ASN C 16 5.84 0.07 -33.01
C ASN C 16 6.59 0.43 -34.28
N HIS C 17 7.24 -0.55 -34.91
CA HIS C 17 8.00 -0.26 -36.12
C HIS C 17 7.07 -0.04 -37.31
N GLU C 18 5.92 -0.71 -37.34
CA GLU C 18 4.95 -0.47 -38.41
C GLU C 18 4.13 0.79 -38.16
N ALA C 19 3.88 1.13 -36.90
CA ALA C 19 3.01 2.27 -36.60
C ALA C 19 3.68 3.60 -36.93
N GLU C 20 4.98 3.72 -36.68
CA GLU C 20 5.62 5.03 -36.76
C GLU C 20 5.58 5.59 -38.17
N ASP C 21 5.79 4.76 -39.19
CA ASP C 21 5.74 5.27 -40.56
C ASP C 21 4.32 5.64 -40.96
N LEU C 22 3.33 4.87 -40.51
CA LEU C 22 1.95 5.18 -40.86
C LEU C 22 1.49 6.46 -40.19
N PHE C 23 1.80 6.63 -38.90
CA PHE C 23 1.48 7.88 -38.22
C PHE C 23 2.27 9.05 -38.80
N TYR C 24 3.50 8.79 -39.25
CA TYR C 24 4.29 9.85 -39.87
C TYR C 24 3.61 10.37 -41.13
N GLN C 25 3.16 9.46 -41.99
CA GLN C 25 2.51 9.87 -43.23
C GLN C 25 1.21 10.62 -42.97
N SER C 26 0.40 10.14 -42.02
CA SER C 26 -0.83 10.84 -41.68
C SER C 26 -0.53 12.23 -41.11
N SER C 27 0.48 12.33 -40.25
CA SER C 27 0.86 13.63 -39.70
C SER C 27 1.52 14.50 -40.77
N LEU C 28 2.36 13.89 -41.61
CA LEU C 28 3.03 14.65 -42.67
C LEU C 28 2.01 15.23 -43.65
N ALA C 29 0.97 14.45 -43.98
CA ALA C 29 -0.08 14.94 -44.86
C ALA C 29 -0.96 15.96 -44.14
N SER C 30 -1.28 15.71 -42.86
CA SER C 30 -2.09 16.66 -42.11
C SER C 30 -1.37 17.99 -41.96
N TRP C 31 -0.03 17.97 -41.99
CA TRP C 31 0.74 19.20 -41.98
C TRP C 31 0.57 19.98 -43.28
N ASN C 32 0.36 19.28 -44.39
CA ASN C 32 0.29 19.96 -45.69
C ASN C 32 -0.99 20.79 -45.81
N TYR C 33 -2.12 20.26 -45.37
CA TYR C 33 -3.37 21.03 -45.45
C TYR C 33 -3.33 22.23 -44.53
N ASN C 34 -2.82 22.07 -43.31
CA ASN C 34 -2.81 23.16 -42.35
C ASN C 34 -1.81 24.25 -42.73
N THR C 35 -0.79 23.94 -43.53
CA THR C 35 0.17 24.94 -43.96
C THR C 35 -0.13 25.49 -45.36
N ASN C 36 -0.86 24.72 -46.18
CA ASN C 36 -1.12 25.08 -47.57
C ASN C 36 -2.47 24.46 -47.92
N ILE C 37 -3.54 25.24 -47.76
CA ILE C 37 -4.90 24.73 -47.84
C ILE C 37 -5.25 24.49 -49.31
N THR C 38 -5.66 23.26 -49.61
CA THR C 38 -6.07 22.86 -50.95
C THR C 38 -6.95 21.62 -50.82
N GLU C 39 -7.92 21.50 -51.73
CA GLU C 39 -8.72 20.27 -51.76
C GLU C 39 -7.89 19.07 -52.19
N GLU C 40 -6.80 19.28 -52.94
CA GLU C 40 -5.88 18.19 -53.23
C GLU C 40 -5.19 17.70 -51.96
N ASN C 41 -4.84 18.62 -51.06
CA ASN C 41 -4.19 18.25 -49.81
C ASN C 41 -5.19 17.79 -48.76
N VAL C 42 -6.45 18.21 -48.84
CA VAL C 42 -7.44 17.77 -47.85
C VAL C 42 -7.78 16.29 -48.06
N GLN C 43 -7.69 15.79 -49.29
CA GLN C 43 -7.94 14.39 -49.54
C GLN C 43 -6.77 13.51 -49.09
N ASN C 44 -5.54 13.97 -49.32
CA ASN C 44 -4.37 13.21 -48.88
C ASN C 44 -4.37 13.03 -47.37
N MET C 45 -4.68 14.10 -46.63
CA MET C 45 -4.73 14.02 -45.18
C MET C 45 -5.86 13.11 -44.72
N ASN C 46 -7.04 13.22 -45.34
CA ASN C 46 -8.16 12.36 -44.97
C ASN C 46 -7.90 10.90 -45.34
N ASN C 47 -7.29 10.66 -46.51
CA ASN C 47 -6.98 9.29 -46.91
C ASN C 47 -5.96 8.67 -45.96
N ALA C 48 -4.89 9.42 -45.64
CA ALA C 48 -3.88 8.91 -44.73
C ALA C 48 -4.45 8.71 -43.33
N GLY C 49 -5.34 9.59 -42.89
CA GLY C 49 -5.97 9.41 -41.61
C GLY C 49 -6.84 8.16 -41.56
N ASP C 50 -7.57 7.88 -42.64
CA ASP C 50 -8.37 6.67 -42.71
C ASP C 50 -7.50 5.42 -42.72
N LYS C 51 -6.37 5.45 -43.44
CA LYS C 51 -5.43 4.33 -43.40
C LYS C 51 -4.87 4.13 -42.00
N TRP C 52 -4.53 5.23 -41.31
CA TRP C 52 -4.00 5.13 -39.96
C TRP C 52 -5.02 4.51 -39.01
N SER C 53 -6.28 4.92 -39.13
CA SER C 53 -7.34 4.30 -38.32
C SER C 53 -7.51 2.84 -38.67
N ALA C 54 -7.39 2.50 -39.96
CA ALA C 54 -7.46 1.10 -40.37
C ALA C 54 -6.34 0.29 -39.72
N PHE C 55 -5.13 0.86 -39.66
CA PHE C 55 -4.04 0.17 -38.97
C PHE C 55 -4.34 -0.01 -37.49
N LEU C 56 -4.90 1.02 -36.85
CA LEU C 56 -5.28 0.88 -35.45
C LEU C 56 -6.39 -0.16 -35.29
N LYS C 57 -7.38 -0.15 -36.19
CA LYS C 57 -8.48 -1.10 -36.08
C LYS C 57 -7.99 -2.53 -36.29
N GLU C 58 -7.12 -2.75 -37.27
CA GLU C 58 -6.58 -4.09 -37.51
C GLU C 58 -5.80 -4.56 -36.28
N GLN C 59 -4.89 -3.74 -35.78
CA GLN C 59 -4.09 -4.14 -34.63
C GLN C 59 -4.87 -4.11 -33.33
N SER C 60 -6.05 -3.47 -33.29
CA SER C 60 -6.89 -3.54 -32.10
C SER C 60 -7.47 -4.93 -31.94
N THR C 61 -8.04 -5.49 -33.02
CA THR C 61 -8.61 -6.82 -32.95
C THR C 61 -7.53 -7.87 -32.70
N LEU C 62 -6.37 -7.71 -33.36
CA LEU C 62 -5.27 -8.64 -33.15
C LEU C 62 -4.72 -8.55 -31.73
N ALA C 63 -4.77 -7.37 -31.12
CA ALA C 63 -4.20 -7.20 -29.78
C ALA C 63 -4.98 -8.02 -28.75
N GLN C 64 -6.30 -8.13 -28.93
CA GLN C 64 -7.13 -8.87 -27.99
C GLN C 64 -6.84 -10.37 -27.99
N MET C 65 -6.11 -10.88 -28.99
CA MET C 65 -5.73 -12.29 -28.98
C MET C 65 -4.81 -12.62 -27.81
N TYR C 66 -4.09 -11.63 -27.29
CA TYR C 66 -3.28 -11.79 -26.09
C TYR C 66 -4.05 -11.23 -24.91
N PRO C 67 -4.68 -12.05 -24.07
CA PRO C 67 -5.45 -11.51 -22.94
C PRO C 67 -4.54 -10.78 -21.96
N LEU C 68 -5.10 -9.73 -21.34
CA LEU C 68 -4.32 -8.85 -20.48
C LEU C 68 -3.89 -9.52 -19.18
N GLN C 69 -4.58 -10.60 -18.76
CA GLN C 69 -4.25 -11.23 -17.49
C GLN C 69 -2.92 -11.98 -17.56
N GLU C 70 -2.66 -12.69 -18.67
CA GLU C 70 -1.46 -13.51 -18.79
C GLU C 70 -0.18 -12.70 -18.75
N ILE C 71 -0.23 -11.43 -19.13
CA ILE C 71 0.95 -10.58 -19.22
C ILE C 71 1.24 -9.97 -17.85
N GLN C 72 2.52 -9.73 -17.58
CA GLN C 72 2.93 -9.29 -16.24
C GLN C 72 3.82 -8.06 -16.26
N ASN C 73 4.58 -7.87 -17.33
CA ASN C 73 5.41 -6.67 -17.46
C ASN C 73 4.50 -5.46 -17.66
N LEU C 74 4.61 -4.49 -16.76
CA LEU C 74 3.65 -3.38 -16.75
C LEU C 74 3.73 -2.54 -18.03
N THR C 75 4.95 -2.29 -18.52
CA THR C 75 5.09 -1.57 -19.78
C THR C 75 4.36 -2.28 -20.91
N VAL C 76 4.39 -3.61 -20.89
CA VAL C 76 3.66 -4.37 -21.90
C VAL C 76 2.15 -4.24 -21.70
N LYS C 77 1.69 -4.30 -20.45
CA LYS C 77 0.25 -4.24 -20.18
C LYS C 77 -0.35 -2.93 -20.67
N LEU C 78 0.31 -1.81 -20.40
CA LEU C 78 -0.24 -0.50 -20.78
C LEU C 78 -0.33 -0.37 -22.29
N GLN C 79 0.69 -0.84 -23.02
CA GLN C 79 0.70 -0.69 -24.47
C GLN C 79 -0.44 -1.47 -25.12
N LEU C 80 -0.67 -2.71 -24.70
CA LEU C 80 -1.75 -3.49 -25.29
C LEU C 80 -3.12 -2.95 -24.92
N GLN C 81 -3.28 -2.41 -23.70
CA GLN C 81 -4.60 -1.97 -23.27
C GLN C 81 -5.16 -0.88 -24.18
N ALA C 82 -4.32 0.09 -24.55
CA ALA C 82 -4.74 1.10 -25.50
C ALA C 82 -5.03 0.47 -26.87
N LEU C 83 -4.19 -0.48 -27.28
CA LEU C 83 -4.44 -1.20 -28.53
C LEU C 83 -5.71 -2.04 -28.43
N GLN C 84 -5.93 -2.71 -27.31
CA GLN C 84 -7.05 -3.63 -27.13
C GLN C 84 -8.39 -2.92 -27.00
N GLN C 85 -8.44 -1.59 -27.04
CA GLN C 85 -9.68 -0.86 -26.82
C GLN C 85 -10.66 -1.18 -27.95
N ASN C 86 -11.70 -1.95 -27.63
CA ASN C 86 -12.76 -2.19 -28.61
C ASN C 86 -13.44 -0.89 -29.01
N GLY C 87 -13.68 -0.01 -28.05
CA GLY C 87 -14.25 1.29 -28.36
C GLY C 87 -15.63 1.17 -28.96
N SER C 88 -15.85 1.86 -30.08
CA SER C 88 -17.13 1.85 -30.76
C SER C 88 -17.35 0.59 -31.59
N SER C 89 -16.32 -0.23 -31.78
CA SER C 89 -16.47 -1.47 -32.54
C SER C 89 -17.40 -2.47 -31.86
N VAL C 90 -17.55 -2.36 -30.54
CA VAL C 90 -18.45 -3.25 -29.81
C VAL C 90 -19.91 -2.98 -30.15
N LEU C 91 -20.24 -1.79 -30.64
CA LEU C 91 -21.60 -1.48 -31.03
C LEU C 91 -21.95 -2.19 -32.34
N SER C 92 -23.26 -2.29 -32.60
CA SER C 92 -23.72 -2.79 -33.88
C SER C 92 -23.32 -1.82 -34.99
N GLU C 93 -23.16 -2.37 -36.20
CA GLU C 93 -22.59 -1.59 -37.29
C GLU C 93 -23.47 -0.40 -37.66
N ASP C 94 -24.79 -0.58 -37.69
CA ASP C 94 -25.68 0.52 -38.05
C ASP C 94 -25.79 1.55 -36.92
N LYS C 95 -25.82 1.09 -35.67
CA LYS C 95 -25.92 2.02 -34.55
C LYS C 95 -24.70 2.93 -34.47
N SER C 96 -23.50 2.38 -34.68
CA SER C 96 -22.30 3.20 -34.63
C SER C 96 -22.28 4.22 -35.77
N LYS C 97 -22.75 3.83 -36.95
CA LYS C 97 -22.86 4.78 -38.05
C LYS C 97 -23.86 5.88 -37.73
N ARG C 98 -24.89 5.57 -36.95
CA ARG C 98 -25.81 6.60 -36.49
C ARG C 98 -25.12 7.59 -35.56
N LEU C 99 -24.25 7.10 -34.67
CA LEU C 99 -23.56 7.98 -33.73
C LEU C 99 -22.69 9.00 -34.47
N ASN C 100 -21.94 8.54 -35.47
CA ASN C 100 -21.10 9.44 -36.24
C ASN C 100 -21.94 10.43 -37.05
N THR C 101 -23.11 10.00 -37.52
CA THR C 101 -24.02 10.92 -38.19
C THR C 101 -24.53 11.98 -37.22
N ILE C 102 -24.82 11.58 -35.97
CA ILE C 102 -25.26 12.54 -34.97
C ILE C 102 -24.15 13.55 -34.66
N LEU C 103 -22.94 13.04 -34.44
CA LEU C 103 -21.83 13.92 -34.05
C LEU C 103 -21.46 14.88 -35.17
N ASN C 104 -21.46 14.40 -36.42
CA ASN C 104 -21.14 15.28 -37.54
C ASN C 104 -22.22 16.34 -37.73
N THR C 105 -23.46 16.06 -37.32
CA THR C 105 -24.50 17.08 -37.36
C THR C 105 -24.26 18.16 -36.31
N MET C 106 -23.95 17.74 -35.08
CA MET C 106 -23.70 18.70 -34.01
C MET C 106 -22.50 19.58 -34.32
N SER C 107 -21.48 19.05 -34.98
CA SER C 107 -20.29 19.84 -35.29
C SER C 107 -20.63 20.96 -36.28
N THR C 108 -21.38 20.65 -37.34
CA THR C 108 -21.68 21.64 -38.36
C THR C 108 -22.77 22.63 -37.90
N ILE C 109 -23.72 22.19 -37.08
CA ILE C 109 -24.70 23.12 -36.53
C ILE C 109 -23.99 24.15 -35.65
N TYR C 110 -23.09 23.69 -34.79
CA TYR C 110 -22.27 24.60 -34.00
C TYR C 110 -21.37 25.44 -34.90
N SER C 111 -20.97 24.90 -36.06
CA SER C 111 -20.05 25.61 -36.94
C SER C 111 -20.77 26.64 -37.81
N THR C 112 -21.88 26.25 -38.43
CA THR C 112 -22.57 27.08 -39.41
C THR C 112 -24.06 27.18 -39.11
N GLY C 113 -24.40 27.41 -37.84
CA GLY C 113 -25.77 27.72 -37.47
C GLY C 113 -25.85 29.06 -36.78
N LYS C 114 -26.47 30.05 -37.41
CA LYS C 114 -26.41 31.42 -36.94
C LYS C 114 -27.80 31.93 -36.58
N VAL C 115 -27.83 33.20 -36.14
CA VAL C 115 -29.06 33.91 -35.84
C VAL C 115 -28.90 35.35 -36.34
N CYS C 116 -30.01 35.96 -36.74
CA CYS C 116 -30.01 37.26 -37.36
C CYS C 116 -30.62 38.31 -36.44
N ASN C 117 -30.31 39.58 -36.74
CA ASN C 117 -30.86 40.69 -35.97
C ASN C 117 -32.37 40.78 -36.19
N PRO C 118 -33.17 40.95 -35.14
CA PRO C 118 -34.61 41.17 -35.36
C PRO C 118 -34.90 42.44 -36.17
N ASP C 119 -34.09 43.49 -36.00
CA ASP C 119 -34.26 44.73 -36.73
C ASP C 119 -33.57 44.72 -38.09
N ASN C 120 -32.47 43.99 -38.22
CA ASN C 120 -31.70 43.93 -39.47
C ASN C 120 -31.48 42.46 -39.84
N PRO C 121 -32.47 41.82 -40.47
CA PRO C 121 -32.27 40.44 -40.93
C PRO C 121 -31.19 40.30 -41.99
N GLN C 122 -30.73 41.41 -42.58
CA GLN C 122 -29.62 41.35 -43.51
C GLN C 122 -28.37 40.77 -42.86
N GLU C 123 -28.09 41.16 -41.62
CA GLU C 123 -26.92 40.69 -40.89
C GLU C 123 -27.30 39.45 -40.09
N CYS C 124 -26.94 38.27 -40.61
CA CYS C 124 -27.06 37.02 -39.88
C CYS C 124 -25.66 36.62 -39.44
N LEU C 125 -25.43 36.65 -38.13
CA LEU C 125 -24.09 36.49 -37.57
C LEU C 125 -23.97 35.15 -36.87
N LEU C 126 -22.88 34.43 -37.16
CA LEU C 126 -22.57 33.17 -36.51
C LEU C 126 -21.92 33.43 -35.15
N LEU C 127 -21.62 32.35 -34.43
CA LEU C 127 -20.92 32.46 -33.16
C LEU C 127 -19.57 33.13 -33.34
N GLU C 128 -18.81 32.69 -34.32
CA GLU C 128 -17.48 33.22 -34.61
C GLU C 128 -17.51 33.98 -35.92
N PRO C 129 -17.15 35.28 -35.93
CA PRO C 129 -16.85 36.04 -34.72
C PRO C 129 -17.92 37.09 -34.40
N GLY C 130 -19.15 36.84 -34.84
CA GLY C 130 -20.21 37.81 -34.67
C GLY C 130 -20.75 37.87 -33.25
N LEU C 131 -21.35 36.76 -32.80
CA LEU C 131 -21.92 36.73 -31.46
C LEU C 131 -20.84 36.75 -30.38
N ASN C 132 -19.68 36.16 -30.66
CA ASN C 132 -18.59 36.16 -29.68
C ASN C 132 -18.07 37.58 -29.44
N GLU C 133 -18.01 38.39 -30.49
CA GLU C 133 -17.62 39.79 -30.31
C GLU C 133 -18.62 40.54 -29.46
N ILE C 134 -19.92 40.26 -29.65
CA ILE C 134 -20.94 40.91 -28.85
C ILE C 134 -20.79 40.54 -27.37
N MET C 135 -20.63 39.25 -27.09
CA MET C 135 -20.55 38.80 -25.71
C MET C 135 -19.27 39.24 -25.02
N ALA C 136 -18.25 39.63 -25.77
CA ALA C 136 -16.96 39.97 -25.18
C ALA C 136 -16.70 41.46 -25.10
N ASN C 137 -17.38 42.27 -25.91
CA ASN C 137 -17.15 43.71 -25.94
C ASN C 137 -18.36 44.55 -25.58
N SER C 138 -19.57 44.09 -25.91
CA SER C 138 -20.76 44.91 -25.70
C SER C 138 -21.03 45.13 -24.21
N LEU C 139 -21.59 46.30 -23.90
CA LEU C 139 -22.05 46.62 -22.56
C LEU C 139 -23.57 46.83 -22.51
N ASP C 140 -24.28 46.45 -23.57
CA ASP C 140 -25.73 46.63 -23.64
C ASP C 140 -26.39 45.37 -23.06
N TYR C 141 -27.14 45.55 -21.97
CA TYR C 141 -27.78 44.42 -21.33
C TYR C 141 -28.77 43.73 -22.26
N ASN C 142 -29.58 44.51 -22.99
CA ASN C 142 -30.59 43.92 -23.85
C ASN C 142 -29.97 43.27 -25.08
N GLU C 143 -28.97 43.93 -25.68
CA GLU C 143 -28.31 43.34 -26.84
C GLU C 143 -27.62 42.03 -26.49
N ARG C 144 -26.92 42.00 -25.35
CA ARG C 144 -26.25 40.77 -24.93
C ARG C 144 -27.27 39.69 -24.56
N LEU C 145 -28.40 40.10 -23.96
CA LEU C 145 -29.45 39.14 -23.66
C LEU C 145 -30.00 38.49 -24.93
N TRP C 146 -30.04 39.24 -26.03
CA TRP C 146 -30.47 38.67 -27.30
C TRP C 146 -29.51 37.58 -27.77
N ALA C 147 -28.21 37.89 -27.81
CA ALA C 147 -27.23 36.93 -28.32
C ALA C 147 -27.17 35.68 -27.44
N TRP C 148 -27.19 35.87 -26.12
CA TRP C 148 -27.13 34.73 -25.21
C TRP C 148 -28.35 33.84 -25.35
N GLU C 149 -29.54 34.44 -25.43
CA GLU C 149 -30.75 33.64 -25.57
C GLU C 149 -30.88 33.07 -26.98
N SER C 150 -30.53 33.86 -28.00
CA SER C 150 -30.73 33.41 -29.38
C SER C 150 -29.89 32.17 -29.69
N TRP C 151 -28.63 32.16 -29.27
CA TRP C 151 -27.76 31.02 -29.57
C TRP C 151 -28.31 29.74 -28.95
N ARG C 152 -28.77 29.82 -27.69
CA ARG C 152 -29.42 28.66 -27.10
C ARG C 152 -30.80 28.42 -27.66
N SER C 153 -31.41 29.43 -28.29
CA SER C 153 -32.76 29.29 -28.85
C SER C 153 -32.77 28.40 -30.09
N GLU C 154 -32.03 28.80 -31.12
CA GLU C 154 -31.99 28.00 -32.34
C GLU C 154 -30.99 26.86 -32.21
N VAL C 155 -29.70 27.19 -32.05
CA VAL C 155 -28.67 26.17 -32.01
C VAL C 155 -28.86 25.24 -30.82
N GLY C 156 -29.20 25.80 -29.66
CA GLY C 156 -29.35 24.98 -28.47
C GLY C 156 -30.47 23.97 -28.57
N LYS C 157 -31.62 24.39 -29.12
CA LYS C 157 -32.77 23.49 -29.22
C LYS C 157 -32.53 22.40 -30.25
N GLN C 158 -31.92 22.74 -31.39
CA GLN C 158 -31.66 21.74 -32.43
C GLN C 158 -30.80 20.60 -31.92
N LEU C 159 -29.87 20.89 -31.01
CA LEU C 159 -29.02 19.85 -30.43
C LEU C 159 -29.72 19.03 -29.36
N ARG C 160 -30.86 19.50 -28.84
CA ARG C 160 -31.53 18.78 -27.76
C ARG C 160 -31.95 17.36 -28.16
N PRO C 161 -32.63 17.14 -29.29
CA PRO C 161 -32.96 15.75 -29.66
C PRO C 161 -31.74 14.89 -29.90
N LEU C 162 -30.68 15.46 -30.50
CA LEU C 162 -29.49 14.68 -30.80
C LEU C 162 -28.79 14.22 -29.53
N TYR C 163 -28.69 15.10 -28.52
CA TYR C 163 -27.94 14.78 -27.32
C TYR C 163 -28.61 13.68 -26.50
N GLU C 164 -29.94 13.62 -26.52
CA GLU C 164 -30.64 12.55 -25.82
C GLU C 164 -30.24 11.19 -26.36
N GLU C 165 -30.24 11.05 -27.69
CA GLU C 165 -29.73 9.83 -28.31
C GLU C 165 -28.24 9.68 -28.06
N TYR C 166 -27.51 10.79 -27.97
CA TYR C 166 -26.08 10.74 -27.72
C TYR C 166 -25.78 10.11 -26.37
N VAL C 167 -26.54 10.48 -25.33
CA VAL C 167 -26.32 9.88 -24.02
C VAL C 167 -26.67 8.39 -24.04
N VAL C 168 -27.64 7.99 -24.86
CA VAL C 168 -28.07 6.60 -24.89
C VAL C 168 -27.03 5.73 -25.58
N LEU C 169 -26.72 6.04 -26.84
CA LEU C 169 -25.83 5.19 -27.62
C LEU C 169 -24.41 5.16 -27.04
N LYS C 170 -23.90 6.31 -26.61
CA LYS C 170 -22.55 6.36 -26.06
C LYS C 170 -22.44 5.53 -24.79
N ASN C 171 -23.46 5.57 -23.94
CA ASN C 171 -23.46 4.74 -22.73
C ASN C 171 -23.41 3.26 -23.08
N GLU C 172 -24.12 2.86 -24.14
CA GLU C 172 -24.10 1.46 -24.55
C GLU C 172 -22.68 1.00 -24.85
N MET C 173 -21.88 1.83 -25.52
CA MET C 173 -20.48 1.51 -25.73
C MET C 173 -19.74 1.40 -24.40
N ALA C 174 -19.99 2.33 -23.48
CA ALA C 174 -19.37 2.28 -22.16
C ALA C 174 -19.88 1.09 -21.36
N ARG C 175 -21.18 0.77 -21.48
CA ARG C 175 -21.73 -0.38 -20.79
C ARG C 175 -21.16 -1.69 -21.34
N ALA C 176 -20.98 -1.76 -22.67
CA ALA C 176 -20.44 -2.97 -23.28
C ALA C 176 -19.03 -3.26 -22.78
N ASN C 177 -18.18 -2.24 -22.79
CA ASN C 177 -16.90 -2.34 -22.09
C ASN C 177 -17.15 -2.35 -20.59
N HIS C 178 -16.12 -2.70 -19.81
CA HIS C 178 -16.28 -2.86 -18.37
C HIS C 178 -16.31 -1.49 -17.69
N TYR C 179 -17.34 -0.72 -18.02
CA TYR C 179 -17.57 0.60 -17.45
C TYR C 179 -19.03 0.74 -17.08
N GLU C 180 -19.30 1.66 -16.14
CA GLU C 180 -20.66 1.88 -15.67
C GLU C 180 -21.44 2.79 -16.62
N ASP C 181 -20.85 3.90 -17.03
CA ASP C 181 -21.48 4.84 -17.95
C ASP C 181 -20.39 5.59 -18.70
N TYR C 182 -20.82 6.45 -19.63
CA TYR C 182 -19.86 7.27 -20.36
C TYR C 182 -19.07 8.17 -19.43
N GLY C 183 -19.70 8.63 -18.34
CA GLY C 183 -18.97 9.38 -17.33
C GLY C 183 -17.88 8.55 -16.68
N ASP C 184 -18.15 7.25 -16.48
CA ASP C 184 -17.11 6.36 -15.99
C ASP C 184 -16.02 6.16 -17.04
N TYR C 185 -16.38 6.20 -18.32
CA TYR C 185 -15.40 6.04 -19.39
C TYR C 185 -14.37 7.17 -19.36
N TRP C 186 -14.84 8.41 -19.32
CA TRP C 186 -13.94 9.55 -19.33
C TRP C 186 -13.05 9.59 -18.10
N ARG C 187 -13.51 9.03 -16.98
CA ARG C 187 -12.72 8.98 -15.76
C ARG C 187 -11.64 7.90 -15.81
N GLY C 188 -11.61 7.09 -16.87
CA GLY C 188 -10.57 6.08 -16.99
C GLY C 188 -9.18 6.64 -17.20
N ASP C 189 -9.07 7.91 -17.60
CA ASP C 189 -7.77 8.50 -17.85
C ASP C 189 -6.91 8.50 -16.59
N TYR C 190 -7.53 8.76 -15.43
CA TYR C 190 -6.82 8.88 -14.17
C TYR C 190 -6.78 7.57 -13.39
N GLU C 191 -6.90 6.42 -14.05
CA GLU C 191 -6.99 5.14 -13.37
C GLU C 191 -5.62 4.45 -13.36
N VAL C 192 -5.15 4.12 -12.16
CA VAL C 192 -3.93 3.34 -11.97
C VAL C 192 -4.26 2.16 -11.08
N ASN C 193 -3.96 0.96 -11.55
CA ASN C 193 -4.30 -0.27 -10.82
C ASN C 193 -3.10 -1.10 -10.45
N GLY C 194 -2.19 -1.35 -11.40
CA GLY C 194 -1.15 -2.34 -11.16
C GLY C 194 -0.19 -1.94 -10.05
N VAL C 195 0.29 -0.71 -10.08
CA VAL C 195 1.34 -0.30 -9.15
C VAL C 195 0.76 -0.14 -7.74
N ASP C 196 1.48 -0.65 -6.75
CA ASP C 196 1.06 -0.58 -5.35
C ASP C 196 1.71 0.64 -4.69
N GLY C 197 0.91 1.40 -3.95
CA GLY C 197 1.37 2.61 -3.32
C GLY C 197 1.33 3.84 -4.20
N TYR C 198 1.04 3.67 -5.50
CA TYR C 198 0.91 4.79 -6.43
C TYR C 198 -0.36 4.71 -7.26
N ASP C 199 -1.30 3.84 -6.88
CA ASP C 199 -2.48 3.58 -7.68
C ASP C 199 -3.56 4.64 -7.43
N TYR C 200 -4.57 4.63 -8.31
CA TYR C 200 -5.69 5.55 -8.26
C TYR C 200 -6.97 4.76 -8.51
N SER C 201 -8.08 5.46 -8.73
CA SER C 201 -9.36 4.80 -8.90
C SER C 201 -10.25 5.62 -9.82
N ARG C 202 -11.30 4.98 -10.33
CA ARG C 202 -12.26 5.64 -11.20
C ARG C 202 -13.29 6.47 -10.43
N GLY C 203 -13.32 6.38 -9.12
CA GLY C 203 -14.21 7.20 -8.32
C GLY C 203 -13.45 8.22 -7.50
N GLN C 204 -12.15 7.98 -7.30
CA GLN C 204 -11.34 8.88 -6.50
C GLN C 204 -11.10 10.22 -7.19
N LEU C 205 -11.39 10.33 -8.48
CA LEU C 205 -11.34 11.63 -9.13
C LEU C 205 -12.51 12.50 -8.71
N ILE C 206 -13.71 11.92 -8.59
CA ILE C 206 -14.89 12.70 -8.22
C ILE C 206 -14.71 13.29 -6.83
N GLU C 207 -14.21 12.49 -5.89
CA GLU C 207 -14.01 12.98 -4.54
C GLU C 207 -12.91 14.04 -4.50
N ASP C 208 -11.77 13.77 -5.14
CA ASP C 208 -10.65 14.70 -5.06
C ASP C 208 -10.90 15.99 -5.82
N VAL C 209 -11.70 15.95 -6.90
CA VAL C 209 -12.12 17.18 -7.55
C VAL C 209 -13.00 17.99 -6.61
N GLU C 210 -13.94 17.32 -5.93
CA GLU C 210 -14.86 18.02 -5.05
C GLU C 210 -14.16 18.51 -3.79
N HIS C 211 -13.29 17.68 -3.19
CA HIS C 211 -12.61 18.08 -1.95
C HIS C 211 -11.74 19.31 -2.18
N THR C 212 -10.98 19.33 -3.27
CA THR C 212 -10.19 20.52 -3.57
C THR C 212 -11.08 21.71 -3.92
N PHE C 213 -12.29 21.45 -4.42
CA PHE C 213 -13.17 22.54 -4.80
C PHE C 213 -13.68 23.29 -3.58
N GLU C 214 -13.96 22.59 -2.48
CA GLU C 214 -14.44 23.25 -1.29
C GLU C 214 -13.43 24.24 -0.74
N GLU C 215 -12.13 23.99 -0.95
CA GLU C 215 -11.10 24.93 -0.54
C GLU C 215 -10.96 26.11 -1.48
N ILE C 216 -11.52 26.01 -2.69
CA ILE C 216 -11.58 27.15 -3.60
C ILE C 216 -12.84 27.98 -3.37
N LYS C 217 -13.87 27.40 -2.73
CA LYS C 217 -15.09 28.13 -2.46
C LYS C 217 -14.87 29.48 -1.78
N PRO C 218 -13.97 29.62 -0.79
CA PRO C 218 -13.69 30.97 -0.28
C PRO C 218 -13.17 31.93 -1.33
N LEU C 219 -12.16 31.54 -2.10
CA LEU C 219 -11.57 32.46 -3.08
C LEU C 219 -12.58 32.85 -4.15
N TYR C 220 -13.34 31.88 -4.66
CA TYR C 220 -14.34 32.19 -5.68
C TYR C 220 -15.42 33.11 -5.12
N GLU C 221 -15.85 32.87 -3.88
CA GLU C 221 -16.91 33.69 -3.28
C GLU C 221 -16.52 35.15 -3.21
N HIS C 222 -15.29 35.44 -2.78
CA HIS C 222 -14.88 36.83 -2.65
C HIS C 222 -14.61 37.47 -3.99
N LEU C 223 -14.11 36.71 -4.97
CA LEU C 223 -14.04 37.23 -6.32
C LEU C 223 -15.43 37.45 -6.89
N HIS C 224 -16.39 36.60 -6.53
CA HIS C 224 -17.76 36.76 -7.00
C HIS C 224 -18.34 38.08 -6.54
N ALA C 225 -18.18 38.41 -5.26
CA ALA C 225 -18.74 39.65 -4.73
C ALA C 225 -18.08 40.88 -5.35
N TYR C 226 -16.76 40.83 -5.54
CA TYR C 226 -16.07 41.97 -6.15
C TYR C 226 -16.51 42.18 -7.59
N VAL C 227 -16.61 41.09 -8.37
CA VAL C 227 -17.09 41.20 -9.74
C VAL C 227 -18.54 41.68 -9.76
N ARG C 228 -19.38 41.12 -8.88
CA ARG C 228 -20.78 41.55 -8.83
C ARG C 228 -20.90 43.01 -8.44
N ALA C 229 -20.07 43.47 -7.50
CA ALA C 229 -20.11 44.88 -7.12
C ALA C 229 -19.74 45.78 -8.29
N LYS C 230 -18.69 45.42 -9.04
CA LYS C 230 -18.27 46.25 -10.17
C LYS C 230 -19.22 46.11 -11.34
N LEU C 231 -19.91 44.97 -11.47
CA LEU C 231 -20.87 44.81 -12.54
C LEU C 231 -22.14 45.59 -12.28
N MET C 232 -22.52 45.78 -11.01
CA MET C 232 -23.69 46.59 -10.70
C MET C 232 -23.53 48.01 -11.20
N ASN C 233 -22.31 48.56 -11.13
CA ASN C 233 -22.08 49.89 -11.68
C ASN C 233 -22.21 49.89 -13.20
N ALA C 234 -21.65 48.87 -13.86
CA ALA C 234 -21.70 48.83 -15.32
C ALA C 234 -23.13 48.63 -15.82
N TYR C 235 -23.83 47.64 -15.26
CA TYR C 235 -25.24 47.41 -15.57
C TYR C 235 -26.07 47.84 -14.37
N PRO C 236 -26.72 49.01 -14.41
CA PRO C 236 -27.22 49.62 -13.17
C PRO C 236 -28.31 48.83 -12.45
N SER C 237 -29.42 48.54 -13.13
CA SER C 237 -30.62 48.07 -12.45
C SER C 237 -30.83 46.56 -12.55
N TYR C 238 -29.88 45.82 -13.11
CA TYR C 238 -30.13 44.42 -13.46
C TYR C 238 -29.55 43.41 -12.49
N ILE C 239 -28.56 43.78 -11.68
CA ILE C 239 -27.84 42.84 -10.83
C ILE C 239 -28.16 43.13 -9.37
N SER C 240 -28.53 42.09 -8.64
CA SER C 240 -28.89 42.20 -7.23
C SER C 240 -27.65 41.99 -6.37
N PRO C 241 -27.41 42.82 -5.34
CA PRO C 241 -26.23 42.61 -4.50
C PRO C 241 -26.25 41.30 -3.73
N ILE C 242 -27.43 40.71 -3.50
CA ILE C 242 -27.49 39.42 -2.82
C ILE C 242 -27.57 38.25 -3.79
N GLY C 243 -27.89 38.50 -5.06
CA GLY C 243 -28.20 37.46 -6.01
C GLY C 243 -27.01 37.01 -6.83
N CYS C 244 -27.29 36.04 -7.70
CA CYS C 244 -26.30 35.49 -8.61
C CYS C 244 -26.06 36.43 -9.80
N LEU C 245 -25.00 36.16 -10.53
CA LEU C 245 -24.64 36.97 -11.69
C LEU C 245 -25.43 36.51 -12.91
N PRO C 246 -26.09 37.42 -13.63
CA PRO C 246 -26.75 37.04 -14.89
C PRO C 246 -25.74 36.47 -15.88
N ALA C 247 -26.16 35.42 -16.60
CA ALA C 247 -25.23 34.67 -17.43
C ALA C 247 -24.67 35.51 -18.58
N HIS C 248 -25.52 36.34 -19.20
CA HIS C 248 -25.14 37.05 -20.41
C HIS C 248 -24.25 38.26 -20.15
N LEU C 249 -23.69 38.40 -18.95
CA LEU C 249 -22.88 39.56 -18.59
C LEU C 249 -21.47 39.16 -18.17
N LEU C 250 -21.04 37.93 -18.46
CA LEU C 250 -19.82 37.38 -17.91
C LEU C 250 -18.64 37.37 -18.87
N GLY C 251 -18.79 37.95 -20.07
CA GLY C 251 -17.70 38.10 -21.01
C GLY C 251 -17.67 37.09 -22.13
N ASP C 252 -18.33 35.95 -21.97
CA ASP C 252 -18.45 34.97 -23.04
C ASP C 252 -19.77 34.24 -22.86
N MET C 253 -20.22 33.59 -23.93
CA MET C 253 -21.58 33.08 -23.99
C MET C 253 -21.84 31.93 -23.02
N TRP C 254 -20.86 31.51 -22.22
CA TRP C 254 -21.08 30.47 -21.24
C TRP C 254 -20.60 30.83 -19.84
N GLY C 255 -19.94 31.97 -19.66
CA GLY C 255 -19.33 32.27 -18.39
C GLY C 255 -18.13 31.41 -18.08
N ARG C 256 -17.53 30.79 -19.10
CA ARG C 256 -16.36 29.95 -18.88
C ARG C 256 -15.15 30.78 -18.48
N PHE C 257 -14.98 31.95 -19.08
CA PHE C 257 -13.84 32.81 -18.81
C PHE C 257 -14.35 34.22 -18.56
N TRP C 258 -14.09 34.75 -17.36
CA TRP C 258 -14.41 36.13 -17.04
C TRP C 258 -13.33 37.10 -17.50
N THR C 259 -12.49 36.67 -18.44
CA THR C 259 -11.34 37.46 -18.86
C THR C 259 -11.76 38.81 -19.42
N ASN C 260 -12.80 38.84 -20.23
CA ASN C 260 -13.24 40.07 -20.87
C ASN C 260 -13.80 41.09 -19.87
N LEU C 261 -14.08 40.68 -18.64
CA LEU C 261 -14.60 41.59 -17.63
C LEU C 261 -13.51 42.41 -16.94
N TYR C 262 -12.28 42.39 -17.45
CA TYR C 262 -11.18 43.08 -16.77
C TYR C 262 -11.39 44.58 -16.74
N SER C 263 -11.81 45.18 -17.86
CA SER C 263 -12.01 46.62 -17.89
C SER C 263 -13.10 47.06 -16.92
N LEU C 264 -14.13 46.23 -16.74
CA LEU C 264 -15.18 46.52 -15.78
C LEU C 264 -14.78 46.21 -14.35
N THR C 265 -13.74 45.39 -14.14
CA THR C 265 -13.40 44.93 -12.80
C THR C 265 -11.95 45.21 -12.43
N VAL C 266 -11.29 46.10 -13.16
CA VAL C 266 -9.86 46.35 -12.89
C VAL C 266 -9.71 47.01 -11.52
N PRO C 267 -8.81 46.52 -10.66
CA PRO C 267 -8.67 47.09 -9.31
C PRO C 267 -8.26 48.56 -9.31
N PHE C 268 -7.14 48.87 -9.95
CA PHE C 268 -6.61 50.24 -10.03
C PHE C 268 -6.45 50.59 -11.50
N GLY C 269 -7.41 51.32 -12.05
CA GLY C 269 -7.43 51.58 -13.48
C GLY C 269 -6.32 52.48 -13.97
N GLN C 270 -5.74 53.30 -13.08
CA GLN C 270 -4.71 54.24 -13.50
C GLN C 270 -3.39 53.53 -13.77
N LYS C 271 -3.02 52.56 -12.93
CA LYS C 271 -1.73 51.88 -13.09
C LYS C 271 -1.72 51.09 -14.40
N PRO C 272 -0.73 51.30 -15.27
CA PRO C 272 -0.79 50.74 -16.62
C PRO C 272 -0.56 49.24 -16.64
N ASN C 273 -1.02 48.63 -17.73
CA ASN C 273 -0.71 47.23 -18.00
C ASN C 273 0.71 47.11 -18.55
N ILE C 274 1.24 45.90 -18.49
CA ILE C 274 2.58 45.60 -19.00
C ILE C 274 2.39 45.01 -20.40
N ASP C 275 2.50 45.86 -21.42
CA ASP C 275 2.40 45.43 -22.81
C ASP C 275 3.72 45.78 -23.51
N VAL C 276 4.48 44.77 -23.90
CA VAL C 276 5.76 44.98 -24.58
C VAL C 276 5.60 44.97 -26.11
N THR C 277 4.37 45.11 -26.62
CA THR C 277 4.14 45.04 -28.06
C THR C 277 4.91 46.12 -28.80
N ASP C 278 4.91 47.34 -28.27
CA ASP C 278 5.71 48.41 -28.87
C ASP C 278 7.20 48.19 -28.65
N ALA C 279 7.58 47.62 -27.51
CA ALA C 279 9.00 47.38 -27.23
C ALA C 279 9.59 46.38 -28.23
N MET C 280 8.84 45.33 -28.57
CA MET C 280 9.31 44.37 -29.56
C MET C 280 9.49 45.02 -30.93
N VAL C 281 8.55 45.88 -31.32
CA VAL C 281 8.68 46.60 -32.58
C VAL C 281 9.85 47.57 -32.53
N ASP C 282 10.09 48.18 -31.35
CA ASP C 282 11.20 49.11 -31.22
C ASP C 282 12.54 48.42 -31.48
N GLN C 283 12.72 47.20 -30.98
CA GLN C 283 13.95 46.45 -31.16
C GLN C 283 13.96 45.62 -32.45
N ALA C 284 12.96 45.81 -33.32
CA ALA C 284 12.86 45.13 -34.60
C ALA C 284 12.84 43.61 -34.45
N TRP C 285 12.24 43.11 -33.38
CA TRP C 285 12.09 41.68 -33.20
C TRP C 285 11.14 41.12 -34.26
N ASP C 286 11.47 39.94 -34.78
CA ASP C 286 10.66 39.26 -35.76
C ASP C 286 10.21 37.90 -35.21
N ALA C 287 9.57 37.11 -36.07
CA ALA C 287 9.09 35.79 -35.65
C ALA C 287 10.25 34.91 -35.19
N GLN C 288 11.36 34.91 -35.94
CA GLN C 288 12.51 34.09 -35.58
C GLN C 288 13.09 34.49 -34.22
N ARG C 289 13.12 35.80 -33.94
CA ARG C 289 13.64 36.25 -32.66
C ARG C 289 12.78 35.74 -31.50
N ILE C 290 11.46 35.69 -31.68
CA ILE C 290 10.58 35.26 -30.60
C ILE C 290 10.90 33.81 -30.21
N PHE C 291 11.00 32.93 -31.19
CA PHE C 291 11.23 31.52 -30.90
C PHE C 291 12.66 31.25 -30.48
N LYS C 292 13.63 31.94 -31.09
CA LYS C 292 15.01 31.78 -30.67
C LYS C 292 15.22 32.26 -29.25
N GLU C 293 14.55 33.35 -28.87
CA GLU C 293 14.54 33.76 -27.47
C GLU C 293 13.82 32.72 -26.61
N ALA C 294 12.71 32.18 -27.13
CA ALA C 294 11.99 31.14 -26.41
C ALA C 294 12.85 29.90 -26.22
N GLU C 295 13.60 29.51 -27.25
CA GLU C 295 14.55 28.40 -27.11
C GLU C 295 15.59 28.71 -26.05
N LYS C 296 16.02 29.97 -25.96
CA LYS C 296 17.01 30.35 -24.95
C LYS C 296 16.47 30.18 -23.54
N PHE C 297 15.17 30.39 -23.34
CA PHE C 297 14.57 30.16 -22.03
C PHE C 297 14.68 28.69 -21.63
N PHE C 298 14.40 27.78 -22.56
CA PHE C 298 14.49 26.35 -22.24
C PHE C 298 15.94 25.89 -22.13
N VAL C 299 16.85 26.51 -22.90
CA VAL C 299 18.26 26.20 -22.74
C VAL C 299 18.76 26.64 -21.37
N SER C 300 18.26 27.77 -20.86
CA SER C 300 18.71 28.27 -19.58
C SER C 300 18.47 27.29 -18.44
N VAL C 301 17.36 26.54 -18.49
CA VAL C 301 17.06 25.56 -17.44
C VAL C 301 17.68 24.19 -17.67
N GLY C 302 18.52 24.04 -18.68
CA GLY C 302 19.17 22.76 -18.93
C GLY C 302 18.52 21.88 -19.94
N LEU C 303 17.41 22.31 -20.54
CA LEU C 303 16.77 21.49 -21.55
C LEU C 303 17.48 21.64 -22.90
N PRO C 304 17.42 20.62 -23.75
CA PRO C 304 18.06 20.71 -25.06
C PRO C 304 17.41 21.76 -25.95
N ASN C 305 18.23 22.41 -26.77
CA ASN C 305 17.73 23.40 -27.69
C ASN C 305 16.94 22.74 -28.81
N MET C 306 16.25 23.56 -29.60
CA MET C 306 15.36 23.05 -30.63
C MET C 306 16.15 22.33 -31.72
N THR C 307 15.52 21.32 -32.31
CA THR C 307 16.16 20.55 -33.37
C THR C 307 16.37 21.43 -34.60
N GLN C 308 17.38 21.07 -35.38
CA GLN C 308 17.63 21.77 -36.64
C GLN C 308 16.43 21.67 -37.57
N GLY C 309 15.69 20.56 -37.50
CA GLY C 309 14.48 20.42 -38.29
C GLY C 309 13.34 21.30 -37.82
N PHE C 310 13.35 21.71 -36.55
CA PHE C 310 12.34 22.63 -36.06
C PHE C 310 12.45 23.98 -36.77
N TRP C 311 13.69 24.47 -36.96
CA TRP C 311 13.88 25.73 -37.66
C TRP C 311 13.58 25.58 -39.15
N GLU C 312 13.93 24.44 -39.73
CA GLU C 312 13.83 24.27 -41.18
C GLU C 312 12.40 23.99 -41.64
N ASN C 313 11.57 23.36 -40.81
CA ASN C 313 10.26 22.88 -41.23
C ASN C 313 9.09 23.65 -40.65
N SER C 314 9.20 24.19 -39.44
CA SER C 314 8.06 24.81 -38.79
C SER C 314 7.65 26.10 -39.49
N MET C 315 6.34 26.36 -39.47
CA MET C 315 5.77 27.57 -40.04
C MET C 315 5.54 28.57 -38.92
N LEU C 316 6.35 29.64 -38.89
CA LEU C 316 6.28 30.65 -37.85
C LEU C 316 5.81 32.00 -38.38
N THR C 317 5.21 32.02 -39.58
CA THR C 317 4.73 33.25 -40.18
C THR C 317 3.61 32.92 -41.14
N ASP C 318 2.70 33.88 -41.32
CA ASP C 318 1.56 33.70 -42.22
C ASP C 318 2.06 33.64 -43.66
N PRO C 319 1.75 32.59 -44.42
CA PRO C 319 2.22 32.54 -45.81
C PRO C 319 1.61 33.61 -46.69
N GLY C 320 0.30 33.82 -46.58
CA GLY C 320 -0.38 34.71 -47.51
C GLY C 320 -0.24 34.18 -48.93
N ASN C 321 -0.22 35.11 -49.88
CA ASN C 321 0.07 34.80 -51.28
C ASN C 321 -0.85 33.70 -51.82
N VAL C 322 -2.12 33.76 -51.41
CA VAL C 322 -3.14 32.77 -51.75
C VAL C 322 -2.65 31.37 -51.39
N GLN C 323 -1.95 31.25 -50.26
CA GLN C 323 -1.58 29.97 -49.67
C GLN C 323 -2.09 30.04 -48.23
N LYS C 324 -3.36 29.70 -48.03
CA LYS C 324 -3.99 29.90 -46.74
C LYS C 324 -3.63 28.77 -45.79
N ALA C 325 -3.52 29.11 -44.51
CA ALA C 325 -3.10 28.18 -43.49
C ALA C 325 -3.98 28.34 -42.26
N VAL C 326 -4.14 27.24 -41.50
CA VAL C 326 -4.83 27.27 -40.23
C VAL C 326 -3.89 27.93 -39.22
N CYS C 327 -4.27 29.11 -38.73
CA CYS C 327 -3.37 29.95 -37.95
C CYS C 327 -3.43 29.70 -36.44
N HIS C 328 -4.25 28.75 -36.00
CA HIS C 328 -4.28 28.43 -34.57
C HIS C 328 -2.95 27.82 -34.15
N PRO C 329 -2.35 28.28 -33.05
CA PRO C 329 -1.06 27.72 -32.62
C PRO C 329 -1.17 26.24 -32.30
N THR C 330 -0.19 25.47 -32.78
CA THR C 330 -0.17 24.02 -32.62
C THR C 330 1.26 23.54 -32.48
N ALA C 331 1.47 22.55 -31.61
CA ALA C 331 2.76 21.90 -31.44
C ALA C 331 2.67 20.49 -32.04
N TRP C 332 3.55 20.22 -33.01
CA TRP C 332 3.44 19.02 -33.84
C TRP C 332 4.51 18.01 -33.48
N ASP C 333 4.08 16.83 -33.04
CA ASP C 333 4.95 15.66 -32.92
C ASP C 333 4.59 14.72 -34.06
N LEU C 334 5.20 14.95 -35.22
CA LEU C 334 4.91 14.13 -36.40
C LEU C 334 5.39 12.70 -36.21
N GLY C 335 6.41 12.50 -35.38
CA GLY C 335 7.04 11.21 -35.24
C GLY C 335 8.37 11.16 -35.96
N LYS C 336 9.02 10.00 -35.87
CA LYS C 336 10.31 9.76 -36.52
C LYS C 336 11.34 10.84 -36.16
N GLY C 337 11.21 11.41 -34.97
CA GLY C 337 12.12 12.47 -34.56
C GLY C 337 11.86 13.81 -35.20
N ASP C 338 10.70 14.00 -35.82
CA ASP C 338 10.34 15.25 -36.48
C ASP C 338 9.41 16.05 -35.58
N PHE C 339 9.84 17.23 -35.16
CA PHE C 339 9.08 18.11 -34.29
C PHE C 339 8.91 19.46 -34.96
N ARG C 340 7.69 20.00 -34.93
CA ARG C 340 7.38 21.25 -35.59
C ARG C 340 6.36 22.04 -34.77
N ILE C 341 6.27 23.33 -35.07
CA ILE C 341 5.25 24.21 -34.54
C ILE C 341 4.64 24.99 -35.69
N LEU C 342 3.31 24.99 -35.79
CA LEU C 342 2.58 25.79 -36.78
C LEU C 342 1.92 26.95 -36.06
N MET C 343 2.27 28.17 -36.45
CA MET C 343 1.76 29.36 -35.76
C MET C 343 1.96 30.57 -36.64
N CYS C 344 0.88 31.28 -36.95
CA CYS C 344 0.96 32.56 -37.65
C CYS C 344 1.32 33.61 -36.61
N THR C 345 2.62 33.82 -36.40
CA THR C 345 3.10 34.66 -35.32
C THR C 345 3.19 36.11 -35.76
N LYS C 346 2.45 36.98 -35.09
CA LYS C 346 2.59 38.41 -35.22
C LYS C 346 3.47 38.92 -34.08
N VAL C 347 3.95 40.15 -34.23
CA VAL C 347 4.88 40.73 -33.24
C VAL C 347 4.01 41.34 -32.15
N THR C 348 3.60 40.50 -31.20
CA THR C 348 2.80 40.91 -30.06
C THR C 348 3.32 40.19 -28.82
N MET C 349 3.01 40.75 -27.66
CA MET C 349 3.42 40.11 -26.41
C MET C 349 2.72 38.76 -26.22
N ASP C 350 1.43 38.69 -26.54
CA ASP C 350 0.70 37.44 -26.33
C ASP C 350 1.25 36.32 -27.21
N ASP C 351 1.68 36.64 -28.42
CA ASP C 351 2.35 35.66 -29.26
C ASP C 351 3.76 35.36 -28.78
N PHE C 352 4.38 36.28 -28.04
CA PHE C 352 5.65 35.97 -27.39
C PHE C 352 5.45 34.94 -26.28
N LEU C 353 4.40 35.08 -25.49
CA LEU C 353 4.13 34.13 -24.43
C LEU C 353 3.58 32.82 -24.97
N THR C 354 2.83 32.88 -26.08
CA THR C 354 2.29 31.66 -26.67
C THR C 354 3.41 30.74 -27.15
N ALA C 355 4.47 31.32 -27.71
CA ALA C 355 5.60 30.51 -28.17
C ALA C 355 6.22 29.72 -27.02
N HIS C 356 6.35 30.34 -25.85
CA HIS C 356 6.85 29.61 -24.69
C HIS C 356 5.90 28.50 -24.27
N HIS C 357 4.58 28.75 -24.38
CA HIS C 357 3.61 27.69 -24.06
C HIS C 357 3.76 26.52 -25.01
N GLU C 358 3.85 26.78 -26.31
CA GLU C 358 3.85 25.71 -27.31
C GLU C 358 5.22 25.05 -27.45
N MET C 359 6.30 25.79 -27.26
CA MET C 359 7.62 25.17 -27.25
C MET C 359 7.78 24.23 -26.06
N GLY C 360 7.08 24.53 -24.96
CA GLY C 360 7.06 23.59 -23.85
C GLY C 360 6.44 22.26 -24.23
N HIS C 361 5.41 22.28 -25.07
CA HIS C 361 4.83 21.04 -25.58
C HIS C 361 5.87 20.25 -26.37
N ILE C 362 6.65 20.94 -27.21
CA ILE C 362 7.73 20.26 -27.94
C ILE C 362 8.74 19.67 -26.97
N GLN C 363 9.07 20.41 -25.90
CA GLN C 363 9.99 19.88 -24.91
C GLN C 363 9.43 18.64 -24.22
N TYR C 364 8.13 18.64 -23.92
CA TYR C 364 7.49 17.42 -23.45
C TYR C 364 7.52 16.34 -24.53
N ASP C 365 7.24 16.73 -25.78
CA ASP C 365 7.23 15.75 -26.87
C ASP C 365 8.63 15.18 -27.12
N MET C 366 9.65 16.03 -27.06
CA MET C 366 11.01 15.56 -27.34
C MET C 366 11.50 14.60 -26.26
N ALA C 367 11.14 14.87 -25.00
CA ALA C 367 11.71 14.10 -23.90
C ALA C 367 11.29 12.64 -23.93
N TYR C 368 10.01 12.36 -24.18
CA TYR C 368 9.53 10.99 -24.19
C TYR C 368 9.59 10.34 -25.57
N ALA C 369 10.42 10.86 -26.48
CA ALA C 369 10.63 10.19 -27.75
C ALA C 369 11.24 8.80 -27.56
N ALA C 370 11.91 8.57 -26.42
CA ALA C 370 12.51 7.26 -26.19
C ALA C 370 11.47 6.21 -25.82
N GLN C 371 10.32 6.64 -25.28
CA GLN C 371 9.29 5.70 -24.89
C GLN C 371 8.66 5.05 -26.11
N PRO C 372 8.07 3.86 -25.94
CA PRO C 372 7.39 3.21 -27.07
C PRO C 372 6.27 4.07 -27.61
N PHE C 373 5.94 3.83 -28.88
CA PHE C 373 5.03 4.71 -29.61
C PHE C 373 3.72 4.93 -28.87
N LEU C 374 3.17 3.88 -28.27
CA LEU C 374 1.90 4.02 -27.56
C LEU C 374 2.05 4.83 -26.28
N LEU C 375 3.20 4.77 -25.64
CA LEU C 375 3.43 5.50 -24.39
C LEU C 375 3.95 6.92 -24.59
N ARG C 376 4.06 7.39 -25.83
CA ARG C 376 4.60 8.72 -26.12
C ARG C 376 3.52 9.80 -25.96
N ASN C 377 3.03 9.96 -24.73
CA ASN C 377 2.06 11.00 -24.44
C ASN C 377 2.32 11.51 -23.02
N GLY C 378 1.42 12.40 -22.55
CA GLY C 378 1.47 12.85 -21.19
C GLY C 378 0.95 11.84 -20.19
N ALA C 379 1.26 12.07 -18.91
CA ALA C 379 0.85 11.17 -17.84
C ALA C 379 -0.67 11.03 -17.76
N ASN C 380 -1.38 12.16 -17.77
CA ASN C 380 -2.82 12.17 -17.88
C ASN C 380 -3.22 13.29 -18.85
N GLU C 381 -4.53 13.47 -19.03
CA GLU C 381 -5.05 14.42 -19.99
C GLU C 381 -4.72 15.87 -19.65
N GLY C 382 -4.26 16.15 -18.44
CA GLY C 382 -3.99 17.52 -18.04
C GLY C 382 -2.53 17.89 -17.91
N PHE C 383 -1.64 16.90 -18.04
CA PHE C 383 -0.22 17.17 -17.83
C PHE C 383 0.39 18.03 -18.93
N HIS C 384 0.00 17.79 -20.19
CA HIS C 384 0.56 18.55 -21.30
C HIS C 384 0.32 20.05 -21.13
N GLU C 385 -0.95 20.46 -21.00
CA GLU C 385 -1.24 21.89 -20.95
C GLU C 385 -0.82 22.52 -19.63
N ALA C 386 -0.65 21.70 -18.58
CA ALA C 386 -0.02 22.20 -17.36
C ALA C 386 1.44 22.57 -17.61
N VAL C 387 2.15 21.77 -18.42
CA VAL C 387 3.53 22.07 -18.76
C VAL C 387 3.62 23.38 -19.54
N GLY C 388 2.70 23.59 -20.49
CA GLY C 388 2.76 24.79 -21.30
C GLY C 388 2.49 26.05 -20.51
N GLU C 389 1.51 26.02 -19.61
CA GLU C 389 1.09 27.23 -18.91
C GLU C 389 2.20 27.78 -18.02
N ILE C 390 2.95 26.91 -17.35
CA ILE C 390 4.00 27.40 -16.47
C ILE C 390 5.09 28.12 -17.25
N MET C 391 5.33 27.70 -18.50
CA MET C 391 6.33 28.39 -19.32
C MET C 391 5.89 29.82 -19.64
N SER C 392 4.60 30.01 -19.91
CA SER C 392 4.10 31.36 -20.15
C SER C 392 4.21 32.22 -18.90
N LEU C 393 3.99 31.63 -17.72
CA LEU C 393 4.06 32.40 -16.49
C LEU C 393 5.45 32.96 -16.25
N SER C 394 6.48 32.14 -16.46
CA SER C 394 7.84 32.59 -16.21
C SER C 394 8.28 33.63 -17.24
N ALA C 395 7.81 33.52 -18.48
CA ALA C 395 8.19 34.46 -19.53
C ALA C 395 7.36 35.74 -19.53
N ALA C 396 6.37 35.84 -18.64
CA ALA C 396 5.54 37.03 -18.56
C ALA C 396 5.89 37.94 -17.40
N THR C 397 6.75 37.50 -16.49
CA THR C 397 7.09 38.30 -15.32
C THR C 397 7.82 39.57 -15.76
N PRO C 398 7.64 40.66 -15.01
CA PRO C 398 8.43 41.87 -15.32
C PRO C 398 9.92 41.64 -15.23
N LYS C 399 10.36 40.81 -14.27
CA LYS C 399 11.78 40.53 -14.10
C LYS C 399 12.37 39.89 -15.35
N HIS C 400 11.67 38.91 -15.92
CA HIS C 400 12.16 38.27 -17.14
C HIS C 400 12.13 39.22 -18.32
N LEU C 401 11.07 40.02 -18.45
CA LEU C 401 10.96 40.95 -19.58
C LEU C 401 12.03 42.02 -19.52
N LYS C 402 12.33 42.53 -18.32
CA LYS C 402 13.44 43.46 -18.18
C LYS C 402 14.78 42.78 -18.46
N SER C 403 14.87 41.47 -18.24
CA SER C 403 16.12 40.76 -18.48
C SER C 403 16.37 40.59 -19.98
N ILE C 404 15.32 40.35 -20.76
CA ILE C 404 15.48 40.22 -22.21
C ILE C 404 15.50 41.57 -22.92
N GLY C 405 15.27 42.66 -22.20
CA GLY C 405 15.33 43.99 -22.79
C GLY C 405 14.02 44.49 -23.35
N LEU C 406 12.90 43.83 -23.09
CA LEU C 406 11.61 44.28 -23.59
C LEU C 406 10.84 45.14 -22.59
N LEU C 407 11.39 45.35 -21.40
CA LEU C 407 10.76 46.20 -20.39
C LEU C 407 11.83 47.11 -19.79
N SER C 408 11.40 48.27 -19.31
CA SER C 408 12.33 49.28 -18.81
C SER C 408 13.13 48.72 -17.64
N PRO C 409 14.47 48.84 -17.65
CA PRO C 409 15.27 48.23 -16.59
C PRO C 409 14.94 48.74 -15.19
N ASP C 410 14.58 50.02 -15.07
CA ASP C 410 14.24 50.61 -13.78
C ASP C 410 12.73 50.71 -13.55
N PHE C 411 11.93 50.11 -14.42
CA PHE C 411 10.48 50.09 -14.22
C PHE C 411 10.15 49.40 -12.89
N GLN C 412 9.36 50.07 -12.07
CA GLN C 412 9.08 49.61 -10.72
C GLN C 412 7.65 49.09 -10.61
N GLU C 413 7.48 48.07 -9.79
CA GLU C 413 6.19 47.43 -9.57
C GLU C 413 5.69 47.80 -8.17
N ASP C 414 4.67 48.64 -8.11
CA ASP C 414 3.98 48.88 -6.85
C ASP C 414 3.05 47.71 -6.54
N ASN C 415 2.53 47.70 -5.31
CA ASN C 415 1.59 46.66 -4.93
C ASN C 415 0.28 46.75 -5.70
N GLU C 416 0.03 47.87 -6.37
CA GLU C 416 -1.20 48.07 -7.13
C GLU C 416 -1.14 47.49 -8.55
N THR C 417 0.04 47.46 -9.16
CA THR C 417 0.19 46.80 -10.46
C THR C 417 0.07 45.28 -10.30
N GLU C 418 0.61 44.73 -9.21
CA GLU C 418 0.52 43.28 -8.99
C GLU C 418 -0.92 42.85 -8.79
N ILE C 419 -1.71 43.62 -8.02
CA ILE C 419 -3.10 43.28 -7.82
C ILE C 419 -3.85 43.29 -9.14
N ASN C 420 -3.50 44.19 -10.05
CA ASN C 420 -4.09 44.16 -11.38
C ASN C 420 -3.81 42.84 -12.08
N PHE C 421 -2.57 42.36 -12.01
CA PHE C 421 -2.24 41.12 -12.71
C PHE C 421 -2.85 39.91 -12.00
N LEU C 422 -2.77 39.87 -10.66
CA LEU C 422 -3.30 38.73 -9.93
C LEU C 422 -4.80 38.57 -10.17
N LEU C 423 -5.55 39.67 -10.18
CA LEU C 423 -6.97 39.61 -10.51
C LEU C 423 -7.17 39.26 -11.99
N LYS C 424 -6.30 39.78 -12.87
CA LYS C 424 -6.40 39.44 -14.29
C LYS C 424 -6.26 37.94 -14.49
N GLN C 425 -5.34 37.31 -13.76
CA GLN C 425 -5.27 35.85 -13.77
C GLN C 425 -6.51 35.24 -13.15
N ALA C 426 -7.00 35.81 -12.05
CA ALA C 426 -8.11 35.23 -11.32
C ALA C 426 -9.38 35.17 -12.17
N LEU C 427 -9.65 36.22 -12.96
CA LEU C 427 -10.83 36.21 -13.81
C LEU C 427 -10.80 35.06 -14.80
N THR C 428 -9.61 34.63 -15.23
CA THR C 428 -9.46 33.54 -16.17
C THR C 428 -9.15 32.22 -15.46
N ILE C 429 -8.08 32.19 -14.67
CA ILE C 429 -7.61 30.94 -14.08
C ILE C 429 -8.56 30.45 -13.00
N VAL C 430 -9.04 31.37 -12.16
CA VAL C 430 -9.92 30.97 -11.06
C VAL C 430 -11.37 30.90 -11.53
N GLY C 431 -11.79 31.85 -12.36
CA GLY C 431 -13.20 31.93 -12.73
C GLY C 431 -13.71 30.70 -13.45
N THR C 432 -12.86 30.02 -14.21
CA THR C 432 -13.30 28.86 -14.98
C THR C 432 -13.45 27.61 -14.13
N LEU C 433 -12.81 27.55 -12.96
CA LEU C 433 -12.83 26.31 -12.17
C LEU C 433 -14.23 25.94 -11.71
N PRO C 434 -15.03 26.83 -11.08
CA PRO C 434 -16.40 26.43 -10.73
C PRO C 434 -17.24 26.07 -11.94
N PHE C 435 -17.06 26.78 -13.05
CA PHE C 435 -17.78 26.45 -14.27
C PHE C 435 -17.39 25.06 -14.79
N THR C 436 -16.08 24.76 -14.79
CA THR C 436 -15.62 23.47 -15.30
C THR C 436 -16.14 22.32 -14.45
N TYR C 437 -16.09 22.47 -13.13
CA TYR C 437 -16.56 21.40 -12.25
C TYR C 437 -18.05 21.17 -12.40
N MET C 438 -18.83 22.25 -12.54
CA MET C 438 -20.27 22.09 -12.71
C MET C 438 -20.60 21.38 -14.02
N LEU C 439 -19.93 21.75 -15.11
CA LEU C 439 -20.25 21.17 -16.40
C LEU C 439 -19.97 19.67 -16.41
N GLU C 440 -18.85 19.25 -15.83
CA GLU C 440 -18.56 17.82 -15.76
C GLU C 440 -19.40 17.12 -14.70
N LYS C 441 -19.77 17.82 -13.63
CA LYS C 441 -20.68 17.24 -12.65
C LYS C 441 -22.04 16.93 -13.27
N TRP C 442 -22.53 17.83 -14.13
CA TRP C 442 -23.79 17.60 -14.82
C TRP C 442 -23.70 16.40 -15.75
N ARG C 443 -22.66 16.34 -16.58
CA ARG C 443 -22.52 15.22 -17.52
C ARG C 443 -22.22 13.92 -16.79
N TRP C 444 -21.49 13.97 -15.68
CA TRP C 444 -21.24 12.76 -14.90
C TRP C 444 -22.55 12.14 -14.44
N MET C 445 -23.48 12.97 -13.98
CA MET C 445 -24.77 12.46 -13.52
C MET C 445 -25.72 12.17 -14.68
N VAL C 446 -25.70 12.99 -15.72
CA VAL C 446 -26.59 12.75 -16.87
C VAL C 446 -26.25 11.42 -17.51
N PHE C 447 -24.96 11.13 -17.67
CA PHE C 447 -24.57 9.80 -18.15
C PHE C 447 -24.97 8.72 -17.16
N LYS C 448 -24.83 9.00 -15.86
CA LYS C 448 -25.27 8.04 -14.84
C LYS C 448 -26.78 7.89 -14.81
N GLY C 449 -27.53 8.87 -15.30
CA GLY C 449 -28.98 8.84 -15.25
C GLY C 449 -29.58 9.43 -14.00
N GLU C 450 -28.77 9.93 -13.06
CA GLU C 450 -29.32 10.55 -11.86
C GLU C 450 -30.09 11.83 -12.18
N ILE C 451 -29.86 12.43 -13.33
CA ILE C 451 -30.63 13.59 -13.78
C ILE C 451 -31.53 13.14 -14.92
N PRO C 452 -32.81 12.95 -14.69
CA PRO C 452 -33.70 12.46 -15.75
C PRO C 452 -33.86 13.47 -16.86
N LYS C 453 -34.26 12.95 -18.03
CA LYS C 453 -34.42 13.80 -19.22
C LYS C 453 -35.49 14.87 -19.00
N ASP C 454 -36.47 14.61 -18.13
CA ASP C 454 -37.48 15.62 -17.81
C ASP C 454 -36.91 16.72 -16.92
N GLN C 455 -35.84 16.43 -16.17
CA GLN C 455 -35.21 17.40 -15.28
C GLN C 455 -33.80 17.77 -15.74
N TRP C 456 -33.49 17.58 -17.02
CA TRP C 456 -32.15 17.86 -17.53
C TRP C 456 -31.75 19.31 -17.27
N MET C 457 -32.52 20.26 -17.81
CA MET C 457 -32.18 21.67 -17.68
C MET C 457 -32.48 22.21 -16.29
N LYS C 458 -33.48 21.66 -15.61
CA LYS C 458 -33.81 22.14 -14.27
C LYS C 458 -32.62 21.95 -13.33
N LYS C 459 -32.02 20.76 -13.32
CA LYS C 459 -30.86 20.53 -12.46
C LYS C 459 -29.63 21.26 -12.97
N TRP C 460 -29.54 21.48 -14.29
CA TRP C 460 -28.41 22.24 -14.83
C TRP C 460 -28.38 23.66 -14.27
N TRP C 461 -29.52 24.36 -14.33
CA TRP C 461 -29.56 25.74 -13.85
C TRP C 461 -29.68 25.83 -12.33
N GLU C 462 -30.18 24.79 -11.66
CA GLU C 462 -30.12 24.77 -10.20
C GLU C 462 -28.69 24.60 -9.72
N MET C 463 -27.88 23.82 -10.44
CA MET C 463 -26.46 23.71 -10.15
C MET C 463 -25.69 24.94 -10.60
N LYS C 464 -26.11 25.57 -11.70
CA LYS C 464 -25.46 26.80 -12.13
C LYS C 464 -25.62 27.90 -11.07
N ARG C 465 -26.80 27.99 -10.46
CA ARG C 465 -27.03 28.97 -9.41
C ARG C 465 -26.22 28.66 -8.16
N GLU C 466 -26.23 27.39 -7.72
CA GLU C 466 -25.66 27.06 -6.43
C GLU C 466 -24.16 26.83 -6.47
N ILE C 467 -23.62 26.40 -7.62
CA ILE C 467 -22.19 26.11 -7.71
C ILE C 467 -21.46 27.30 -8.33
N VAL C 468 -21.88 27.68 -9.54
CA VAL C 468 -21.16 28.73 -10.25
C VAL C 468 -21.57 30.12 -9.80
N GLY C 469 -22.70 30.26 -9.10
CA GLY C 469 -23.17 31.58 -8.72
C GLY C 469 -23.68 32.39 -9.90
N VAL C 470 -24.16 31.71 -10.94
CA VAL C 470 -24.66 32.35 -12.15
C VAL C 470 -26.13 31.98 -12.33
N VAL C 471 -26.93 32.94 -12.77
CA VAL C 471 -28.38 32.74 -12.93
C VAL C 471 -28.76 33.04 -14.37
N GLU C 472 -29.76 32.29 -14.85
CA GLU C 472 -30.23 32.47 -16.22
C GLU C 472 -31.02 33.77 -16.34
N PRO C 473 -30.81 34.54 -17.40
CA PRO C 473 -31.61 35.77 -17.57
C PRO C 473 -33.04 35.49 -17.96
N VAL C 474 -33.27 34.58 -18.91
CA VAL C 474 -34.60 34.18 -19.31
C VAL C 474 -34.78 32.71 -18.94
N PRO C 475 -35.94 32.31 -18.43
CA PRO C 475 -36.13 30.90 -18.05
C PRO C 475 -36.05 29.99 -19.26
N HIS C 476 -35.45 28.82 -19.06
CA HIS C 476 -35.24 27.85 -20.13
C HIS C 476 -35.90 26.53 -19.75
N ASP C 477 -36.73 26.01 -20.63
CA ASP C 477 -37.42 24.73 -20.42
C ASP C 477 -36.58 23.60 -21.00
N GLU C 478 -37.18 22.41 -21.12
CA GLU C 478 -36.46 21.25 -21.61
C GLU C 478 -36.26 21.25 -23.12
N THR C 479 -36.86 22.20 -23.84
CA THR C 479 -36.57 22.35 -25.27
C THR C 479 -35.13 22.77 -25.50
N TYR C 480 -34.54 23.49 -24.55
CA TYR C 480 -33.18 23.99 -24.66
C TYR C 480 -32.18 22.94 -24.19
N CYS C 481 -31.19 22.64 -25.04
CA CYS C 481 -29.99 21.93 -24.58
C CYS C 481 -28.86 22.96 -24.48
N ASP C 482 -28.92 23.77 -23.42
CA ASP C 482 -27.92 24.82 -23.25
C ASP C 482 -26.49 24.32 -23.12
N PRO C 483 -26.18 23.28 -22.32
CA PRO C 483 -24.77 22.83 -22.27
C PRO C 483 -24.23 22.45 -23.63
N ALA C 484 -25.07 21.90 -24.52
CA ALA C 484 -24.63 21.54 -25.86
C ALA C 484 -24.23 22.76 -26.69
N SER C 485 -24.59 23.97 -26.26
CA SER C 485 -24.18 25.17 -26.97
C SER C 485 -22.71 25.50 -26.77
N LEU C 486 -21.96 24.64 -26.10
CA LEU C 486 -20.52 24.76 -25.95
C LEU C 486 -19.82 23.72 -26.80
N PHE C 487 -18.68 24.10 -27.37
CA PHE C 487 -17.95 23.22 -28.28
C PHE C 487 -17.71 21.85 -27.66
N HIS C 488 -17.27 21.81 -26.41
CA HIS C 488 -16.82 20.54 -25.83
C HIS C 488 -17.98 19.59 -25.56
N VAL C 489 -19.14 20.13 -25.17
CA VAL C 489 -20.28 19.27 -24.88
C VAL C 489 -20.85 18.69 -26.17
N SER C 490 -20.90 19.49 -27.23
CA SER C 490 -21.52 19.05 -28.48
C SER C 490 -20.56 18.34 -29.43
N ASN C 491 -19.25 18.51 -29.26
CA ASN C 491 -18.27 17.82 -30.10
C ASN C 491 -17.64 16.64 -29.39
N ASP C 492 -18.22 16.19 -28.27
CA ASP C 492 -17.80 14.97 -27.59
C ASP C 492 -16.34 15.04 -27.11
N TYR C 493 -16.10 15.98 -26.20
CA TYR C 493 -14.81 16.09 -25.53
C TYR C 493 -15.04 16.24 -24.03
N SER C 494 -14.09 15.71 -23.25
CA SER C 494 -14.15 15.85 -21.80
C SER C 494 -13.79 17.27 -21.39
N PHE C 495 -14.23 17.64 -20.18
CA PHE C 495 -14.01 18.99 -19.66
C PHE C 495 -13.24 19.03 -18.36
N ILE C 496 -13.23 17.96 -17.57
CA ILE C 496 -12.55 17.97 -16.29
C ILE C 496 -11.04 18.13 -16.43
N ARG C 497 -10.50 17.95 -17.64
CA ARG C 497 -9.08 18.15 -17.86
C ARG C 497 -8.66 19.59 -17.57
N TYR C 498 -9.54 20.56 -17.84
CA TYR C 498 -9.22 21.95 -17.56
C TYR C 498 -9.13 22.22 -16.06
N TYR C 499 -9.94 21.52 -15.26
CA TYR C 499 -9.84 21.66 -13.81
C TYR C 499 -8.55 21.05 -13.28
N THR C 500 -8.22 19.84 -13.74
CA THR C 500 -6.99 19.19 -13.27
C THR C 500 -5.76 19.91 -13.77
N ARG C 501 -5.77 20.39 -15.03
CA ARG C 501 -4.61 21.09 -15.57
C ARG C 501 -4.30 22.34 -14.77
N THR C 502 -5.34 23.09 -14.39
CA THR C 502 -5.13 24.32 -13.62
C THR C 502 -4.49 24.00 -12.27
N LEU C 503 -4.97 22.97 -11.58
CA LEU C 503 -4.36 22.58 -10.31
C LEU C 503 -2.96 22.02 -10.52
N TYR C 504 -2.76 21.22 -11.58
CA TYR C 504 -1.44 20.66 -11.83
C TYR C 504 -0.41 21.76 -12.08
N GLN C 505 -0.77 22.77 -12.87
CA GLN C 505 0.23 23.73 -13.36
C GLN C 505 0.85 24.50 -12.20
N PHE C 506 0.06 24.87 -11.19
CA PHE C 506 0.62 25.64 -10.09
C PHE C 506 1.37 24.77 -9.11
N GLN C 507 1.03 23.47 -9.03
CA GLN C 507 1.91 22.55 -8.32
C GLN C 507 3.27 22.48 -8.98
N PHE C 508 3.30 22.43 -10.31
CA PHE C 508 4.56 22.43 -11.04
C PHE C 508 5.36 23.70 -10.76
N GLN C 509 4.71 24.86 -10.91
CA GLN C 509 5.44 26.12 -10.79
C GLN C 509 5.93 26.35 -9.36
N GLU C 510 5.17 25.91 -8.36
CA GLU C 510 5.64 26.03 -6.99
C GLU C 510 6.90 25.19 -6.77
N ALA C 511 6.93 23.99 -7.32
CA ALA C 511 8.07 23.10 -7.10
C ALA C 511 9.30 23.55 -7.89
N LEU C 512 9.11 23.98 -9.13
CA LEU C 512 10.25 24.41 -9.93
C LEU C 512 10.88 25.68 -9.36
N CYS C 513 10.06 26.63 -8.90
CA CYS C 513 10.58 27.84 -8.29
C CYS C 513 11.33 27.53 -7.00
N GLN C 514 10.81 26.59 -6.21
CA GLN C 514 11.49 26.18 -4.98
C GLN C 514 12.88 25.65 -5.29
N ALA C 515 12.98 24.75 -6.28
CA ALA C 515 14.27 24.25 -6.72
C ALA C 515 15.07 25.30 -7.49
N ALA C 516 14.44 26.38 -7.91
CA ALA C 516 15.13 27.50 -8.55
C ALA C 516 15.67 28.50 -7.55
N LYS C 517 15.53 28.24 -6.26
CA LYS C 517 15.97 29.14 -5.19
C LYS C 517 15.35 30.52 -5.37
N HIS C 518 14.02 30.53 -5.49
CA HIS C 518 13.28 31.76 -5.70
C HIS C 518 12.81 32.34 -4.37
N GLU C 519 12.84 33.66 -4.28
CA GLU C 519 12.40 34.38 -3.09
C GLU C 519 11.36 35.41 -3.47
N GLY C 520 10.29 35.50 -2.69
CA GLY C 520 9.21 36.41 -2.96
C GLY C 520 7.93 35.68 -3.27
N PRO C 521 6.92 36.40 -3.76
CA PRO C 521 5.66 35.74 -4.16
C PRO C 521 5.91 34.77 -5.30
N LEU C 522 5.25 33.61 -5.21
CA LEU C 522 5.25 32.66 -6.33
C LEU C 522 4.68 33.32 -7.59
N HIS C 523 3.83 34.33 -7.40
CA HIS C 523 3.32 35.12 -8.51
C HIS C 523 4.43 35.69 -9.40
N LYS C 524 5.58 36.04 -8.81
CA LYS C 524 6.61 36.79 -9.51
C LYS C 524 7.77 35.92 -9.98
N CYS C 525 7.59 34.60 -10.02
CA CYS C 525 8.72 33.70 -10.19
C CYS C 525 9.10 33.50 -11.65
N ASP C 526 10.40 33.30 -11.87
CA ASP C 526 10.98 32.97 -13.16
C ASP C 526 12.03 31.90 -12.94
N ILE C 527 11.91 30.78 -13.66
CA ILE C 527 12.77 29.63 -13.42
C ILE C 527 14.02 29.70 -14.29
N SER C 528 14.23 30.84 -14.95
CA SER C 528 15.35 30.96 -15.87
C SER C 528 16.68 30.87 -15.13
N ASN C 529 17.71 30.42 -15.86
CA ASN C 529 19.07 30.24 -15.32
C ASN C 529 19.08 29.29 -14.12
N SER C 530 18.19 28.30 -14.13
CA SER C 530 18.10 27.31 -13.05
C SER C 530 18.14 25.91 -13.69
N THR C 531 19.35 25.37 -13.82
CA THR C 531 19.51 24.03 -14.37
C THR C 531 18.88 22.98 -13.46
N GLU C 532 18.84 23.23 -12.15
CA GLU C 532 18.24 22.29 -11.22
C GLU C 532 16.72 22.28 -11.35
N ALA C 533 16.12 23.45 -11.54
CA ALA C 533 14.67 23.51 -11.74
C ALA C 533 14.27 22.79 -13.02
N GLY C 534 15.01 23.01 -14.11
CA GLY C 534 14.70 22.32 -15.35
C GLY C 534 14.89 20.83 -15.27
N GLN C 535 15.95 20.38 -14.59
CA GLN C 535 16.19 18.94 -14.47
C GLN C 535 15.10 18.26 -13.66
N LYS C 536 14.50 18.97 -12.69
CA LYS C 536 13.39 18.39 -11.93
C LYS C 536 12.20 18.13 -12.83
N LEU C 537 11.97 19.01 -13.81
CA LEU C 537 10.86 18.80 -14.74
C LEU C 537 11.16 17.68 -15.72
N PHE C 538 12.38 17.64 -16.25
CA PHE C 538 12.73 16.63 -17.26
C PHE C 538 12.58 15.23 -16.71
N ASN C 539 12.77 15.04 -15.39
CA ASN C 539 12.64 13.72 -14.80
C ASN C 539 11.21 13.20 -14.82
N MET C 540 10.25 14.04 -15.21
CA MET C 540 8.90 13.60 -15.55
C MET C 540 8.63 13.60 -17.04
N LEU C 541 9.16 14.58 -17.76
CA LEU C 541 8.93 14.66 -19.20
C LEU C 541 9.43 13.40 -19.91
N ARG C 542 10.56 12.85 -19.46
CA ARG C 542 11.07 11.63 -20.05
C ARG C 542 10.17 10.43 -19.76
N LEU C 543 9.46 10.44 -18.63
CA LEU C 543 8.62 9.31 -18.27
C LEU C 543 7.49 9.11 -19.26
N GLY C 544 6.84 10.21 -19.67
CA GLY C 544 5.67 10.08 -20.51
C GLY C 544 4.55 9.33 -19.81
N LYS C 545 3.89 8.45 -20.54
CA LYS C 545 2.84 7.61 -19.98
C LYS C 545 3.36 6.26 -19.48
N SER C 546 4.68 6.07 -19.45
CA SER C 546 5.24 4.79 -19.05
C SER C 546 4.89 4.45 -17.60
N GLU C 547 5.01 5.42 -16.70
CA GLU C 547 4.74 5.21 -15.29
C GLU C 547 3.50 6.00 -14.86
N PRO C 548 2.85 5.59 -13.76
CA PRO C 548 1.61 6.26 -13.35
C PRO C 548 1.82 7.73 -13.07
N TRP C 549 0.78 8.53 -13.36
CA TRP C 549 0.88 9.97 -13.27
C TRP C 549 1.20 10.43 -11.84
N THR C 550 0.81 9.64 -10.84
CA THR C 550 1.13 9.98 -9.46
C THR C 550 2.64 10.03 -9.25
N LEU C 551 3.36 9.05 -9.81
CA LEU C 551 4.82 9.07 -9.73
C LEU C 551 5.40 10.22 -10.55
N ALA C 552 4.83 10.49 -11.73
CA ALA C 552 5.30 11.59 -12.56
C ALA C 552 5.11 12.93 -11.85
N LEU C 553 3.97 13.10 -11.17
CA LEU C 553 3.76 14.27 -10.34
C LEU C 553 4.77 14.33 -9.20
N GLU C 554 5.06 13.18 -8.59
CA GLU C 554 6.01 13.14 -7.49
C GLU C 554 7.40 13.55 -7.94
N ASN C 555 7.80 13.16 -9.16
CA ASN C 555 9.12 13.52 -9.65
C ASN C 555 9.28 15.03 -9.82
N VAL C 556 8.17 15.77 -9.92
CA VAL C 556 8.25 17.22 -10.06
C VAL C 556 8.00 17.89 -8.73
N VAL C 557 6.87 17.57 -8.09
CA VAL C 557 6.46 18.31 -6.90
C VAL C 557 6.78 17.53 -5.64
N GLY C 558 6.73 16.20 -5.71
CA GLY C 558 6.90 15.38 -4.54
C GLY C 558 5.62 14.88 -3.89
N ALA C 559 4.49 14.97 -4.57
CA ALA C 559 3.21 14.50 -4.06
C ALA C 559 2.63 13.44 -4.98
N LYS C 560 1.54 12.82 -4.54
CA LYS C 560 0.90 11.75 -5.29
C LYS C 560 -0.56 12.05 -5.62
N ASN C 561 -1.02 13.28 -5.42
CA ASN C 561 -2.40 13.63 -5.73
C ASN C 561 -2.50 15.13 -5.90
N MET C 562 -3.67 15.56 -6.39
CA MET C 562 -3.93 16.98 -6.59
C MET C 562 -3.86 17.74 -5.27
N ASN C 563 -3.16 18.86 -5.28
CA ASN C 563 -3.12 19.77 -4.14
C ASN C 563 -3.61 21.13 -4.59
N VAL C 564 -4.61 21.66 -3.89
CA VAL C 564 -5.16 22.96 -4.26
C VAL C 564 -4.35 24.12 -3.70
N ARG C 565 -3.54 23.86 -2.67
CA ARG C 565 -2.80 24.93 -2.01
C ARG C 565 -1.87 25.73 -2.93
N PRO C 566 -1.09 25.11 -3.82
CA PRO C 566 -0.25 25.93 -4.72
C PRO C 566 -1.05 26.91 -5.57
N LEU C 567 -2.24 26.49 -6.01
CA LEU C 567 -3.12 27.41 -6.73
C LEU C 567 -3.59 28.55 -5.84
N LEU C 568 -4.03 28.21 -4.61
CA LEU C 568 -4.48 29.24 -3.68
C LEU C 568 -3.33 30.14 -3.25
N ASN C 569 -2.15 29.57 -3.02
CA ASN C 569 -0.99 30.37 -2.64
C ASN C 569 -0.61 31.35 -3.74
N TYR C 570 -0.80 30.97 -5.01
CA TYR C 570 -0.55 31.91 -6.10
C TYR C 570 -1.46 33.12 -6.00
N PHE C 571 -2.71 32.93 -5.56
CA PHE C 571 -3.67 34.01 -5.38
C PHE C 571 -3.86 34.41 -3.92
N GLU C 572 -2.97 33.97 -3.02
CA GLU C 572 -3.06 34.40 -1.64
C GLU C 572 -2.92 35.92 -1.47
N PRO C 573 -2.02 36.63 -2.17
CA PRO C 573 -2.03 38.09 -2.08
C PRO C 573 -3.35 38.73 -2.50
N LEU C 574 -4.01 38.18 -3.52
CA LEU C 574 -5.27 38.74 -3.97
C LEU C 574 -6.42 38.39 -3.03
N PHE C 575 -6.31 37.27 -2.32
CA PHE C 575 -7.35 36.90 -1.36
C PHE C 575 -7.46 37.96 -0.27
N THR C 576 -6.32 38.42 0.27
CA THR C 576 -6.35 39.44 1.30
C THR C 576 -6.94 40.75 0.78
N TRP C 577 -6.52 41.17 -0.41
CA TRP C 577 -7.02 42.42 -0.98
C TRP C 577 -8.50 42.30 -1.35
N LEU C 578 -8.91 41.14 -1.85
CA LEU C 578 -10.31 40.93 -2.17
C LEU C 578 -11.18 40.87 -0.92
N LYS C 579 -10.65 40.28 0.16
CA LYS C 579 -11.41 40.21 1.40
C LYS C 579 -11.70 41.61 1.95
N ASP C 580 -10.69 42.48 1.95
CA ASP C 580 -10.89 43.83 2.50
C ASP C 580 -11.80 44.67 1.61
N GLN C 581 -11.69 44.51 0.29
CA GLN C 581 -12.56 45.26 -0.61
C GLN C 581 -14.02 44.85 -0.47
N ASN C 582 -14.29 43.65 0.06
CA ASN C 582 -15.65 43.19 0.31
C ASN C 582 -16.08 43.39 1.76
N LYS C 583 -15.43 44.31 2.48
CA LYS C 583 -15.71 44.47 3.91
C LYS C 583 -17.15 44.90 4.16
N ASN C 584 -17.70 45.73 3.27
CA ASN C 584 -19.07 46.21 3.41
C ASN C 584 -19.95 45.75 2.25
N SER C 585 -19.57 44.68 1.56
CA SER C 585 -20.38 44.08 0.52
C SER C 585 -20.74 42.65 0.91
N PHE C 586 -21.77 42.12 0.28
CA PHE C 586 -22.28 40.80 0.60
C PHE C 586 -21.48 39.74 -0.17
N VAL C 587 -20.86 38.83 0.54
CA VAL C 587 -20.06 37.74 -0.04
C VAL C 587 -20.89 36.47 -0.01
N GLY C 588 -21.29 36.00 -1.18
CA GLY C 588 -22.16 34.85 -1.32
C GLY C 588 -23.27 35.17 -2.29
N TRP C 589 -24.25 34.26 -2.36
CA TRP C 589 -25.36 34.43 -3.29
C TRP C 589 -26.57 33.69 -2.76
N SER C 590 -27.72 33.95 -3.38
CA SER C 590 -28.96 33.24 -3.10
C SER C 590 -29.41 32.55 -4.38
N THR C 591 -29.71 31.26 -4.28
CA THR C 591 -30.15 30.51 -5.44
C THR C 591 -31.57 30.88 -5.89
N ASP C 592 -32.23 31.78 -5.16
CA ASP C 592 -33.63 32.12 -5.41
C ASP C 592 -33.81 33.28 -6.37
N TRP C 593 -32.96 34.30 -6.30
CA TRP C 593 -33.13 35.47 -7.15
C TRP C 593 -32.89 35.12 -8.61
N SER C 594 -33.56 35.84 -9.50
CA SER C 594 -33.39 35.70 -10.93
C SER C 594 -33.83 37.00 -11.58
N PRO C 595 -33.23 37.37 -12.72
CA PRO C 595 -33.65 38.61 -13.39
C PRO C 595 -35.12 38.66 -13.76
N TYR C 596 -35.71 37.53 -14.15
CA TYR C 596 -37.11 37.55 -14.58
C TYR C 596 -38.06 37.60 -13.39
N ALA C 597 -38.00 36.60 -12.50
CA ALA C 597 -38.87 36.54 -11.33
C ALA C 597 -38.39 35.45 -10.38
N VAL D 29 61.44 8.90 -64.99
CA VAL D 29 61.29 8.01 -63.84
C VAL D 29 60.41 8.67 -62.79
N ARG D 30 59.72 7.86 -61.99
CA ARG D 30 58.86 8.36 -60.94
C ARG D 30 58.74 7.28 -59.86
N PHE D 31 58.07 7.63 -58.76
CA PHE D 31 58.02 6.75 -57.61
C PHE D 31 57.28 5.46 -57.95
N PRO D 32 57.79 4.30 -57.53
CA PRO D 32 57.21 3.03 -57.97
C PRO D 32 55.86 2.73 -57.33
N ASN D 33 55.04 1.98 -58.07
CA ASN D 33 53.77 1.45 -57.58
C ASN D 33 53.84 -0.05 -57.34
N ILE D 34 55.04 -0.57 -57.03
CA ILE D 34 55.16 -1.97 -56.65
C ILE D 34 54.36 -2.23 -55.38
N THR D 35 54.13 -1.19 -54.57
CA THR D 35 53.17 -1.19 -53.49
C THR D 35 52.12 -0.13 -53.81
N ASN D 36 51.08 -0.55 -54.53
CA ASN D 36 50.00 0.35 -54.87
C ASN D 36 49.21 0.75 -53.63
N LEU D 37 48.68 1.98 -53.66
CA LEU D 37 47.83 2.45 -52.58
C LEU D 37 46.54 1.65 -52.54
N CYS D 38 46.05 1.37 -51.34
CA CYS D 38 44.85 0.55 -51.21
C CYS D 38 43.63 1.30 -51.75
N PRO D 39 42.70 0.58 -52.36
CA PRO D 39 41.53 1.25 -52.98
C PRO D 39 40.43 1.55 -51.97
N PHE D 40 40.77 2.33 -50.95
CA PHE D 40 39.79 2.70 -49.93
C PHE D 40 38.69 3.58 -50.47
N GLY D 41 38.95 4.30 -51.57
CA GLY D 41 37.90 5.09 -52.18
C GLY D 41 36.76 4.25 -52.73
N GLU D 42 37.05 3.01 -53.11
CA GLU D 42 36.03 2.18 -53.74
C GLU D 42 34.92 1.82 -52.75
N VAL D 43 35.27 1.57 -51.49
CA VAL D 43 34.28 1.19 -50.49
C VAL D 43 33.61 2.42 -49.86
N PHE D 44 34.38 3.45 -49.51
CA PHE D 44 33.78 4.63 -48.90
C PHE D 44 32.96 5.44 -49.89
N ASN D 45 33.54 5.73 -51.06
CA ASN D 45 32.87 6.55 -52.06
C ASN D 45 31.91 5.76 -52.95
N ALA D 46 31.60 4.52 -52.59
CA ALA D 46 30.72 3.69 -53.41
C ALA D 46 29.36 4.37 -53.57
N THR D 47 28.83 4.33 -54.80
CA THR D 47 27.54 4.93 -55.06
C THR D 47 26.43 4.26 -54.25
N THR D 48 26.48 2.94 -54.16
CA THR D 48 25.46 2.16 -53.46
C THR D 48 26.07 1.45 -52.26
N PHE D 49 25.41 1.55 -51.12
CA PHE D 49 25.75 0.80 -49.92
C PHE D 49 24.67 -0.25 -49.67
N ALA D 50 25.06 -1.35 -49.04
CA ALA D 50 24.14 -2.45 -48.85
C ALA D 50 23.30 -2.25 -47.59
N SER D 51 22.23 -3.04 -47.48
CA SER D 51 21.42 -3.06 -46.27
C SER D 51 22.18 -3.74 -45.14
N VAL D 52 21.72 -3.48 -43.90
CA VAL D 52 22.43 -3.99 -42.73
C VAL D 52 22.44 -5.50 -42.73
N TYR D 53 21.29 -6.12 -43.02
CA TYR D 53 21.19 -7.58 -42.98
C TYR D 53 22.06 -8.24 -44.04
N ALA D 54 22.55 -7.48 -45.02
CA ALA D 54 23.33 -8.02 -46.12
C ALA D 54 24.58 -7.17 -46.36
N TRP D 55 25.31 -6.89 -45.29
CA TRP D 55 26.47 -6.00 -45.39
C TRP D 55 27.51 -6.56 -46.35
N ASN D 56 28.24 -5.65 -47.01
CA ASN D 56 29.20 -6.02 -48.04
C ASN D 56 30.61 -5.99 -47.46
N ARG D 57 31.30 -7.12 -47.53
CA ARG D 57 32.67 -7.25 -47.05
C ARG D 57 33.61 -7.28 -48.25
N ARG D 58 34.59 -6.38 -48.25
CA ARG D 58 35.58 -6.29 -49.31
C ARG D 58 36.96 -6.54 -48.70
N ARG D 59 37.67 -7.53 -49.25
CA ARG D 59 39.03 -7.79 -48.81
C ARG D 59 39.97 -6.68 -49.28
N ILE D 60 40.86 -6.27 -48.40
CA ILE D 60 41.92 -5.32 -48.71
C ILE D 60 43.25 -5.98 -48.40
N SER D 61 44.05 -6.19 -49.44
CA SER D 61 45.32 -6.91 -49.29
C SER D 61 46.24 -6.55 -50.44
N ASN D 62 47.53 -6.87 -50.26
CA ASN D 62 48.56 -6.66 -51.27
C ASN D 62 48.62 -5.19 -51.71
N CYS D 63 48.57 -4.29 -50.72
CA CYS D 63 48.64 -2.86 -50.98
C CYS D 63 49.17 -2.16 -49.73
N VAL D 64 49.43 -0.86 -49.87
CA VAL D 64 49.85 -0.02 -48.76
C VAL D 64 48.72 0.97 -48.46
N ALA D 65 48.29 1.00 -47.21
CA ALA D 65 47.12 1.77 -46.80
C ALA D 65 47.57 3.10 -46.22
N ASP D 66 47.06 4.19 -46.79
CA ASP D 66 47.27 5.52 -46.25
C ASP D 66 46.08 5.83 -45.34
N TYR D 67 46.21 5.47 -44.07
CA TYR D 67 45.15 5.77 -43.10
C TYR D 67 45.02 7.26 -42.86
N SER D 68 46.02 8.05 -43.25
CA SER D 68 45.98 9.49 -42.99
C SER D 68 44.91 10.19 -43.80
N VAL D 69 44.63 9.72 -45.01
CA VAL D 69 43.57 10.34 -45.82
C VAL D 69 42.21 10.15 -45.19
N LEU D 70 42.05 9.14 -44.32
CA LEU D 70 40.80 8.98 -43.59
C LEU D 70 40.68 9.96 -42.43
N TYR D 71 41.80 10.34 -41.81
CA TYR D 71 41.75 11.38 -40.79
C TYR D 71 41.27 12.71 -41.36
N ASN D 72 41.77 13.04 -42.56
CA ASN D 72 41.52 14.37 -43.13
C ASN D 72 40.05 14.59 -43.44
N THR D 73 39.31 13.54 -43.81
CA THR D 73 37.91 13.69 -44.15
C THR D 73 37.12 14.18 -42.95
N THR D 74 36.62 15.41 -43.02
CA THR D 74 35.92 16.03 -41.90
C THR D 74 34.46 15.61 -41.81
N SER D 75 33.93 14.94 -42.84
CA SER D 75 32.52 14.57 -42.86
C SER D 75 32.19 13.39 -41.97
N PHE D 76 33.19 12.68 -41.47
CA PHE D 76 32.95 11.50 -40.64
C PHE D 76 32.43 11.92 -39.28
N SER D 77 31.11 11.81 -39.09
CA SER D 77 30.51 12.21 -37.82
C SER D 77 31.00 11.35 -36.67
N THR D 78 31.14 10.04 -36.89
CA THR D 78 31.60 9.10 -35.87
C THR D 78 32.78 8.32 -36.43
N PHE D 79 33.98 8.87 -36.28
CA PHE D 79 35.23 8.17 -36.61
C PHE D 79 35.84 7.73 -35.27
N LYS D 80 35.73 6.44 -34.97
CA LYS D 80 36.20 5.91 -33.69
C LYS D 80 36.88 4.56 -33.94
N CYS D 81 38.17 4.49 -33.63
CA CYS D 81 38.94 3.26 -33.78
C CYS D 81 39.03 2.57 -32.42
N TYR D 82 38.62 1.31 -32.36
CA TYR D 82 38.52 0.57 -31.11
C TYR D 82 39.60 -0.50 -31.06
N GLY D 83 40.40 -0.48 -30.00
CA GLY D 83 41.46 -1.44 -29.80
C GLY D 83 42.82 -1.01 -30.30
N VAL D 84 42.88 -0.03 -31.20
CA VAL D 84 44.13 0.52 -31.72
C VAL D 84 43.99 2.02 -31.85
N SER D 85 45.11 2.69 -32.06
CA SER D 85 45.02 4.13 -32.25
C SER D 85 45.19 4.48 -33.72
N PRO D 86 44.37 5.42 -34.23
CA PRO D 86 44.55 5.84 -35.63
C PRO D 86 45.93 6.43 -35.91
N THR D 87 46.52 7.09 -34.91
CA THR D 87 47.84 7.70 -35.11
C THR D 87 48.90 6.66 -35.43
N LYS D 88 48.87 5.52 -34.73
CA LYS D 88 49.83 4.46 -34.94
C LYS D 88 49.39 3.45 -35.99
N LEU D 89 48.23 3.63 -36.60
CA LEU D 89 47.76 2.68 -37.60
C LEU D 89 48.68 2.65 -38.82
N ASN D 90 49.19 3.82 -39.22
CA ASN D 90 50.09 3.88 -40.37
C ASN D 90 51.40 3.16 -40.10
N ASP D 91 51.84 3.13 -38.86
CA ASP D 91 53.12 2.51 -38.50
C ASP D 91 53.01 1.02 -38.25
N LEU D 92 51.82 0.43 -38.38
CA LEU D 92 51.63 -1.00 -38.20
C LEU D 92 51.09 -1.61 -39.49
N CYS D 93 51.40 -2.89 -39.70
CA CYS D 93 51.01 -3.61 -40.90
C CYS D 93 50.28 -4.89 -40.53
N PHE D 94 49.31 -5.26 -41.36
CA PHE D 94 48.48 -6.45 -41.14
C PHE D 94 48.47 -7.31 -42.40
N THR D 95 48.01 -8.55 -42.22
CA THR D 95 47.95 -9.50 -43.33
C THR D 95 46.65 -9.41 -44.12
N ASN D 96 45.56 -8.98 -43.48
CA ASN D 96 44.28 -8.82 -44.16
C ASN D 96 43.51 -7.69 -43.51
N VAL D 97 42.93 -6.82 -44.33
CA VAL D 97 42.09 -5.72 -43.86
C VAL D 97 40.68 -5.96 -44.39
N TYR D 98 39.70 -6.02 -43.49
CA TYR D 98 38.32 -6.30 -43.85
C TYR D 98 37.51 -5.01 -43.70
N ALA D 99 36.85 -4.61 -44.78
CA ALA D 99 36.00 -3.42 -44.79
C ALA D 99 34.56 -3.85 -45.03
N ASP D 100 33.68 -3.46 -44.12
CA ASP D 100 32.25 -3.79 -44.21
C ASP D 100 31.45 -2.50 -44.32
N SER D 101 30.55 -2.44 -45.30
CA SER D 101 29.75 -1.25 -45.56
C SER D 101 28.27 -1.59 -45.50
N PHE D 102 27.50 -0.69 -44.88
CA PHE D 102 26.05 -0.82 -44.79
C PHE D 102 25.48 0.51 -44.31
N VAL D 103 24.15 0.58 -44.23
CA VAL D 103 23.44 1.82 -43.91
C VAL D 103 22.48 1.56 -42.76
N VAL D 104 22.65 2.27 -41.65
CA VAL D 104 21.76 2.13 -40.50
C VAL D 104 21.11 3.48 -40.17
N ARG D 105 20.27 3.49 -39.14
CA ARG D 105 19.64 4.71 -38.68
C ARG D 105 20.62 5.53 -37.85
N GLY D 106 20.29 6.81 -37.66
CA GLY D 106 21.18 7.72 -36.97
C GLY D 106 21.54 7.28 -35.56
N ASP D 107 20.52 7.04 -34.73
CA ASP D 107 20.78 6.59 -33.36
C ASP D 107 21.18 5.13 -33.30
N GLU D 108 21.08 4.39 -34.41
CA GLU D 108 21.52 3.00 -34.45
C GLU D 108 23.00 2.86 -34.74
N VAL D 109 23.72 3.97 -34.97
CA VAL D 109 25.16 3.90 -35.17
C VAL D 109 25.84 3.42 -33.89
N ARG D 110 25.25 3.73 -32.73
CA ARG D 110 25.83 3.27 -31.46
C ARG D 110 25.87 1.76 -31.37
N GLN D 111 24.93 1.07 -32.04
CA GLN D 111 24.90 -0.39 -31.97
C GLN D 111 26.03 -1.03 -32.78
N ILE D 112 26.64 -0.28 -33.69
CA ILE D 112 27.83 -0.79 -34.41
C ILE D 112 29.02 -0.38 -33.56
N ALA D 113 29.27 -1.19 -32.54
CA ALA D 113 30.28 -0.90 -31.52
C ALA D 113 30.54 -2.17 -30.72
N PRO D 114 31.72 -2.31 -30.12
CA PRO D 114 32.03 -3.53 -29.37
C PRO D 114 31.11 -3.69 -28.17
N GLY D 115 30.54 -4.89 -28.05
CA GLY D 115 29.75 -5.23 -26.88
C GLY D 115 28.55 -4.35 -26.63
N GLN D 116 27.77 -4.06 -27.67
CA GLN D 116 26.54 -3.30 -27.55
C GLN D 116 25.35 -4.19 -27.88
N THR D 117 24.21 -3.88 -27.29
CA THR D 117 23.00 -4.67 -27.45
C THR D 117 21.91 -3.83 -28.09
N GLY D 118 21.22 -4.41 -29.07
CA GLY D 118 20.14 -3.73 -29.76
C GLY D 118 19.64 -4.59 -30.89
N LYS D 119 18.65 -4.05 -31.60
CA LYS D 119 18.09 -4.78 -32.74
C LYS D 119 19.13 -4.99 -33.82
N ILE D 120 19.91 -3.95 -34.16
CA ILE D 120 20.90 -4.09 -35.21
C ILE D 120 22.05 -4.97 -34.76
N ALA D 121 22.55 -4.76 -33.53
CA ALA D 121 23.72 -5.49 -33.08
C ALA D 121 23.43 -6.97 -32.86
N ASP D 122 22.27 -7.29 -32.32
CA ASP D 122 21.95 -8.69 -32.01
C ASP D 122 21.35 -9.45 -33.18
N TYR D 123 20.81 -8.75 -34.19
CA TYR D 123 20.11 -9.40 -35.28
C TYR D 123 20.65 -9.10 -36.68
N ASN D 124 21.46 -8.05 -36.84
CA ASN D 124 21.89 -7.66 -38.17
C ASN D 124 23.41 -7.66 -38.34
N TYR D 125 24.15 -7.06 -37.42
CA TYR D 125 25.61 -6.97 -37.54
C TYR D 125 26.20 -6.85 -36.14
N LYS D 126 27.01 -7.84 -35.75
CA LYS D 126 27.55 -7.90 -34.40
C LYS D 126 29.07 -7.81 -34.46
N LEU D 127 29.66 -6.80 -33.77
CA LEU D 127 31.10 -6.66 -33.62
C LEU D 127 31.58 -7.47 -32.42
N PRO D 128 32.78 -8.04 -32.50
CA PRO D 128 33.31 -8.82 -31.36
C PRO D 128 33.61 -7.94 -30.17
N ASP D 129 33.52 -8.54 -28.98
CA ASP D 129 33.81 -7.81 -27.75
C ASP D 129 35.29 -7.43 -27.66
N ASP D 130 36.16 -8.21 -28.30
CA ASP D 130 37.59 -7.93 -28.35
C ASP D 130 37.98 -7.21 -29.64
N PHE D 131 37.09 -6.35 -30.14
CA PHE D 131 37.27 -5.74 -31.45
C PHE D 131 38.54 -4.89 -31.51
N MET D 132 39.32 -5.11 -32.57
CA MET D 132 40.52 -4.33 -32.87
C MET D 132 40.35 -3.76 -34.28
N GLY D 133 39.95 -2.50 -34.36
CA GLY D 133 39.70 -1.89 -35.67
C GLY D 133 39.11 -0.50 -35.50
N CYS D 134 38.25 -0.13 -36.45
CA CYS D 134 37.66 1.19 -36.49
C CYS D 134 36.20 1.12 -36.91
N VAL D 135 35.45 2.15 -36.53
CA VAL D 135 34.06 2.32 -36.95
C VAL D 135 33.92 3.76 -37.47
N ILE D 136 33.47 3.90 -38.72
CA ILE D 136 33.37 5.19 -39.38
C ILE D 136 31.97 5.33 -39.96
N ALA D 137 31.39 6.52 -39.83
CA ALA D 137 30.05 6.77 -40.38
C ALA D 137 29.91 8.24 -40.72
N TRP D 138 28.93 8.51 -41.59
CA TRP D 138 28.62 9.87 -42.00
C TRP D 138 27.16 9.91 -42.47
N ASN D 139 26.55 11.09 -42.31
CA ASN D 139 25.17 11.27 -42.72
C ASN D 139 25.05 11.18 -44.24
N SER D 140 24.08 10.41 -44.71
CA SER D 140 23.86 10.18 -46.13
C SER D 140 22.46 10.63 -46.56
N ILE D 141 21.91 11.65 -45.90
CA ILE D 141 20.62 12.20 -46.29
C ILE D 141 20.69 12.77 -47.70
N SER D 142 21.88 13.17 -48.14
CA SER D 142 22.06 13.71 -49.48
C SER D 142 21.74 12.67 -50.54
N LEU D 143 22.22 11.44 -50.35
CA LEU D 143 22.11 10.39 -51.36
C LEU D 143 21.01 9.39 -51.07
N ASP D 144 21.01 8.82 -49.87
CA ASP D 144 20.11 7.72 -49.54
C ASP D 144 18.67 8.17 -49.30
N ALA D 145 18.41 9.47 -49.17
CA ALA D 145 17.05 9.95 -48.95
C ALA D 145 16.80 11.20 -49.76
N LYS D 146 17.22 11.19 -51.03
CA LYS D 146 16.95 12.31 -51.92
C LYS D 146 15.45 12.48 -52.12
N VAL D 147 15.03 13.74 -52.28
CA VAL D 147 13.64 14.03 -52.63
C VAL D 147 13.45 13.54 -54.07
N GLY D 148 12.69 12.46 -54.22
CA GLY D 148 12.71 11.69 -55.45
C GLY D 148 13.71 10.55 -55.42
N GLY D 149 13.88 9.90 -54.27
CA GLY D 149 14.96 8.96 -54.09
C GLY D 149 14.76 7.67 -54.86
N ASN D 150 15.87 7.02 -55.18
CA ASN D 150 15.83 5.76 -55.91
C ASN D 150 16.27 4.55 -55.09
N TYR D 151 16.91 4.77 -53.95
CA TYR D 151 17.34 3.69 -53.07
C TYR D 151 16.31 3.45 -51.97
N ASN D 152 16.37 2.25 -51.39
CA ASN D 152 15.66 1.93 -50.16
C ASN D 152 16.43 0.83 -49.44
N TYR D 153 16.41 0.88 -48.11
CA TYR D 153 17.23 0.02 -47.29
C TYR D 153 16.35 -0.73 -46.31
N TYR D 154 16.87 -1.86 -45.82
CA TYR D 154 16.11 -2.78 -44.98
C TYR D 154 16.93 -3.20 -43.77
N TYR D 155 16.25 -3.85 -42.83
CA TYR D 155 16.86 -4.35 -41.61
C TYR D 155 16.05 -5.53 -41.11
N ARG D 156 16.66 -6.34 -40.24
CA ARG D 156 16.04 -7.55 -39.73
C ARG D 156 15.48 -7.29 -38.34
N LEU D 157 14.17 -7.50 -38.17
CA LEU D 157 13.49 -7.20 -36.92
C LEU D 157 13.45 -8.39 -35.97
N PHE D 158 13.28 -9.59 -36.49
CA PHE D 158 13.10 -10.78 -35.67
C PHE D 158 14.11 -11.85 -36.08
N ARG D 159 14.80 -12.41 -35.09
CA ARG D 159 15.62 -13.59 -35.30
C ARG D 159 15.53 -14.45 -34.05
N LYS D 160 15.52 -15.77 -34.24
CA LYS D 160 15.38 -16.69 -33.11
C LYS D 160 16.59 -16.63 -32.20
N SER D 161 17.78 -16.41 -32.74
CA SER D 161 19.01 -16.41 -31.98
C SER D 161 19.78 -15.12 -32.21
N VAL D 162 20.58 -14.74 -31.22
CA VAL D 162 21.46 -13.60 -31.37
C VAL D 162 22.55 -13.91 -32.39
N LEU D 163 23.05 -12.88 -33.05
CA LEU D 163 24.08 -13.05 -34.07
C LEU D 163 25.45 -13.26 -33.44
N LYS D 164 26.09 -14.36 -33.81
CA LYS D 164 27.50 -14.54 -33.48
C LYS D 164 28.33 -13.48 -34.21
N PRO D 165 29.48 -13.11 -33.67
CA PRO D 165 30.25 -12.01 -34.26
C PRO D 165 30.60 -12.28 -35.72
N PHE D 166 30.53 -11.22 -36.54
CA PHE D 166 30.86 -11.29 -37.97
C PHE D 166 30.05 -12.36 -38.67
N GLU D 167 28.74 -12.35 -38.44
CA GLU D 167 27.82 -13.29 -39.07
C GLU D 167 26.84 -12.52 -39.95
N ARG D 168 26.33 -13.20 -40.98
CA ARG D 168 25.34 -12.62 -41.88
C ARG D 168 24.19 -13.60 -42.08
N ASP D 169 22.98 -13.08 -42.11
CA ASP D 169 21.79 -13.88 -42.40
C ASP D 169 21.03 -13.20 -43.53
N ILE D 170 20.91 -13.89 -44.66
CA ILE D 170 20.13 -13.40 -45.78
C ILE D 170 18.79 -14.14 -45.89
N SER D 171 18.32 -14.71 -44.77
CA SER D 171 17.12 -15.53 -44.78
C SER D 171 15.87 -14.71 -45.08
N THR D 172 14.96 -15.31 -45.84
CA THR D 172 13.65 -14.72 -46.12
C THR D 172 12.52 -15.52 -45.48
N GLN D 173 12.82 -16.22 -44.39
CA GLN D 173 11.90 -17.17 -43.76
C GLN D 173 11.16 -16.51 -42.60
N LEU D 174 9.88 -16.82 -42.49
CA LEU D 174 9.01 -16.18 -41.50
C LEU D 174 9.47 -16.47 -40.07
N TYR D 175 8.97 -15.67 -39.14
CA TYR D 175 9.28 -15.80 -37.72
C TYR D 175 8.05 -16.34 -37.00
N GLN D 176 8.20 -17.49 -36.35
CA GLN D 176 7.09 -18.13 -35.66
C GLN D 176 7.12 -17.70 -34.19
N ALA D 177 6.43 -16.61 -33.89
CA ALA D 177 6.32 -16.15 -32.51
C ALA D 177 5.37 -17.02 -31.70
N GLY D 178 4.30 -17.50 -32.32
CA GLY D 178 3.34 -18.36 -31.67
C GLY D 178 3.71 -19.83 -31.78
N ASP D 179 2.76 -20.68 -31.37
CA ASP D 179 2.94 -22.12 -31.41
C ASP D 179 2.20 -22.77 -32.57
N LYS D 180 1.68 -21.97 -33.52
CA LYS D 180 0.98 -22.41 -34.71
C LYS D 180 1.93 -22.42 -35.90
N PRO D 181 1.84 -23.42 -36.78
CA PRO D 181 2.71 -23.45 -37.96
C PRO D 181 2.51 -22.22 -38.83
N CYS D 182 3.61 -21.73 -39.40
CA CYS D 182 3.62 -20.51 -40.20
C CYS D 182 3.82 -20.85 -41.67
N SER D 183 2.81 -20.54 -42.48
CA SER D 183 2.91 -20.63 -43.93
C SER D 183 2.57 -19.34 -44.64
N VAL D 184 1.99 -18.36 -43.95
CA VAL D 184 1.64 -17.08 -44.52
C VAL D 184 1.77 -16.04 -43.42
N GLU D 185 1.99 -14.78 -43.81
CA GLU D 185 2.07 -13.70 -42.84
C GLU D 185 0.75 -13.60 -42.10
N GLY D 186 0.74 -13.98 -40.82
CA GLY D 186 -0.48 -14.10 -40.07
C GLY D 186 -0.41 -13.45 -38.71
N PRO D 187 -1.40 -13.76 -37.85
CA PRO D 187 -1.45 -13.10 -36.54
C PRO D 187 -0.20 -13.27 -35.70
N ASP D 188 0.42 -14.45 -35.72
CA ASP D 188 1.65 -14.68 -34.97
C ASP D 188 2.78 -15.14 -35.88
N CYS D 189 2.69 -14.87 -37.18
CA CYS D 189 3.72 -15.19 -38.16
C CYS D 189 4.16 -13.91 -38.83
N TYR D 190 5.38 -13.47 -38.55
CA TYR D 190 5.86 -12.17 -39.00
C TYR D 190 7.00 -12.35 -39.99
N TYR D 191 7.00 -11.53 -41.03
CA TYR D 191 8.12 -11.52 -41.97
C TYR D 191 9.35 -10.93 -41.29
N PRO D 192 10.51 -11.56 -41.44
CA PRO D 192 11.69 -11.15 -40.66
C PRO D 192 12.20 -9.75 -40.98
N LEU D 193 12.38 -9.46 -42.26
CA LEU D 193 12.98 -8.19 -42.68
C LEU D 193 11.92 -7.11 -42.80
N GLN D 194 12.22 -5.94 -42.27
CA GLN D 194 11.36 -4.77 -42.42
C GLN D 194 12.17 -3.65 -43.07
N SER D 195 11.47 -2.58 -43.44
CA SER D 195 12.01 -1.54 -44.30
C SER D 195 12.39 -0.29 -43.51
N TYR D 196 13.53 0.30 -43.87
CA TYR D 196 13.86 1.65 -43.44
C TYR D 196 13.21 2.66 -44.38
N TYR D 197 12.47 3.61 -43.82
CA TYR D 197 11.84 4.68 -44.59
C TYR D 197 12.55 5.97 -44.26
N PHE D 198 13.42 6.41 -45.15
CA PHE D 198 14.25 7.58 -44.95
C PHE D 198 13.66 8.76 -45.69
N GLN D 199 13.41 9.85 -44.98
CA GLN D 199 12.93 11.10 -45.57
C GLN D 199 13.71 12.26 -44.99
N SER D 200 13.75 13.36 -45.73
CA SER D 200 14.53 14.52 -45.30
C SER D 200 13.94 15.17 -44.06
N THR D 201 12.62 15.08 -43.87
CA THR D 201 11.98 15.68 -42.71
C THR D 201 12.26 14.94 -41.42
N ASN D 202 12.81 13.72 -41.49
CA ASN D 202 13.12 12.96 -40.30
C ASN D 202 14.19 13.65 -39.47
N GLY D 203 14.16 13.39 -38.16
CA GLY D 203 15.19 13.88 -37.27
C GLY D 203 16.50 13.17 -37.50
N VAL D 204 17.53 13.64 -36.80
CA VAL D 204 18.87 13.07 -36.95
C VAL D 204 18.86 11.59 -36.58
N GLY D 205 18.12 11.23 -35.54
CA GLY D 205 18.06 9.83 -35.13
C GLY D 205 17.51 8.92 -36.22
N TYR D 206 16.50 9.39 -36.95
CA TYR D 206 15.86 8.62 -38.01
C TYR D 206 16.38 8.99 -39.40
N GLN D 207 17.58 9.53 -39.49
CA GLN D 207 18.17 9.87 -40.77
C GLN D 207 19.20 8.81 -41.17
N PRO D 208 19.33 8.53 -42.47
CA PRO D 208 20.22 7.46 -42.90
C PRO D 208 21.70 7.82 -42.75
N TYR D 209 22.47 6.88 -42.21
CA TYR D 209 23.90 7.02 -42.07
C TYR D 209 24.58 5.80 -42.69
N ARG D 210 25.67 6.03 -43.42
CA ARG D 210 26.45 4.96 -44.02
C ARG D 210 27.62 4.62 -43.10
N VAL D 211 27.77 3.34 -42.80
CA VAL D 211 28.74 2.86 -41.82
C VAL D 211 29.78 2.01 -42.52
N VAL D 212 31.05 2.27 -42.25
CA VAL D 212 32.17 1.47 -42.73
C VAL D 212 32.98 1.01 -41.52
N VAL D 213 33.21 -0.30 -41.41
CA VAL D 213 33.94 -0.89 -40.30
C VAL D 213 35.20 -1.53 -40.85
N LEU D 214 36.36 -1.07 -40.37
CA LEU D 214 37.65 -1.58 -40.80
C LEU D 214 38.18 -2.51 -39.73
N SER D 215 38.25 -3.80 -40.05
CA SER D 215 38.81 -4.81 -39.15
C SER D 215 40.16 -5.26 -39.68
N PHE D 216 41.01 -5.72 -38.77
CA PHE D 216 42.36 -6.15 -39.10
C PHE D 216 42.57 -7.59 -38.64
N GLU D 217 43.08 -8.43 -39.54
CA GLU D 217 43.34 -9.83 -39.25
C GLU D 217 44.83 -10.10 -39.43
N LEU D 218 45.47 -10.61 -38.38
CA LEU D 218 46.89 -10.95 -38.42
C LEU D 218 47.06 -12.46 -38.53
N LEU D 219 47.81 -12.89 -39.54
CA LEU D 219 48.05 -14.31 -39.80
C LEU D 219 49.54 -14.53 -39.97
N ASN D 220 49.93 -15.81 -39.97
CA ASN D 220 51.31 -16.20 -40.22
C ASN D 220 51.59 -16.12 -41.73
N ALA D 221 51.63 -14.87 -42.20
CA ALA D 221 51.75 -14.56 -43.62
C ALA D 221 52.35 -13.17 -43.75
N PRO D 222 52.90 -12.83 -44.91
CA PRO D 222 53.51 -11.50 -45.07
C PRO D 222 52.50 -10.38 -44.87
N ALA D 223 53.04 -9.19 -44.58
CA ALA D 223 52.21 -8.01 -44.37
C ALA D 223 51.64 -7.52 -45.70
N THR D 224 50.51 -8.10 -46.11
CA THR D 224 49.90 -7.71 -47.39
C THR D 224 49.48 -6.24 -47.37
N VAL D 225 48.93 -5.77 -46.25
CA VAL D 225 48.60 -4.37 -46.05
C VAL D 225 49.65 -3.77 -45.12
N CYS D 226 50.27 -2.68 -45.56
CA CYS D 226 51.34 -2.05 -44.80
C CYS D 226 51.14 -0.54 -44.80
N GLY D 227 51.95 0.13 -43.98
CA GLY D 227 51.98 1.58 -43.96
C GLY D 227 52.92 2.13 -45.01
N PRO D 228 52.80 3.42 -45.30
CA PRO D 228 53.67 4.02 -46.34
C PRO D 228 55.15 3.93 -46.04
N LYS D 229 55.53 3.98 -44.75
CA LYS D 229 56.96 3.94 -44.40
C LYS D 229 57.60 2.62 -44.82
N LYS D 230 56.93 1.50 -44.56
CA LYS D 230 57.46 0.18 -44.92
C LYS D 230 57.01 -0.16 -46.34
N SER D 231 57.67 0.49 -47.30
CA SER D 231 57.28 0.34 -48.70
C SER D 231 57.64 -1.04 -49.24
N THR D 232 58.86 -1.51 -48.97
CA THR D 232 59.32 -2.80 -49.49
C THR D 232 59.41 -3.85 -48.39
N HIS D 233 58.50 -3.82 -47.43
CA HIS D 233 58.48 -4.79 -46.34
C HIS D 233 57.80 -6.06 -46.85
N LEU D 234 58.61 -7.07 -47.18
CA LEU D 234 58.18 -8.37 -47.70
C LEU D 234 57.54 -8.26 -49.08
N VAL D 235 57.57 -7.09 -49.71
CA VAL D 235 57.00 -6.93 -51.04
C VAL D 235 57.92 -7.52 -52.10
N VAL D 236 59.23 -7.30 -51.95
CA VAL D 236 60.24 -7.93 -52.80
C VAL D 236 61.01 -8.90 -51.92
N ASN D 237 61.01 -10.17 -52.31
CA ASN D 237 61.66 -11.22 -51.52
C ASN D 237 62.86 -11.80 -52.25
C1 NAG E . -4.90 -15.53 -1.62
C2 NAG E . -5.19 -17.00 -1.95
C3 NAG E . -4.45 -17.42 -3.21
C4 NAG E . -4.80 -16.48 -4.36
C5 NAG E . -4.48 -15.04 -3.96
C6 NAG E . -4.87 -14.03 -5.00
C7 NAG E . -5.70 -18.58 -0.13
C8 NAG E . -5.13 -19.42 0.97
N2 NAG E . -4.82 -17.86 -0.84
O3 NAG E . -4.82 -18.75 -3.56
O4 NAG E . -4.06 -16.82 -5.52
O5 NAG E . -5.21 -14.71 -2.77
O6 NAG E . -4.85 -12.70 -4.48
O7 NAG E . -6.90 -18.54 -0.37
C1 NAG F . 10.62 -30.79 10.97
C2 NAG F . 11.09 -32.09 11.65
C3 NAG F . 11.80 -31.79 12.97
C4 NAG F . 12.91 -30.77 12.76
C5 NAG F . 12.35 -29.52 12.10
C6 NAG F . 13.41 -28.49 11.79
C7 NAG F . 10.11 -34.28 12.19
C8 NAG F . 8.84 -35.06 12.38
N2 NAG F . 9.96 -32.99 11.86
O3 NAG F . 12.33 -32.98 13.52
O4 NAG F . 13.51 -30.42 14.01
O5 NAG F . 11.74 -29.88 10.85
O6 NAG F . 14.13 -28.11 12.95
O7 NAG F . 11.21 -34.80 12.32
C1 NAG G . 1.18 -28.60 50.50
C2 NAG G . -0.07 -28.42 51.36
C3 NAG G . 0.15 -27.36 52.42
C4 NAG G . 1.40 -27.67 53.24
C5 NAG G . 2.59 -27.86 52.31
C6 NAG G . 3.84 -28.29 53.04
C7 NAG G . -2.44 -28.65 50.71
C8 NAG G . -3.50 -28.19 49.76
N2 NAG G . -1.22 -28.10 50.53
O3 NAG G . -0.98 -27.30 53.28
O4 NAG G . 1.66 -26.61 54.15
O5 NAG G . 2.31 -28.88 51.34
O6 NAG G . 3.55 -29.27 54.02
O7 NAG G . -2.66 -29.46 51.59
C1 NAG H . -1.24 7.67 29.75
C2 NAG H . -0.02 7.84 30.65
C3 NAG H . 0.63 9.21 30.46
C4 NAG H . 0.94 9.45 28.99
C5 NAG H . -0.35 9.31 28.18
C6 NAG H . -0.12 9.46 26.70
C7 NAG H . 0.17 6.71 32.83
C8 NAG H . -0.32 6.67 34.25
N2 NAG H . -0.38 7.65 32.05
O3 NAG H . 1.83 9.28 31.22
O4 NAG H . 1.48 10.76 28.81
O5 NAG H . -0.88 7.99 28.38
O6 NAG H . -0.58 8.30 25.99
O7 NAG H . 1.03 5.94 32.42
C1 NAG I . 9.46 -18.46 43.62
C2 NAG I . 10.69 -19.26 44.03
C3 NAG I . 10.88 -19.25 45.54
C4 NAG I . 10.90 -17.82 46.06
C5 NAG I . 9.65 -17.08 45.60
C6 NAG I . 9.66 -15.61 45.99
C7 NAG I . 11.28 -21.06 42.45
C8 NAG I . 11.08 -22.50 42.10
N2 NAG I . 10.61 -20.63 43.54
O3 NAG I . 12.08 -19.91 45.89
O4 NAG I . 10.98 -17.81 47.48
O5 NAG I . 9.54 -17.12 44.18
O6 NAG I . 10.51 -14.84 45.15
O7 NAG I . 12.00 -20.32 41.79
ZN ZN J . -9.80 -16.87 30.03
C1 NAG K . 35.05 -2.93 37.65
C2 NAG K . 36.08 -3.77 38.41
C3 NAG K . 35.67 -3.91 39.88
C4 NAG K . 35.44 -2.54 40.50
C5 NAG K . 34.42 -1.77 39.67
C6 NAG K . 34.20 -0.35 40.17
C7 NAG K . 37.29 -5.43 37.07
C8 NAG K . 37.29 -6.83 36.52
N2 NAG K . 36.24 -5.09 37.80
O3 NAG K . 36.69 -4.61 40.60
O4 NAG K . 34.96 -2.68 41.84
O5 NAG K . 34.87 -1.66 38.31
O6 NAG K . 35.34 0.46 39.94
O7 NAG K . 38.23 -4.65 36.86
C1 NAG L . 0.70 24.24 -52.17
C2 NAG L . 2.12 24.06 -52.72
C3 NAG L . 2.10 23.70 -54.21
C4 NAG L . 1.18 22.52 -54.47
C5 NAG L . -0.20 22.83 -53.92
C6 NAG L . -1.17 21.68 -54.06
C7 NAG L . 3.52 25.56 -51.35
C8 NAG L . 4.29 26.85 -51.32
N2 NAG L . 2.91 25.27 -52.51
O3 NAG L . 3.41 23.40 -54.64
O4 NAG L . 1.09 22.26 -55.86
O5 NAG L . -0.10 23.10 -52.51
O6 NAG L . -1.93 21.49 -52.88
O7 NAG L . 3.45 24.81 -50.38
C1 NAG M . 9.52 -4.96 -19.75
C2 NAG M . 10.69 -4.99 -18.74
C3 NAG M . 11.79 -4.04 -19.19
C4 NAG M . 12.23 -4.36 -20.62
C5 NAG M . 11.03 -4.32 -21.55
C6 NAG M . 11.35 -4.73 -22.96
C7 NAG M . 9.78 -5.54 -16.54
C8 NAG M . 9.35 -5.01 -15.20
N2 NAG M . 10.22 -4.64 -17.41
O3 NAG M . 12.90 -4.15 -18.31
O4 NAG M . 13.20 -3.42 -21.06
O5 NAG M . 10.02 -5.24 -21.07
O6 NAG M . 11.17 -6.13 -23.15
O7 NAG M . 9.73 -6.75 -16.80
C1 NAG N . 22.13 23.39 -29.97
C2 NAG N . 22.77 24.14 -31.14
C3 NAG N . 23.96 23.35 -31.68
C4 NAG N . 24.94 23.05 -30.55
C5 NAG N . 24.22 22.36 -29.38
C6 NAG N . 25.12 22.17 -28.18
C7 NAG N . 21.64 25.59 -32.78
C8 NAG N . 20.60 25.67 -33.85
N2 NAG N . 21.80 24.40 -32.20
O3 NAG N . 24.61 24.10 -32.70
O4 NAG N . 25.99 22.20 -31.02
O5 NAG N . 23.11 23.16 -28.95
O6 NAG N . 25.54 23.40 -27.63
O7 NAG N . 22.30 26.57 -32.43
C1 NAG O . 21.00 34.46 -16.99
C2 NAG O . 20.11 35.70 -16.91
C3 NAG O . 20.37 36.61 -18.11
C4 NAG O . 21.85 36.92 -18.24
C5 NAG O . 22.68 35.64 -18.25
C6 NAG O . 24.16 35.90 -18.23
C7 NAG O . 17.79 36.16 -16.29
C8 NAG O . 16.38 35.64 -16.29
N2 NAG O . 18.71 35.35 -16.82
O3 NAG O . 19.63 37.81 -17.97
O4 NAG O . 22.08 37.63 -19.45
O5 NAG O . 22.38 34.85 -17.08
O6 NAG O . 24.50 37.00 -17.40
O7 NAG O . 18.08 37.26 -15.81
ZN ZN P . -0.85 24.18 -25.35
C1 NAG Q . 36.19 10.25 -52.42
C2 NAG Q . 37.46 9.96 -51.61
C3 NAG Q . 38.24 11.25 -51.32
C4 NAG Q . 38.49 12.03 -52.61
C5 NAG Q . 37.17 12.28 -53.32
C6 NAG Q . 37.33 12.99 -54.65
C7 NAG Q . 37.99 8.51 -49.69
C8 NAG Q . 37.48 7.90 -48.43
N2 NAG Q . 37.12 9.27 -50.36
O3 NAG Q . 39.47 10.93 -50.70
O4 NAG Q . 39.12 13.27 -52.31
O5 NAG Q . 36.54 11.01 -53.60
O6 NAG Q . 37.65 12.09 -55.70
O7 NAG Q . 39.14 8.32 -50.09
#